data_7MII
#
_entry.id   7MII
#
_cell.length_a   1.00
_cell.length_b   1.00
_cell.length_c   1.00
_cell.angle_alpha   90.00
_cell.angle_beta   90.00
_cell.angle_gamma   90.00
#
_symmetry.space_group_name_H-M   'P 1'
#
loop_
_entity.id
_entity.type
_entity.pdbx_description
1 polymer 'CTP synthase 2'
2 non-polymer 2-{2-[(cyclopropanesulfonyl)amino]-1,3-thiazol-4-yl}-2-methyl-N-{5-[6-(trifluoromethyl)pyrazin-2-yl]pyridin-2-yl}propanamide
3 non-polymer "URIDINE 5'-TRIPHOSPHATE"
4 non-polymer GLUTAMINE
5 non-polymer 'MAGNESIUM ION'
#
_entity_poly.entity_id   1
_entity_poly.type   'polypeptide(L)'
_entity_poly.pdbx_seq_one_letter_code
;MKYILVTGGVISGIGKGIIASSIGTILKSCGLRVTAIKIDPYINIDAGTFSPYEHGEVFVLNDGGEVDLDLGNYERFLDI
NLYKDNNITTGKIYQHVINKERRGDYLGKTVQVVPHITDAVQEWVMNQAKVPVDGNKEEPQICVIELGGTIGDIEGMPFV
EAFRQFQFKAKRENFCNIHVSLVPQLSATGEQKTKPTQNSVRALRGLGLSPDLIVCRSSTPIEMAVKEKISMFCHVNPEQ
VICIHDVSSTYRVPVLLEEQSIVKYFKERLHLPIGDSASNLLFKWRNMADRYERLQKICSIALVGKYTKLRDCYASVFKA
LEHSALAINHKLNLMYIDSIDLEKITETEDPVKFHEAWQKLCKADGILVPGGFGIRGTLGKLQAISWARTKKIPFLGVCL
GMQLAVIEFARNCLNLKDADSTEFRPNAPVPLVIDMPEHNPGNLGGTMRLGIRRTVFKTENSILRKLYGDVPFIEERHRH
RFEVNPNLIKQFEQNDLSFVGQDVDGDRMEIIELANHPYFVGVQFHPEFSSRPMKPSPPYLGLLLAATGNLNAYLQQGCK
LSSSDRYSDASDDSFSEPRIAELEIS
;
_entity_poly.pdbx_strand_id   A,B,C,E
#
# COMPACT_ATOMS: atom_id res chain seq x y z
N MET A 1 21.83 -20.73 13.18
CA MET A 1 22.97 -19.88 12.68
C MET A 1 22.58 -18.41 12.97
N LYS A 2 23.55 -17.49 12.76
CA LYS A 2 23.30 -16.05 12.74
C LYS A 2 23.08 -15.65 11.27
N TYR A 3 22.11 -14.79 11.00
CA TYR A 3 21.72 -14.39 9.66
C TYR A 3 21.74 -12.87 9.55
N ILE A 4 22.28 -12.35 8.45
CA ILE A 4 22.24 -10.93 8.13
C ILE A 4 21.59 -10.82 6.76
N LEU A 5 20.38 -10.28 6.71
CA LEU A 5 19.74 -9.91 5.46
C LEU A 5 20.24 -8.52 5.04
N VAL A 6 20.54 -8.34 3.76
CA VAL A 6 20.88 -7.06 3.17
C VAL A 6 19.85 -6.78 2.08
N THR A 7 18.97 -5.81 2.35
CA THR A 7 17.95 -5.32 1.43
C THR A 7 18.42 -4.02 0.77
N GLY A 8 17.84 -3.72 -0.39
CA GLY A 8 18.16 -2.56 -1.20
C GLY A 8 16.94 -1.68 -1.33
N GLY A 9 17.18 -0.37 -1.34
CA GLY A 9 16.17 0.64 -1.53
C GLY A 9 16.55 1.56 -2.68
N VAL A 10 15.53 2.13 -3.31
CA VAL A 10 15.54 3.16 -4.35
C VAL A 10 16.00 2.64 -5.72
N ILE A 11 17.22 2.11 -5.80
CA ILE A 11 17.87 1.67 -7.03
C ILE A 11 18.91 0.58 -6.71
N SER A 12 19.07 -0.42 -7.58
CA SER A 12 19.92 -1.58 -7.33
C SER A 12 21.44 -1.31 -7.42
N GLY A 13 21.86 -0.29 -8.16
CA GLY A 13 23.27 -0.01 -8.44
C GLY A 13 24.05 0.70 -7.34
N ILE A 14 23.45 0.82 -6.15
CA ILE A 14 24.03 1.38 -4.94
C ILE A 14 25.20 0.57 -4.38
N GLY A 15 25.48 -0.61 -4.92
CA GLY A 15 26.61 -1.44 -4.49
C GLY A 15 26.33 -2.38 -3.34
N LYS A 16 25.07 -2.78 -3.10
CA LYS A 16 24.68 -3.65 -1.98
C LYS A 16 25.56 -4.88 -1.87
N GLY A 17 25.96 -5.48 -2.99
CA GLY A 17 26.81 -6.65 -3.01
C GLY A 17 28.21 -6.38 -2.49
N ILE A 18 28.77 -5.20 -2.74
CA ILE A 18 30.06 -4.79 -2.19
C ILE A 18 29.92 -4.53 -0.69
N ILE A 19 28.84 -3.94 -0.21
CA ILE A 19 28.54 -3.70 1.20
C ILE A 19 28.40 -5.02 1.95
N ALA A 20 27.58 -5.92 1.44
CA ALA A 20 27.35 -7.25 1.96
C ALA A 20 28.63 -8.08 2.01
N SER A 21 29.40 -8.06 0.92
CA SER A 21 30.72 -8.69 0.86
C SER A 21 31.71 -8.03 1.81
N SER A 22 31.63 -6.71 2.00
CA SER A 22 32.47 -5.97 2.93
C SER A 22 32.21 -6.34 4.38
N ILE A 23 30.95 -6.40 4.82
CA ILE A 23 30.58 -6.88 6.16
C ILE A 23 30.95 -8.33 6.36
N GLY A 24 30.89 -9.17 5.32
CA GLY A 24 31.38 -10.54 5.38
C GLY A 24 32.87 -10.62 5.66
N THR A 25 33.71 -9.80 5.01
CA THR A 25 35.16 -9.80 5.31
C THR A 25 35.52 -9.15 6.64
N ILE A 26 34.69 -8.24 7.15
CA ILE A 26 34.76 -7.67 8.49
C ILE A 26 34.56 -8.76 9.56
N LEU A 27 33.47 -9.52 9.42
CA LEU A 27 33.15 -10.65 10.28
C LEU A 27 34.19 -11.77 10.19
N LYS A 28 34.71 -12.05 9.00
CA LYS A 28 35.84 -12.97 8.79
C LYS A 28 37.14 -12.48 9.45
N SER A 29 37.43 -11.18 9.44
CA SER A 29 38.55 -10.57 10.16
C SER A 29 38.38 -10.63 11.68
N CYS A 30 37.12 -10.69 12.13
CA CYS A 30 36.73 -10.95 13.52
C CYS A 30 36.78 -12.45 13.87
N GLY A 31 37.16 -13.32 12.93
CA GLY A 31 37.45 -14.74 13.16
C GLY A 31 36.27 -15.66 12.79
N LEU A 32 35.17 -15.13 12.24
CA LEU A 32 33.95 -15.91 12.02
C LEU A 32 33.96 -16.61 10.66
N ARG A 33 33.41 -17.83 10.62
CA ARG A 33 33.09 -18.56 9.41
C ARG A 33 31.80 -17.99 8.81
N VAL A 34 31.92 -17.31 7.68
CA VAL A 34 30.83 -16.61 6.98
C VAL A 34 30.45 -17.34 5.69
N THR A 35 29.17 -17.61 5.51
CA THR A 35 28.51 -18.02 4.26
C THR A 35 27.87 -16.81 3.59
N ALA A 36 27.57 -16.92 2.31
CA ALA A 36 26.76 -15.94 1.60
C ALA A 36 25.71 -16.65 0.77
N ILE A 37 24.52 -16.09 0.70
CA ILE A 37 23.48 -16.47 -0.24
C ILE A 37 23.07 -15.21 -0.99
N LYS A 38 22.88 -15.29 -2.28
CA LYS A 38 22.30 -14.20 -3.05
C LYS A 38 20.94 -14.59 -3.58
N ILE A 39 19.94 -13.82 -3.23
CA ILE A 39 18.62 -13.93 -3.80
C ILE A 39 18.60 -12.99 -5.02
N ASP A 40 18.25 -13.54 -6.17
CA ASP A 40 17.97 -12.81 -7.40
C ASP A 40 16.52 -13.08 -7.79
N PRO A 41 15.58 -12.16 -7.49
CA PRO A 41 14.15 -12.33 -7.82
C PRO A 41 13.76 -12.55 -9.29
N TYR A 42 14.71 -12.60 -10.23
CA TYR A 42 14.44 -13.04 -11.60
C TYR A 42 13.96 -14.50 -11.68
N ILE A 43 13.18 -14.79 -12.72
CA ILE A 43 12.55 -16.09 -12.95
C ILE A 43 13.48 -17.06 -13.73
N ASN A 44 14.61 -16.53 -14.19
CA ASN A 44 15.70 -17.25 -14.83
C ASN A 44 16.32 -18.25 -13.85
N ILE A 45 16.61 -19.45 -14.34
CA ILE A 45 17.35 -20.48 -13.64
C ILE A 45 18.72 -20.54 -14.31
N ASP A 46 19.72 -20.11 -13.55
CA ASP A 46 21.09 -19.83 -13.97
C ASP A 46 21.25 -18.66 -14.96
N ALA A 47 22.43 -18.04 -14.94
CA ALA A 47 22.82 -16.90 -15.75
C ALA A 47 23.28 -17.32 -17.15
N GLY A 48 23.42 -18.61 -17.43
CA GLY A 48 23.64 -19.12 -18.79
C GLY A 48 22.56 -18.70 -19.80
N THR A 49 21.38 -18.31 -19.31
CA THR A 49 20.26 -17.79 -20.07
C THR A 49 20.48 -16.32 -20.53
N PHE A 50 21.44 -15.59 -19.93
CA PHE A 50 21.69 -14.17 -20.15
C PHE A 50 22.71 -13.86 -21.23
N SER A 51 22.56 -12.69 -21.85
CA SER A 51 23.64 -12.04 -22.58
C SER A 51 24.61 -11.39 -21.57
N PRO A 52 25.88 -11.15 -21.99
CA PRO A 52 26.84 -10.44 -21.14
C PRO A 52 26.49 -8.97 -20.86
N TYR A 53 25.58 -8.39 -21.67
CA TYR A 53 25.11 -7.02 -21.55
C TYR A 53 24.00 -6.86 -20.49
N GLU A 54 23.29 -7.96 -20.19
CA GLU A 54 22.13 -7.96 -19.31
C GLU A 54 22.51 -7.82 -17.84
N HIS A 55 23.22 -8.82 -17.30
CA HIS A 55 23.53 -8.93 -15.87
C HIS A 55 25.05 -8.95 -15.63
N GLY A 56 25.80 -8.48 -16.63
CA GLY A 56 27.26 -8.56 -16.66
C GLY A 56 27.67 -9.96 -17.11
N GLU A 57 28.91 -10.31 -16.83
CA GLU A 57 29.46 -11.64 -17.09
C GLU A 57 28.70 -12.76 -16.37
N VAL A 58 28.81 -13.97 -16.93
CA VAL A 58 28.46 -15.21 -16.27
C VAL A 58 29.68 -15.69 -15.51
N PHE A 59 29.65 -15.53 -14.20
CA PHE A 59 30.59 -16.12 -13.28
C PHE A 59 30.33 -17.64 -13.23
N VAL A 60 31.39 -18.44 -13.19
CA VAL A 60 31.29 -19.89 -13.16
C VAL A 60 31.80 -20.39 -11.83
N LEU A 61 31.03 -21.25 -11.18
CA LEU A 61 31.33 -21.87 -9.89
C LEU A 61 32.06 -23.21 -10.03
N ASN A 62 32.68 -23.73 -8.98
CA ASN A 62 33.37 -25.02 -9.05
C ASN A 62 32.47 -26.17 -9.50
N ASP A 63 31.22 -26.23 -9.04
CA ASP A 63 30.25 -27.26 -9.43
C ASP A 63 29.64 -27.07 -10.83
N GLY A 64 30.06 -26.07 -11.60
CA GLY A 64 29.52 -25.77 -12.92
C GLY A 64 28.28 -24.89 -12.94
N GLY A 65 27.90 -24.28 -11.82
CA GLY A 65 26.85 -23.27 -11.80
C GLY A 65 27.23 -22.03 -12.60
N GLU A 66 26.30 -21.50 -13.38
CA GLU A 66 26.45 -20.23 -14.10
C GLU A 66 25.63 -19.16 -13.38
N VAL A 67 26.27 -18.13 -12.84
CA VAL A 67 25.66 -17.11 -11.95
C VAL A 67 26.14 -15.71 -12.32
N ASP A 68 25.41 -14.66 -11.95
CA ASP A 68 25.86 -13.28 -12.13
C ASP A 68 27.07 -12.95 -11.23
N LEU A 69 27.79 -11.90 -11.66
CA LEU A 69 29.08 -11.51 -11.14
C LEU A 69 29.12 -11.24 -9.63
N ASP A 70 27.97 -10.97 -8.99
CA ASP A 70 27.91 -10.71 -7.57
C ASP A 70 28.22 -11.94 -6.70
N LEU A 71 28.03 -13.18 -7.16
CA LEU A 71 28.65 -14.30 -6.45
C LEU A 71 30.16 -14.34 -6.59
N GLY A 72 30.75 -13.71 -7.59
CA GLY A 72 32.18 -13.47 -7.63
C GLY A 72 32.64 -12.46 -6.60
N ASN A 73 31.86 -11.43 -6.29
CA ASN A 73 32.19 -10.51 -5.22
C ASN A 73 32.24 -11.21 -3.85
N TYR A 74 31.30 -12.10 -3.51
CA TYR A 74 31.43 -12.88 -2.29
C TYR A 74 32.63 -13.81 -2.31
N GLU A 75 32.93 -14.47 -3.42
CA GLU A 75 34.12 -15.29 -3.55
C GLU A 75 35.42 -14.52 -3.35
N ARG A 76 35.56 -13.35 -3.99
CA ARG A 76 36.76 -12.52 -3.91
C ARG A 76 36.96 -11.89 -2.53
N PHE A 77 35.92 -11.41 -1.88
CA PHE A 77 36.02 -10.78 -0.55
C PHE A 77 36.19 -11.78 0.60
N LEU A 78 35.50 -12.92 0.56
CA LEU A 78 35.53 -13.89 1.67
C LEU A 78 36.57 -15.01 1.46
N ASP A 79 37.16 -15.19 0.27
CA ASP A 79 37.99 -16.37 -0.10
C ASP A 79 37.24 -17.70 0.10
N ILE A 80 36.10 -17.77 -0.56
CA ILE A 80 35.02 -18.79 -0.40
C ILE A 80 34.76 -19.43 -1.76
N ASN A 81 34.19 -20.64 -1.75
CA ASN A 81 33.83 -21.38 -2.95
C ASN A 81 32.33 -21.72 -2.92
N LEU A 82 31.51 -20.89 -3.54
CA LEU A 82 30.06 -20.99 -3.52
C LEU A 82 29.55 -22.14 -4.37
N TYR A 83 28.41 -22.69 -3.99
CA TYR A 83 27.70 -23.71 -4.76
C TYR A 83 26.55 -23.06 -5.52
N LYS A 84 26.03 -23.72 -6.56
CA LYS A 84 24.94 -23.18 -7.38
C LYS A 84 23.68 -22.85 -6.60
N ASP A 85 23.43 -23.52 -5.48
CA ASP A 85 22.30 -23.26 -4.61
C ASP A 85 22.54 -22.19 -3.54
N ASN A 86 23.73 -21.57 -3.48
CA ASN A 86 23.90 -20.26 -2.84
C ASN A 86 23.37 -19.10 -3.69
N ASN A 87 22.93 -19.34 -4.93
CA ASN A 87 22.07 -18.43 -5.66
C ASN A 87 20.65 -18.94 -5.56
N ILE A 88 19.75 -18.16 -4.97
CA ILE A 88 18.32 -18.45 -4.96
C ILE A 88 17.68 -17.56 -6.02
N THR A 89 16.81 -18.11 -6.83
CA THR A 89 16.00 -17.35 -7.76
C THR A 89 14.54 -17.76 -7.61
N THR A 90 13.64 -16.90 -8.08
CA THR A 90 12.21 -17.14 -8.15
C THR A 90 11.88 -18.37 -9.02
N GLY A 91 12.64 -18.57 -10.10
CA GLY A 91 12.48 -19.70 -11.00
C GLY A 91 12.81 -21.00 -10.27
N LYS A 92 13.91 -21.01 -9.53
CA LYS A 92 14.42 -22.15 -8.77
C LYS A 92 13.51 -22.58 -7.63
N ILE A 93 12.88 -21.62 -6.96
CA ILE A 93 11.94 -21.85 -5.87
C ILE A 93 10.52 -22.19 -6.35
N TYR A 94 9.99 -21.49 -7.36
CA TYR A 94 8.69 -21.84 -7.92
C TYR A 94 8.70 -23.23 -8.57
N GLN A 95 9.77 -23.58 -9.31
CA GLN A 95 9.90 -24.90 -9.91
C GLN A 95 10.00 -26.01 -8.85
N HIS A 96 10.72 -25.76 -7.75
CA HIS A 96 10.80 -26.63 -6.58
C HIS A 96 9.43 -26.94 -5.97
N VAL A 97 8.62 -25.90 -5.72
CA VAL A 97 7.28 -26.04 -5.17
C VAL A 97 6.31 -26.74 -6.14
N ILE A 98 6.38 -26.41 -7.42
CA ILE A 98 5.62 -27.07 -8.48
C ILE A 98 5.95 -28.58 -8.59
N ASN A 99 7.23 -28.91 -8.47
CA ASN A 99 7.70 -30.29 -8.48
C ASN A 99 7.24 -31.06 -7.24
N LYS A 100 7.34 -30.46 -6.05
CA LYS A 100 6.79 -31.00 -4.80
C LYS A 100 5.27 -31.25 -4.87
N GLU A 101 4.53 -30.31 -5.45
CA GLU A 101 3.09 -30.40 -5.69
C GLU A 101 2.72 -31.63 -6.53
N ARG A 102 3.38 -31.78 -7.69
CA ARG A 102 3.19 -32.92 -8.59
C ARG A 102 3.58 -34.28 -7.98
N ARG A 103 4.50 -34.29 -7.02
CA ARG A 103 4.89 -35.49 -6.26
C ARG A 103 3.92 -35.80 -5.10
N GLY A 104 2.98 -34.89 -4.80
CA GLY A 104 2.01 -35.05 -3.72
C GLY A 104 2.60 -34.70 -2.35
N ASP A 105 3.78 -34.07 -2.30
CA ASP A 105 4.53 -33.77 -1.07
C ASP A 105 3.85 -32.74 -0.15
N TYR A 106 2.82 -32.07 -0.65
CA TYR A 106 1.98 -31.14 0.10
C TYR A 106 0.64 -31.77 0.52
N LEU A 107 0.49 -33.11 0.37
CA LEU A 107 -0.56 -33.96 0.95
C LEU A 107 -1.99 -33.49 0.59
N GLY A 108 -2.18 -33.11 -0.67
CA GLY A 108 -3.48 -32.71 -1.22
C GLY A 108 -3.92 -31.30 -0.81
N LYS A 109 -3.12 -30.57 -0.03
CA LYS A 109 -3.37 -29.18 0.32
C LYS A 109 -3.10 -28.27 -0.89
N THR A 110 -3.90 -27.20 -1.01
CA THR A 110 -3.72 -26.10 -1.93
C THR A 110 -2.37 -25.41 -1.73
N VAL A 111 -1.48 -25.47 -2.74
CA VAL A 111 -0.21 -24.79 -2.68
C VAL A 111 -0.40 -23.32 -3.07
N GLN A 112 0.15 -22.42 -2.26
CA GLN A 112 0.00 -20.99 -2.39
C GLN A 112 1.24 -20.31 -1.82
N VAL A 113 1.51 -19.08 -2.27
CA VAL A 113 2.75 -18.35 -2.04
C VAL A 113 3.13 -18.24 -0.56
N VAL A 114 2.18 -17.78 0.25
CA VAL A 114 2.25 -17.91 1.69
C VAL A 114 1.27 -19.05 2.05
N PRO A 115 1.73 -20.15 2.68
CA PRO A 115 3.06 -20.35 3.23
C PRO A 115 4.12 -20.96 2.29
N HIS A 116 3.73 -21.69 1.23
CA HIS A 116 4.54 -22.74 0.64
C HIS A 116 5.81 -22.28 -0.10
N ILE A 117 5.72 -21.16 -0.81
CA ILE A 117 6.86 -20.51 -1.45
C ILE A 117 7.76 -19.84 -0.39
N THR A 118 7.16 -19.19 0.61
CA THR A 118 7.89 -18.57 1.71
C THR A 118 8.65 -19.59 2.57
N ASP A 119 8.05 -20.76 2.84
CA ASP A 119 8.70 -21.89 3.49
C ASP A 119 9.86 -22.43 2.67
N ALA A 120 9.69 -22.58 1.35
CA ALA A 120 10.75 -22.98 0.44
C ALA A 120 12.00 -22.07 0.49
N VAL A 121 11.81 -20.75 0.58
CA VAL A 121 12.87 -19.78 0.83
C VAL A 121 13.58 -20.04 2.17
N GLN A 122 12.80 -20.20 3.25
CA GLN A 122 13.32 -20.47 4.59
C GLN A 122 14.09 -21.80 4.69
N GLU A 123 13.52 -22.88 4.17
CA GLU A 123 14.13 -24.21 4.03
C GLU A 123 15.50 -24.15 3.35
N TRP A 124 15.55 -23.46 2.21
CA TRP A 124 16.72 -23.31 1.37
C TRP A 124 17.81 -22.49 2.06
N VAL A 125 17.44 -21.35 2.63
CA VAL A 125 18.34 -20.46 3.34
C VAL A 125 18.94 -21.09 4.61
N MET A 126 18.13 -21.82 5.39
CA MET A 126 18.59 -22.52 6.58
C MET A 126 19.63 -23.60 6.25
N ASN A 127 19.38 -24.38 5.20
CA ASN A 127 20.26 -25.46 4.76
C ASN A 127 21.49 -24.97 4.01
N GLN A 128 21.37 -24.04 3.07
CA GLN A 128 22.53 -23.53 2.36
C GLN A 128 23.43 -22.69 3.25
N ALA A 129 22.91 -22.06 4.31
CA ALA A 129 23.74 -21.40 5.30
C ALA A 129 24.68 -22.37 6.02
N LYS A 130 24.25 -23.61 6.26
CA LYS A 130 25.00 -24.69 6.89
C LYS A 130 26.03 -25.36 5.99
N VAL A 131 26.01 -25.09 4.69
CA VAL A 131 26.94 -25.70 3.75
C VAL A 131 28.37 -25.26 4.07
N PRO A 132 29.36 -26.15 4.20
CA PRO A 132 30.74 -25.74 4.29
C PRO A 132 31.17 -25.14 2.94
N VAL A 133 31.32 -23.81 2.90
CA VAL A 133 31.58 -23.00 1.70
C VAL A 133 33.01 -22.45 1.66
N ASP A 134 33.64 -22.35 2.84
CA ASP A 134 35.08 -22.39 3.03
C ASP A 134 35.60 -23.83 2.72
N GLY A 135 36.90 -24.04 2.64
CA GLY A 135 37.49 -25.38 2.56
C GLY A 135 37.42 -26.16 3.89
N ASN A 136 37.29 -25.44 4.99
CA ASN A 136 37.04 -26.00 6.33
C ASN A 136 35.64 -26.62 6.39
N LYS A 137 35.60 -27.90 6.78
CA LYS A 137 34.40 -28.74 6.86
C LYS A 137 33.47 -28.40 8.05
N GLU A 138 33.90 -27.46 8.91
CA GLU A 138 33.17 -27.00 10.08
C GLU A 138 32.00 -26.11 9.65
N GLU A 139 30.83 -26.31 10.28
CA GLU A 139 29.61 -25.58 9.95
C GLU A 139 29.76 -24.06 10.21
N PRO A 140 29.40 -23.21 9.22
CA PRO A 140 29.43 -21.74 9.35
C PRO A 140 28.69 -21.13 10.55
N GLN A 141 29.03 -19.88 10.85
CA GLN A 141 28.55 -19.14 12.01
C GLN A 141 27.59 -18.01 11.61
N ILE A 142 27.88 -17.33 10.50
CA ILE A 142 27.06 -16.27 9.95
C ILE A 142 26.74 -16.58 8.48
N CYS A 143 25.53 -16.20 8.03
CA CYS A 143 25.17 -16.20 6.63
C CYS A 143 24.68 -14.80 6.25
N VAL A 144 25.37 -14.16 5.31
CA VAL A 144 24.97 -12.88 4.72
C VAL A 144 24.07 -13.16 3.53
N ILE A 145 22.83 -12.72 3.55
CA ILE A 145 21.86 -12.92 2.49
C ILE A 145 21.61 -11.56 1.82
N GLU A 146 22.08 -11.38 0.60
CA GLU A 146 21.71 -10.22 -0.19
C GLU A 146 20.41 -10.49 -0.93
N LEU A 147 19.37 -9.71 -0.62
CA LEU A 147 18.14 -9.67 -1.38
C LEU A 147 18.34 -8.66 -2.51
N GLY A 148 18.53 -9.19 -3.72
CA GLY A 148 18.65 -8.44 -4.96
C GLY A 148 17.34 -7.76 -5.33
N GLY A 149 17.45 -6.75 -6.20
CA GLY A 149 16.33 -5.88 -6.56
C GLY A 149 16.24 -4.73 -5.56
N THR A 150 15.12 -4.04 -5.58
CA THR A 150 14.79 -2.96 -4.67
C THR A 150 13.52 -3.38 -3.94
N ILE A 151 13.50 -3.23 -2.62
CA ILE A 151 12.33 -3.53 -1.81
C ILE A 151 11.12 -2.69 -2.24
N GLY A 152 10.07 -3.38 -2.68
CA GLY A 152 8.90 -2.77 -3.30
C GLY A 152 8.73 -3.26 -4.75
N ASP A 153 9.72 -3.92 -5.38
CA ASP A 153 9.49 -4.60 -6.66
C ASP A 153 8.70 -5.90 -6.40
N ILE A 154 7.75 -6.19 -7.30
CA ILE A 154 6.76 -7.24 -7.15
C ILE A 154 7.37 -8.66 -7.02
N GLU A 155 8.48 -8.91 -7.72
CA GLU A 155 9.22 -10.16 -7.68
C GLU A 155 9.87 -10.45 -6.31
N GLY A 156 10.17 -9.39 -5.55
CA GLY A 156 10.83 -9.49 -4.25
C GLY A 156 9.83 -9.81 -3.13
N MET A 157 8.52 -9.71 -3.38
CA MET A 157 7.49 -9.85 -2.35
C MET A 157 7.38 -11.20 -1.61
N PRO A 158 7.61 -12.37 -2.27
CA PRO A 158 7.75 -13.64 -1.55
C PRO A 158 8.92 -13.70 -0.56
N PHE A 159 10.06 -13.09 -0.93
CA PHE A 159 11.29 -13.16 -0.17
C PHE A 159 11.25 -12.29 1.08
N VAL A 160 10.71 -11.06 0.98
CA VAL A 160 10.54 -10.20 2.15
C VAL A 160 9.48 -10.75 3.13
N GLU A 161 8.43 -11.41 2.61
CA GLU A 161 7.44 -12.10 3.41
C GLU A 161 8.02 -13.31 4.14
N ALA A 162 8.85 -14.10 3.43
CA ALA A 162 9.67 -15.15 4.03
C ALA A 162 10.61 -14.62 5.13
N PHE A 163 11.32 -13.54 4.84
CA PHE A 163 12.22 -12.92 5.81
C PHE A 163 11.54 -12.25 7.01
N ARG A 164 10.32 -11.72 6.83
CA ARG A 164 9.44 -11.27 7.90
C ARG A 164 9.16 -12.40 8.90
N GLN A 165 8.69 -13.54 8.37
CA GLN A 165 8.44 -14.77 9.12
C GLN A 165 9.70 -15.33 9.79
N PHE A 166 10.83 -15.28 9.08
CA PHE A 166 12.14 -15.77 9.48
C PHE A 166 12.71 -15.07 10.72
N GLN A 167 12.35 -13.80 10.96
CA GLN A 167 12.63 -13.10 12.23
C GLN A 167 12.07 -13.84 13.45
N PHE A 168 10.83 -14.30 13.29
CA PHE A 168 9.99 -14.85 14.35
C PHE A 168 10.24 -16.36 14.48
N LYS A 169 10.44 -17.03 13.33
CA LYS A 169 10.86 -18.42 13.21
C LYS A 169 12.39 -18.57 13.37
N ALA A 170 12.98 -17.73 14.23
CA ALA A 170 14.37 -17.69 14.65
C ALA A 170 14.39 -16.91 15.98
N LYS A 171 15.38 -16.04 16.17
CA LYS A 171 15.49 -15.11 17.29
C LYS A 171 16.07 -13.81 16.76
N ARG A 172 15.83 -12.69 17.44
CA ARG A 172 16.47 -11.39 17.16
C ARG A 172 17.99 -11.42 17.39
N GLU A 173 18.43 -12.28 18.29
CA GLU A 173 19.84 -12.64 18.52
C GLU A 173 20.51 -13.28 17.31
N ASN A 174 19.71 -13.78 16.37
CA ASN A 174 20.13 -14.62 15.25
C ASN A 174 19.76 -13.98 13.90
N PHE A 175 19.08 -12.85 13.83
CA PHE A 175 18.69 -12.24 12.58
C PHE A 175 18.81 -10.74 12.69
N CYS A 176 19.40 -10.07 11.72
CA CYS A 176 19.27 -8.64 11.53
C CYS A 176 19.18 -8.30 10.04
N ASN A 177 18.70 -7.10 9.74
CA ASN A 177 18.48 -6.58 8.41
C ASN A 177 19.26 -5.27 8.21
N ILE A 178 20.08 -5.19 7.17
CA ILE A 178 20.77 -4.00 6.70
C ILE A 178 19.97 -3.47 5.51
N HIS A 179 19.54 -2.21 5.52
CA HIS A 179 18.92 -1.61 4.35
C HIS A 179 19.89 -0.64 3.70
N VAL A 180 20.22 -0.85 2.44
CA VAL A 180 21.13 0.01 1.68
C VAL A 180 20.28 0.87 0.78
N SER A 181 20.47 2.18 0.76
CA SER A 181 19.57 3.11 0.08
C SER A 181 20.31 4.30 -0.51
N LEU A 182 19.84 4.80 -1.65
CA LEU A 182 20.36 6.01 -2.28
C LEU A 182 19.91 7.26 -1.52
N VAL A 183 20.87 8.10 -1.14
CA VAL A 183 20.64 9.47 -0.69
C VAL A 183 21.04 10.37 -1.86
N PRO A 184 20.12 10.75 -2.77
CA PRO A 184 20.49 11.55 -3.91
C PRO A 184 20.96 12.94 -3.50
N GLN A 185 21.99 13.43 -4.18
CA GLN A 185 22.58 14.74 -3.95
C GLN A 185 22.30 15.61 -5.17
N LEU A 186 21.58 16.70 -5.00
CA LEU A 186 21.21 17.59 -6.10
C LEU A 186 22.38 18.47 -6.55
N SER A 187 22.40 18.77 -7.85
CA SER A 187 23.45 19.48 -8.55
C SER A 187 23.60 20.94 -8.10
N ALA A 188 22.56 21.73 -8.35
CA ALA A 188 22.54 23.18 -8.16
C ALA A 188 22.75 23.65 -6.71
N THR A 189 22.17 22.92 -5.76
CA THR A 189 22.17 23.29 -4.35
C THR A 189 23.20 22.50 -3.52
N GLY A 190 23.77 21.40 -4.03
CA GLY A 190 24.58 20.47 -3.25
C GLY A 190 23.79 19.65 -2.22
N GLU A 191 22.46 19.84 -2.14
CA GLU A 191 21.59 19.33 -1.08
C GLU A 191 21.38 17.81 -1.17
N GLN A 192 21.69 17.11 -0.09
CA GLN A 192 21.46 15.67 0.05
C GLN A 192 20.03 15.39 0.51
N LYS A 193 19.23 14.65 -0.27
CA LYS A 193 17.85 14.36 0.01
C LYS A 193 17.69 12.97 0.62
N THR A 194 16.92 12.92 1.70
CA THR A 194 16.64 11.74 2.53
C THR A 194 15.28 11.10 2.24
N LYS A 195 14.43 11.76 1.46
CA LYS A 195 13.06 11.33 1.14
C LYS A 195 12.91 9.92 0.54
N PRO A 196 13.77 9.51 -0.45
CA PRO A 196 13.72 8.15 -0.98
C PRO A 196 14.03 7.05 0.04
N THR A 197 15.01 7.31 0.91
CA THR A 197 15.40 6.42 2.01
C THR A 197 14.31 6.29 3.06
N GLN A 198 13.62 7.37 3.38
CA GLN A 198 12.46 7.40 4.27
C GLN A 198 11.28 6.60 3.70
N ASN A 199 10.99 6.80 2.42
CA ASN A 199 9.91 6.12 1.69
C ASN A 199 10.22 4.63 1.50
N SER A 200 11.48 4.29 1.24
CA SER A 200 11.93 2.91 1.07
C SER A 200 11.91 2.14 2.41
N VAL A 201 12.35 2.77 3.49
CA VAL A 201 12.21 2.22 4.85
C VAL A 201 10.75 2.08 5.26
N ARG A 202 9.86 2.99 4.87
CA ARG A 202 8.42 2.88 5.10
C ARG A 202 7.81 1.67 4.37
N ALA A 203 8.24 1.43 3.12
CA ALA A 203 7.85 0.26 2.34
C ALA A 203 8.36 -1.06 2.95
N LEU A 204 9.64 -1.09 3.32
CA LEU A 204 10.31 -2.21 4.00
C LEU A 204 9.67 -2.53 5.35
N ARG A 205 9.35 -1.52 6.15
CA ARG A 205 8.66 -1.65 7.43
C ARG A 205 7.18 -2.01 7.27
N GLY A 206 6.58 -1.73 6.12
CA GLY A 206 5.26 -2.17 5.70
C GLY A 206 5.24 -3.66 5.28
N LEU A 207 6.40 -4.22 4.91
CA LEU A 207 6.61 -5.64 4.63
C LEU A 207 7.08 -6.39 5.89
N GLY A 208 7.15 -5.72 7.04
CA GLY A 208 7.30 -6.32 8.36
C GLY A 208 8.76 -6.60 8.73
N LEU A 209 9.72 -5.97 8.06
CA LEU A 209 11.13 -5.93 8.43
C LEU A 209 11.51 -4.50 8.78
N SER A 210 12.20 -4.24 9.88
CA SER A 210 12.74 -2.90 10.20
C SER A 210 14.24 -2.86 9.95
N PRO A 211 14.80 -1.78 9.37
CA PRO A 211 16.24 -1.58 9.35
C PRO A 211 16.84 -1.71 10.75
N ASP A 212 17.82 -2.57 10.89
CA ASP A 212 18.70 -2.60 12.05
C ASP A 212 19.95 -1.75 11.82
N LEU A 213 20.41 -1.62 10.58
CA LEU A 213 21.33 -0.60 10.09
C LEU A 213 20.78 -0.02 8.79
N ILE A 214 20.90 1.29 8.57
CA ILE A 214 20.61 1.95 7.30
C ILE A 214 21.94 2.40 6.72
N VAL A 215 22.31 1.91 5.54
CA VAL A 215 23.54 2.28 4.85
C VAL A 215 23.16 3.21 3.72
N CYS A 216 23.52 4.47 3.89
CA CYS A 216 23.32 5.53 2.94
C CYS A 216 24.38 5.45 1.87
N ARG A 217 24.00 5.21 0.62
CA ARG A 217 24.96 5.62 -0.38
C ARG A 217 24.65 6.90 -1.17
N SER A 218 25.68 7.70 -1.03
CA SER A 218 25.79 9.10 -1.35
C SER A 218 27.06 9.37 -2.16
N SER A 219 27.08 10.40 -2.99
CA SER A 219 28.30 10.80 -3.71
C SER A 219 29.37 11.40 -2.80
N THR A 220 28.98 12.30 -1.90
CA THR A 220 29.81 12.94 -0.88
C THR A 220 29.51 12.29 0.49
N PRO A 221 30.38 12.34 1.52
CA PRO A 221 29.98 12.01 2.88
C PRO A 221 28.74 12.81 3.32
N ILE A 222 27.75 12.19 3.98
CA ILE A 222 26.52 12.91 4.39
C ILE A 222 26.77 13.84 5.57
N GLU A 223 26.13 15.02 5.56
CA GLU A 223 26.14 15.97 6.68
C GLU A 223 25.39 15.44 7.92
N MET A 224 25.69 15.95 9.12
CA MET A 224 24.98 15.54 10.33
C MET A 224 23.48 15.85 10.29
N ALA A 225 23.07 16.97 9.70
CA ALA A 225 21.65 17.29 9.53
C ALA A 225 20.89 16.26 8.67
N VAL A 226 21.57 15.67 7.70
CA VAL A 226 21.05 14.62 6.81
C VAL A 226 20.94 13.30 7.58
N LYS A 227 21.96 12.92 8.34
CA LYS A 227 21.93 11.74 9.21
C LYS A 227 20.87 11.83 10.30
N GLU A 228 20.63 13.01 10.86
CA GLU A 228 19.56 13.27 11.82
C GLU A 228 18.15 13.07 11.25
N LYS A 229 17.84 13.59 10.05
CA LYS A 229 16.58 13.34 9.36
C LYS A 229 16.31 11.84 9.13
N ILE A 230 17.33 11.12 8.67
CA ILE A 230 17.24 9.67 8.46
C ILE A 230 16.98 8.96 9.79
N SER A 231 17.77 9.23 10.83
CA SER A 231 17.57 8.57 12.14
C SER A 231 16.21 8.88 12.78
N MET A 232 15.67 10.09 12.60
CA MET A 232 14.34 10.46 13.06
C MET A 232 13.21 9.81 12.24
N PHE A 233 13.18 10.04 10.93
CA PHE A 233 12.11 9.55 10.05
C PHE A 233 12.13 8.05 9.78
N CYS A 234 13.29 7.40 9.90
CA CYS A 234 13.43 5.95 9.72
C CYS A 234 13.48 5.20 11.05
N HIS A 235 13.37 5.90 12.17
CA HIS A 235 13.16 5.38 13.53
C HIS A 235 14.24 4.37 13.93
N VAL A 236 15.48 4.84 13.83
CA VAL A 236 16.72 4.09 14.05
C VAL A 236 17.68 5.07 14.71
N ASN A 237 18.59 4.64 15.57
CA ASN A 237 19.51 5.58 16.24
C ASN A 237 20.56 6.14 15.26
N PRO A 238 21.13 7.34 15.52
CA PRO A 238 22.20 7.92 14.67
C PRO A 238 23.40 7.00 14.36
N GLU A 239 23.81 6.19 15.34
CA GLU A 239 24.84 5.15 15.27
C GLU A 239 24.50 3.99 14.32
N GLN A 240 23.22 3.83 13.99
CA GLN A 240 22.70 2.85 13.05
C GLN A 240 22.49 3.42 11.64
N VAL A 241 22.74 4.72 11.44
CA VAL A 241 22.76 5.35 10.11
C VAL A 241 24.21 5.45 9.66
N ILE A 242 24.60 4.57 8.76
CA ILE A 242 25.94 4.44 8.16
C ILE A 242 25.96 5.20 6.85
N CYS A 243 27.05 5.88 6.54
CA CYS A 243 27.27 6.49 5.24
C CYS A 243 28.43 5.81 4.53
N ILE A 244 28.22 5.23 3.35
CA ILE A 244 29.29 4.86 2.43
C ILE A 244 29.20 5.81 1.24
N HIS A 245 30.15 6.73 1.16
CA HIS A 245 30.28 7.63 0.04
C HIS A 245 31.05 6.98 -1.12
N ASP A 246 31.07 7.60 -2.29
CA ASP A 246 32.00 7.25 -3.36
C ASP A 246 33.47 7.31 -2.89
N VAL A 247 34.10 6.16 -2.82
CA VAL A 247 35.49 5.92 -2.47
C VAL A 247 36.34 5.57 -3.70
N SER A 248 37.64 5.55 -3.49
CA SER A 248 38.69 5.17 -4.43
C SER A 248 38.54 3.75 -4.99
N SER A 249 38.29 2.79 -4.10
CA SER A 249 38.31 1.37 -4.42
C SER A 249 37.44 0.60 -3.43
N THR A 250 37.02 -0.59 -3.86
CA THR A 250 36.45 -1.66 -3.03
C THR A 250 37.32 -2.04 -1.85
N TYR A 251 38.64 -1.86 -1.92
CA TYR A 251 39.50 -2.12 -0.76
C TYR A 251 39.16 -1.20 0.43
N ARG A 252 38.65 0.00 0.17
CA ARG A 252 38.39 1.02 1.18
C ARG A 252 37.03 0.83 1.88
N VAL A 253 36.10 0.06 1.31
CA VAL A 253 34.72 -0.10 1.81
C VAL A 253 34.65 -0.86 3.16
N PRO A 254 35.34 -1.99 3.37
CA PRO A 254 35.46 -2.58 4.71
C PRO A 254 36.07 -1.62 5.76
N VAL A 255 37.12 -0.91 5.38
CA VAL A 255 37.86 0.03 6.22
C VAL A 255 36.97 1.18 6.71
N LEU A 256 36.17 1.71 5.80
CA LEU A 256 35.13 2.70 6.06
C LEU A 256 34.09 2.19 7.08
N LEU A 257 33.65 0.94 6.96
CA LEU A 257 32.67 0.33 7.85
C LEU A 257 33.21 0.13 9.27
N GLU A 258 34.48 -0.18 9.47
CA GLU A 258 35.13 -0.12 10.79
C GLU A 258 35.07 1.29 11.41
N GLU A 259 35.30 2.31 10.57
CA GLU A 259 35.19 3.73 10.90
C GLU A 259 33.74 4.24 11.04
N GLN A 260 32.76 3.34 10.90
CA GLN A 260 31.36 3.52 11.26
C GLN A 260 30.94 2.55 12.40
N SER A 261 31.89 1.76 12.92
CA SER A 261 31.83 0.92 14.11
C SER A 261 30.85 -0.27 14.05
N ILE A 262 30.59 -0.82 12.86
CA ILE A 262 29.61 -1.89 12.63
C ILE A 262 29.86 -3.17 13.44
N VAL A 263 31.09 -3.46 13.78
CA VAL A 263 31.51 -4.59 14.59
C VAL A 263 30.93 -4.53 16.02
N LYS A 264 30.82 -3.30 16.58
CA LYS A 264 30.21 -3.06 17.88
C LYS A 264 28.70 -3.36 17.84
N TYR A 265 28.07 -2.96 16.74
CA TYR A 265 26.68 -3.24 16.47
C TYR A 265 26.43 -4.74 16.31
N PHE A 266 27.21 -5.42 15.48
CA PHE A 266 27.06 -6.86 15.27
C PHE A 266 27.41 -7.68 16.51
N LYS A 267 28.40 -7.27 17.31
CA LYS A 267 28.73 -7.86 18.61
C LYS A 267 27.54 -7.81 19.58
N GLU A 268 26.95 -6.61 19.74
CA GLU A 268 25.82 -6.36 20.62
C GLU A 268 24.54 -7.09 20.15
N ARG A 269 24.21 -6.95 18.87
CA ARG A 269 22.98 -7.46 18.26
C ARG A 269 23.03 -8.98 18.05
N LEU A 270 24.00 -9.49 17.31
CA LEU A 270 24.07 -10.90 16.97
C LEU A 270 24.78 -11.74 18.04
N HIS A 271 25.22 -11.12 19.14
CA HIS A 271 25.83 -11.77 20.32
C HIS A 271 27.12 -12.53 19.96
N LEU A 272 27.93 -11.90 19.10
CA LEU A 272 29.08 -12.54 18.45
C LEU A 272 30.30 -12.60 19.39
N PRO A 273 31.01 -13.74 19.44
CA PRO A 273 32.21 -13.91 20.28
C PRO A 273 33.45 -13.20 19.71
N ILE A 274 33.40 -11.86 19.64
CA ILE A 274 34.36 -11.03 18.90
C ILE A 274 34.76 -9.84 19.76
N LEU A 282 41.68 -5.27 10.24
CA LEU A 282 41.62 -5.65 8.81
C LEU A 282 43.07 -5.78 8.24
N PHE A 283 43.83 -4.68 8.39
CA PHE A 283 45.19 -4.43 7.93
C PHE A 283 45.35 -4.48 6.40
N LYS A 284 45.11 -5.65 5.81
CA LYS A 284 45.29 -5.95 4.39
C LYS A 284 44.44 -5.05 3.51
N TRP A 285 43.17 -4.88 3.84
CA TRP A 285 42.25 -3.99 3.14
C TRP A 285 42.68 -2.53 3.24
N ARG A 286 43.24 -2.10 4.38
CA ARG A 286 43.83 -0.77 4.49
C ARG A 286 45.04 -0.64 3.56
N ASN A 287 45.97 -1.60 3.66
CA ASN A 287 47.20 -1.67 2.86
C ASN A 287 46.92 -1.62 1.35
N MET A 288 46.02 -2.47 0.87
CA MET A 288 45.58 -2.52 -0.52
C MET A 288 44.91 -1.22 -0.99
N ALA A 289 44.07 -0.61 -0.14
CA ALA A 289 43.47 0.69 -0.41
C ALA A 289 44.52 1.82 -0.51
N ASP A 290 45.40 1.89 0.49
CA ASP A 290 46.52 2.82 0.56
C ASP A 290 47.49 2.68 -0.62
N ARG A 291 47.84 1.45 -1.01
CA ARG A 291 48.59 1.17 -2.24
C ARG A 291 47.87 1.65 -3.49
N TYR A 292 46.58 1.32 -3.63
CA TYR A 292 45.79 1.59 -4.82
C TYR A 292 45.74 3.10 -5.16
N GLU A 293 45.60 3.91 -4.11
CA GLU A 293 45.62 5.37 -4.16
C GLU A 293 46.98 5.98 -4.53
N ARG A 294 48.05 5.17 -4.55
CA ARG A 294 49.42 5.59 -4.86
C ARG A 294 49.98 4.94 -6.13
N LEU A 295 49.17 4.21 -6.91
CA LEU A 295 49.60 3.57 -8.15
C LEU A 295 49.89 4.62 -9.24
N GLN A 296 51.15 4.73 -9.65
CA GLN A 296 51.63 5.74 -10.60
C GLN A 296 52.14 5.14 -11.91
N LYS A 297 52.81 3.98 -11.84
CA LYS A 297 53.40 3.32 -13.00
C LYS A 297 52.31 2.66 -13.85
N ILE A 298 52.01 3.23 -15.01
CA ILE A 298 50.96 2.74 -15.90
C ILE A 298 51.43 1.49 -16.68
N CYS A 299 50.63 0.43 -16.65
CA CYS A 299 50.69 -0.72 -17.54
C CYS A 299 49.43 -0.63 -18.41
N SER A 300 49.58 -0.26 -19.69
CA SER A 300 48.49 -0.13 -20.65
C SER A 300 48.25 -1.45 -21.39
N ILE A 301 47.13 -2.12 -21.07
CA ILE A 301 46.75 -3.40 -21.65
C ILE A 301 45.48 -3.23 -22.49
N ALA A 302 45.51 -3.82 -23.69
CA ALA A 302 44.42 -3.81 -24.65
C ALA A 302 43.53 -5.05 -24.43
N LEU A 303 42.30 -4.83 -23.99
CA LEU A 303 41.27 -5.87 -23.94
C LEU A 303 40.51 -5.82 -25.26
N VAL A 304 40.62 -6.89 -26.05
CA VAL A 304 40.08 -6.97 -27.42
C VAL A 304 38.80 -7.78 -27.30
N ASP A 312 30.68 -4.53 -17.65
CA ASP A 312 30.76 -5.63 -16.65
C ASP A 312 30.76 -7.04 -17.34
N CYS A 313 30.78 -7.06 -18.68
CA CYS A 313 30.88 -8.22 -19.56
C CYS A 313 32.17 -9.03 -19.33
N TYR A 314 33.18 -8.37 -18.76
CA TYR A 314 34.51 -8.89 -18.46
C TYR A 314 34.95 -8.42 -17.06
N ALA A 315 34.03 -8.37 -16.09
CA ALA A 315 34.31 -7.91 -14.73
C ALA A 315 35.35 -8.76 -13.98
N SER A 316 35.35 -10.09 -14.06
CA SER A 316 36.39 -10.90 -13.42
C SER A 316 37.75 -10.70 -14.09
N VAL A 317 37.78 -10.42 -15.39
CA VAL A 317 38.98 -10.16 -16.19
C VAL A 317 39.66 -8.86 -15.71
N PHE A 318 38.87 -7.79 -15.61
CA PHE A 318 39.30 -6.50 -15.11
C PHE A 318 39.82 -6.56 -13.66
N LYS A 319 39.08 -7.26 -12.78
CA LYS A 319 39.47 -7.48 -11.39
C LYS A 319 40.74 -8.31 -11.28
N ALA A 320 40.91 -9.35 -12.09
CA ALA A 320 42.12 -10.17 -12.17
C ALA A 320 43.37 -9.40 -12.60
N LEU A 321 43.21 -8.49 -13.56
CA LEU A 321 44.24 -7.55 -13.97
C LEU A 321 44.58 -6.56 -12.85
N GLU A 322 43.57 -5.99 -12.17
CA GLU A 322 43.76 -5.07 -11.05
C GLU A 322 44.45 -5.70 -9.83
N HIS A 323 44.13 -6.96 -9.51
CA HIS A 323 44.83 -7.76 -8.49
C HIS A 323 46.30 -7.94 -8.84
N SER A 324 46.58 -8.21 -10.12
CA SER A 324 47.92 -8.38 -10.65
C SER A 324 48.71 -7.06 -10.64
N ALA A 325 48.06 -5.97 -11.08
CA ALA A 325 48.60 -4.61 -11.11
C ALA A 325 49.01 -4.13 -9.71
N LEU A 326 48.10 -4.30 -8.75
CA LEU A 326 48.31 -3.96 -7.35
C LEU A 326 49.50 -4.71 -6.74
N ALA A 327 49.61 -6.01 -7.04
CA ALA A 327 50.69 -6.87 -6.56
C ALA A 327 52.08 -6.46 -7.06
N ILE A 328 52.16 -5.93 -8.28
CA ILE A 328 53.38 -5.42 -8.88
C ILE A 328 53.51 -3.88 -8.74
N ASN A 329 52.65 -3.25 -7.93
CA ASN A 329 52.58 -1.82 -7.63
C ASN A 329 52.49 -0.92 -8.89
N HIS A 330 51.74 -1.38 -9.89
CA HIS A 330 51.45 -0.64 -11.11
C HIS A 330 49.97 -0.27 -11.16
N LYS A 331 49.65 0.78 -11.91
CA LYS A 331 48.30 1.13 -12.30
C LYS A 331 47.98 0.39 -13.60
N LEU A 332 46.84 -0.30 -13.65
CA LEU A 332 46.29 -0.82 -14.88
C LEU A 332 45.59 0.32 -15.63
N ASN A 333 45.90 0.46 -16.91
CA ASN A 333 45.08 1.21 -17.86
C ASN A 333 44.53 0.16 -18.82
N LEU A 334 43.35 -0.38 -18.49
CA LEU A 334 42.65 -1.33 -19.33
C LEU A 334 41.86 -0.53 -20.37
N MET A 335 42.35 -0.51 -21.60
CA MET A 335 41.67 0.11 -22.72
C MET A 335 40.96 -0.99 -23.49
N TYR A 336 39.65 -0.84 -23.60
CA TYR A 336 38.76 -1.81 -24.20
C TYR A 336 38.60 -1.45 -25.68
N ILE A 337 38.79 -2.44 -26.55
CA ILE A 337 38.75 -2.31 -27.98
C ILE A 337 37.77 -3.38 -28.50
N ASP A 338 36.82 -2.98 -29.35
CA ASP A 338 35.96 -3.93 -30.05
C ASP A 338 36.72 -4.48 -31.25
N SER A 339 36.64 -5.79 -31.48
CA SER A 339 37.29 -6.46 -32.58
C SER A 339 36.80 -5.99 -33.96
N ILE A 340 35.53 -5.55 -34.03
CA ILE A 340 34.91 -4.93 -35.20
C ILE A 340 35.49 -3.54 -35.54
N ASP A 341 36.11 -2.85 -34.57
CA ASP A 341 36.83 -1.59 -34.79
C ASP A 341 38.14 -1.84 -35.52
N LEU A 342 38.86 -2.89 -35.09
CA LEU A 342 40.13 -3.30 -35.71
C LEU A 342 39.93 -3.90 -37.10
N GLU A 343 38.76 -4.51 -37.34
CA GLU A 343 38.37 -5.17 -38.58
C GLU A 343 38.35 -4.19 -39.77
N LYS A 344 38.51 -4.73 -40.98
CA LYS A 344 38.58 -3.99 -42.25
C LYS A 344 37.35 -3.10 -42.55
N ILE A 345 36.22 -3.39 -41.89
CA ILE A 345 34.96 -2.65 -41.95
C ILE A 345 35.13 -1.44 -41.04
N PRO A 351 35.72 3.89 -40.45
CA PRO A 351 37.20 3.81 -40.38
C PRO A 351 37.86 4.80 -39.40
N VAL A 352 37.07 5.66 -38.76
CA VAL A 352 37.49 6.54 -37.68
C VAL A 352 37.90 5.71 -36.45
N LYS A 353 37.04 4.74 -36.07
CA LYS A 353 37.27 3.84 -34.96
C LYS A 353 38.41 2.84 -35.20
N PHE A 354 38.78 2.59 -36.45
CA PHE A 354 39.96 1.80 -36.83
C PHE A 354 41.24 2.49 -36.34
N HIS A 355 41.30 3.81 -36.57
CA HIS A 355 42.44 4.65 -36.20
C HIS A 355 42.45 5.05 -34.71
N GLU A 356 41.34 4.78 -34.00
CA GLU A 356 41.27 4.76 -32.54
C GLU A 356 41.82 3.42 -32.03
N ALA A 357 41.22 2.32 -32.52
CA ALA A 357 41.47 0.95 -32.08
C ALA A 357 42.91 0.49 -32.30
N TRP A 358 43.43 0.66 -33.51
CA TRP A 358 44.81 0.31 -33.82
C TRP A 358 45.84 1.22 -33.13
N GLN A 359 45.45 2.46 -32.80
CA GLN A 359 46.26 3.38 -32.01
C GLN A 359 46.38 2.91 -30.56
N LYS A 360 45.26 2.48 -29.96
CA LYS A 360 45.24 1.77 -28.67
C LYS A 360 46.11 0.50 -28.71
N LEU A 361 45.99 -0.30 -29.77
CA LEU A 361 46.76 -1.52 -29.99
C LEU A 361 48.28 -1.27 -30.19
N CYS A 362 48.67 -0.07 -30.62
CA CYS A 362 50.07 0.36 -30.71
C CYS A 362 50.68 0.61 -29.32
N LYS A 363 49.93 1.26 -28.41
CA LYS A 363 50.39 1.54 -27.04
C LYS A 363 50.03 0.42 -26.05
N ALA A 364 49.66 -0.76 -26.57
CA ALA A 364 49.38 -1.95 -25.80
C ALA A 364 50.69 -2.60 -25.37
N ASP A 365 50.97 -2.55 -24.07
CA ASP A 365 52.06 -3.25 -23.41
C ASP A 365 51.76 -4.75 -23.30
N GLY A 366 50.46 -5.10 -23.29
CA GLY A 366 49.98 -6.46 -23.37
C GLY A 366 48.67 -6.44 -24.17
N ILE A 367 48.40 -7.51 -24.91
CA ILE A 367 47.14 -7.78 -25.57
C ILE A 367 46.44 -8.90 -24.77
N LEU A 368 45.15 -8.69 -24.51
CA LEU A 368 44.27 -9.62 -23.85
C LEU A 368 43.12 -9.91 -24.81
N VAL A 369 42.98 -11.18 -25.20
CA VAL A 369 41.84 -11.64 -25.99
C VAL A 369 41.03 -12.61 -25.12
N PRO A 370 39.96 -12.09 -24.47
CA PRO A 370 39.10 -12.92 -23.62
C PRO A 370 38.10 -13.77 -24.43
N GLY A 371 37.28 -14.51 -23.69
CA GLY A 371 36.32 -15.45 -24.25
C GLY A 371 35.12 -14.75 -24.90
N GLY A 372 34.29 -15.54 -25.55
CA GLY A 372 33.00 -15.16 -26.11
C GLY A 372 32.34 -16.35 -26.82
N PHE A 373 31.16 -16.13 -27.35
CA PHE A 373 30.35 -17.11 -28.06
C PHE A 373 29.63 -16.45 -29.24
N LEU A 379 36.14 -10.62 -34.59
CA LEU A 379 36.94 -11.10 -35.76
C LEU A 379 38.38 -10.52 -35.72
N GLY A 380 38.51 -9.21 -35.49
CA GLY A 380 39.78 -8.49 -35.31
C GLY A 380 40.59 -8.96 -34.10
N LYS A 381 40.05 -9.88 -33.27
CA LYS A 381 40.80 -10.70 -32.32
C LYS A 381 41.98 -11.43 -32.98
N LEU A 382 41.75 -11.96 -34.19
CA LEU A 382 42.75 -12.68 -34.99
C LEU A 382 43.87 -11.74 -35.48
N GLN A 383 43.51 -10.50 -35.79
CA GLN A 383 44.46 -9.46 -36.17
C GLN A 383 45.31 -9.01 -34.97
N ALA A 384 44.68 -8.86 -33.80
CA ALA A 384 45.34 -8.52 -32.54
C ALA A 384 46.29 -9.63 -32.05
N ILE A 385 45.88 -10.89 -32.25
CA ILE A 385 46.71 -12.08 -32.06
C ILE A 385 47.94 -12.05 -32.99
N SER A 386 47.73 -11.77 -34.28
CA SER A 386 48.79 -11.67 -35.28
C SER A 386 49.78 -10.55 -34.95
N TRP A 387 49.26 -9.39 -34.56
CA TRP A 387 49.99 -8.21 -34.10
C TRP A 387 50.90 -8.55 -32.90
N ALA A 388 50.31 -9.10 -31.85
CA ALA A 388 51.00 -9.54 -30.64
C ALA A 388 52.06 -10.62 -30.88
N ARG A 389 51.72 -11.59 -31.73
CA ARG A 389 52.59 -12.69 -32.15
C ARG A 389 53.83 -12.19 -32.92
N THR A 390 53.60 -11.31 -33.91
CA THR A 390 54.64 -10.82 -34.80
C THR A 390 55.55 -9.76 -34.15
N LYS A 391 54.96 -8.78 -33.45
CA LYS A 391 55.70 -7.70 -32.80
C LYS A 391 56.29 -8.12 -31.45
N LYS A 392 55.97 -9.34 -30.99
CA LYS A 392 56.40 -9.96 -29.75
C LYS A 392 55.94 -9.21 -28.49
N ILE A 393 54.74 -8.63 -28.56
CA ILE A 393 54.06 -7.98 -27.44
C ILE A 393 53.35 -9.09 -26.63
N PRO A 394 53.52 -9.09 -25.28
CA PRO A 394 52.81 -10.00 -24.36
C PRO A 394 51.32 -10.27 -24.64
N PHE A 395 50.95 -11.54 -24.64
CA PHE A 395 49.62 -12.01 -25.00
C PHE A 395 49.08 -13.01 -23.97
N LEU A 396 47.82 -12.80 -23.60
CA LEU A 396 47.01 -13.77 -22.87
C LEU A 396 45.72 -13.99 -23.66
N GLY A 397 45.52 -15.23 -24.10
CA GLY A 397 44.30 -15.67 -24.76
C GLY A 397 43.54 -16.54 -23.76
N VAL A 398 42.25 -16.28 -23.56
CA VAL A 398 41.39 -17.06 -22.68
C VAL A 398 40.24 -17.65 -23.51
N CYS A 399 40.07 -18.97 -23.41
CA CYS A 399 39.03 -19.76 -24.05
C CYS A 399 39.05 -19.57 -25.58
N LEU A 400 38.15 -18.75 -26.12
CA LEU A 400 38.17 -18.39 -27.53
C LEU A 400 39.51 -17.75 -27.97
N GLY A 401 40.19 -16.99 -27.12
CA GLY A 401 41.50 -16.42 -27.41
C GLY A 401 42.60 -17.49 -27.54
N MET A 402 42.46 -18.69 -26.95
CA MET A 402 43.34 -19.87 -27.20
C MET A 402 43.02 -20.49 -28.55
N GLN A 403 41.73 -20.68 -28.82
CA GLN A 403 41.26 -21.35 -30.02
C GLN A 403 41.62 -20.51 -31.25
N LEU A 404 41.33 -19.21 -31.23
CA LEU A 404 41.73 -18.28 -32.28
C LEU A 404 43.26 -18.18 -32.44
N ALA A 405 44.03 -18.37 -31.35
CA ALA A 405 45.48 -18.35 -31.39
C ALA A 405 46.07 -19.55 -32.13
N VAL A 406 45.53 -20.75 -31.87
CA VAL A 406 45.83 -22.01 -32.56
C VAL A 406 45.55 -21.88 -34.06
N ILE A 407 44.37 -21.38 -34.39
CA ILE A 407 43.87 -21.08 -35.73
C ILE A 407 44.78 -20.10 -36.49
N GLU A 408 45.11 -18.97 -35.86
CA GLU A 408 45.91 -17.93 -36.51
C GLU A 408 47.41 -18.30 -36.59
N PHE A 409 47.90 -19.15 -35.67
CA PHE A 409 49.22 -19.77 -35.79
C PHE A 409 49.27 -20.67 -37.04
N ALA A 410 48.23 -21.49 -37.26
CA ALA A 410 48.11 -22.38 -38.41
C ALA A 410 48.08 -21.63 -39.75
N ARG A 411 47.41 -20.47 -39.77
CA ARG A 411 47.37 -19.56 -40.92
C ARG A 411 48.71 -18.86 -41.22
N ASN A 412 49.68 -18.89 -40.29
CA ASN A 412 50.94 -18.15 -40.37
C ASN A 412 52.01 -19.13 -39.96
N MET A 448 28.45 -29.00 -22.43
CA MET A 448 29.45 -28.17 -22.16
C MET A 448 30.44 -28.60 -21.07
N ARG A 449 31.73 -28.30 -21.25
CA ARG A 449 32.76 -28.50 -20.23
C ARG A 449 32.67 -27.31 -19.26
N LEU A 450 32.06 -27.53 -18.10
CA LEU A 450 31.55 -26.48 -17.21
C LEU A 450 31.95 -26.73 -15.75
N GLY A 451 32.55 -25.74 -15.10
CA GLY A 451 33.01 -25.81 -13.72
C GLY A 451 34.46 -26.25 -13.55
N ILE A 452 34.86 -26.65 -12.35
CA ILE A 452 36.25 -27.01 -12.04
C ILE A 452 36.67 -28.31 -12.73
N ARG A 453 37.86 -28.33 -13.32
CA ARG A 453 38.49 -29.51 -13.93
C ARG A 453 39.99 -29.48 -13.66
N ARG A 454 40.63 -30.64 -13.58
CA ARG A 454 42.08 -30.78 -13.43
C ARG A 454 42.77 -30.69 -14.79
N THR A 455 43.71 -29.77 -14.94
CA THR A 455 44.59 -29.63 -16.10
C THR A 455 46.01 -30.05 -15.72
N VAL A 456 46.59 -31.00 -16.43
CA VAL A 456 47.90 -31.59 -16.19
C VAL A 456 48.90 -30.90 -17.13
N PHE A 457 50.02 -30.41 -16.58
CA PHE A 457 51.12 -29.87 -17.37
C PHE A 457 51.94 -31.01 -17.99
N LYS A 458 52.17 -30.93 -19.31
CA LYS A 458 52.88 -31.94 -20.11
C LYS A 458 54.41 -31.88 -19.95
N THR A 459 54.92 -30.85 -19.28
CA THR A 459 56.34 -30.59 -19.11
C THR A 459 56.55 -29.68 -17.89
N GLU A 460 57.79 -29.62 -17.41
CA GLU A 460 58.25 -28.64 -16.44
C GLU A 460 58.67 -27.33 -17.15
N ASN A 461 58.98 -27.42 -18.45
CA ASN A 461 59.36 -26.29 -19.31
C ASN A 461 58.09 -25.53 -19.75
N SER A 462 57.44 -24.89 -18.78
CA SER A 462 56.23 -24.12 -18.96
C SER A 462 56.37 -22.86 -18.12
N ILE A 463 56.15 -21.69 -18.72
CA ILE A 463 56.16 -20.42 -17.99
C ILE A 463 54.96 -20.32 -17.01
N LEU A 464 53.76 -20.76 -17.43
CA LEU A 464 52.59 -20.80 -16.57
C LEU A 464 52.80 -21.73 -15.37
N ARG A 465 53.46 -22.88 -15.58
CA ARG A 465 53.78 -23.78 -14.48
C ARG A 465 54.68 -23.13 -13.41
N LYS A 466 55.63 -22.27 -13.81
CA LYS A 466 56.45 -21.53 -12.85
C LYS A 466 55.61 -20.52 -12.06
N LEU A 467 54.75 -19.77 -12.77
CA LEU A 467 53.83 -18.79 -12.19
C LEU A 467 52.82 -19.45 -11.21
N TYR A 468 52.29 -20.64 -11.54
CA TYR A 468 51.46 -21.44 -10.63
C TYR A 468 52.25 -22.16 -9.54
N GLY A 469 53.58 -22.07 -9.48
CA GLY A 469 54.33 -22.55 -8.32
C GLY A 469 54.92 -23.95 -8.52
N ASP A 470 55.25 -24.33 -9.76
CA ASP A 470 55.99 -25.55 -10.17
C ASP A 470 55.16 -26.85 -10.12
N VAL A 471 53.91 -26.76 -9.67
CA VAL A 471 52.96 -27.86 -9.54
C VAL A 471 52.72 -28.65 -10.86
N PRO A 472 52.54 -29.98 -10.77
CA PRO A 472 52.36 -30.83 -11.97
C PRO A 472 50.99 -30.69 -12.65
N PHE A 473 49.98 -30.29 -11.89
CA PHE A 473 48.64 -30.00 -12.36
C PHE A 473 48.10 -28.79 -11.60
N ILE A 474 47.06 -28.19 -12.15
CA ILE A 474 46.23 -27.12 -11.60
C ILE A 474 44.77 -27.51 -11.72
N GLU A 475 43.92 -26.99 -10.85
CA GLU A 475 42.46 -27.13 -10.94
C GLU A 475 41.86 -25.75 -11.13
N GLU A 476 41.30 -25.48 -12.30
CA GLU A 476 40.73 -24.19 -12.72
C GLU A 476 39.33 -24.36 -13.32
N ARG A 477 38.60 -23.28 -13.58
CA ARG A 477 37.19 -23.34 -14.00
C ARG A 477 37.01 -23.17 -15.49
N HIS A 478 36.21 -24.04 -16.06
CA HIS A 478 36.00 -24.17 -17.49
C HIS A 478 34.56 -23.81 -17.86
N ARG A 479 34.35 -23.34 -19.08
CA ARG A 479 33.04 -23.04 -19.67
C ARG A 479 33.12 -22.99 -21.21
N HIS A 480 33.33 -24.13 -21.86
CA HIS A 480 33.50 -24.19 -23.31
C HIS A 480 32.88 -25.45 -23.93
N ARG A 481 32.32 -25.33 -25.15
CA ARG A 481 31.79 -26.45 -25.94
C ARG A 481 32.78 -26.97 -27.01
N PHE A 482 33.78 -26.18 -27.39
CA PHE A 482 34.74 -26.47 -28.45
C PHE A 482 36.16 -26.61 -27.89
N GLU A 483 36.96 -27.46 -28.52
CA GLU A 483 38.33 -27.83 -28.14
C GLU A 483 39.19 -28.18 -29.36
N VAL A 484 40.51 -28.25 -29.19
CA VAL A 484 41.46 -28.54 -30.27
C VAL A 484 41.42 -30.01 -30.74
N ASN A 485 41.53 -30.26 -32.05
CA ASN A 485 41.43 -31.61 -32.63
C ASN A 485 42.67 -32.48 -32.30
N PRO A 486 42.55 -33.60 -31.56
CA PRO A 486 43.68 -34.41 -31.11
C PRO A 486 44.58 -34.97 -32.22
N ASN A 487 44.04 -35.19 -33.42
CA ASN A 487 44.79 -35.70 -34.58
C ASN A 487 45.76 -34.65 -35.15
N LEU A 488 45.36 -33.37 -35.12
CA LEU A 488 46.07 -32.25 -35.77
C LEU A 488 47.17 -31.65 -34.88
N ILE A 489 47.26 -31.99 -33.60
CA ILE A 489 48.24 -31.38 -32.67
C ILE A 489 49.69 -31.58 -33.15
N LYS A 490 49.94 -32.69 -33.84
CA LYS A 490 51.24 -33.04 -34.41
C LYS A 490 51.70 -32.12 -35.55
N GLN A 491 50.82 -31.30 -36.13
CA GLN A 491 51.23 -30.19 -37.00
C GLN A 491 52.02 -29.06 -36.26
N PHE A 492 51.86 -28.90 -34.94
CA PHE A 492 52.21 -27.66 -34.19
C PHE A 492 53.41 -27.77 -33.25
N GLU A 493 53.44 -28.90 -32.56
CA GLU A 493 54.49 -29.52 -31.74
C GLU A 493 55.86 -29.56 -32.43
N GLN A 494 55.84 -29.69 -33.77
CA GLN A 494 57.00 -29.58 -34.66
C GLN A 494 57.61 -28.16 -34.71
N ASN A 495 56.80 -27.15 -34.39
CA ASN A 495 57.05 -25.72 -34.57
C ASN A 495 56.95 -25.00 -33.22
N ASP A 496 56.82 -23.67 -33.28
CA ASP A 496 56.99 -22.75 -32.15
C ASP A 496 55.85 -22.79 -31.11
N LEU A 497 54.65 -23.26 -31.50
CA LEU A 497 53.47 -23.31 -30.65
C LEU A 497 53.43 -24.66 -29.94
N SER A 498 53.89 -24.69 -28.70
CA SER A 498 53.79 -25.86 -27.85
C SER A 498 52.39 -25.93 -27.22
N PHE A 499 51.82 -27.14 -27.18
CA PHE A 499 50.66 -27.47 -26.36
C PHE A 499 51.20 -28.05 -25.07
N VAL A 500 50.92 -27.39 -23.96
CA VAL A 500 51.67 -27.49 -22.72
C VAL A 500 50.83 -28.05 -21.58
N GLY A 501 49.52 -27.81 -21.61
CA GLY A 501 48.59 -28.31 -20.61
C GLY A 501 47.57 -29.14 -21.35
N GLN A 502 47.13 -30.24 -20.75
CA GLN A 502 46.07 -31.11 -21.23
C GLN A 502 45.15 -31.50 -20.07
N ASP A 503 43.99 -32.04 -20.39
CA ASP A 503 43.15 -32.74 -19.41
C ASP A 503 43.79 -34.10 -19.05
N VAL A 504 43.27 -34.71 -17.98
CA VAL A 504 43.62 -36.06 -17.54
C VAL A 504 43.29 -37.15 -18.59
N ASP A 505 42.28 -36.89 -19.44
CA ASP A 505 41.86 -37.76 -20.55
C ASP A 505 42.90 -37.78 -21.69
N GLY A 506 43.71 -36.73 -21.81
CA GLY A 506 44.72 -36.54 -22.85
C GLY A 506 44.14 -36.17 -24.20
N ASP A 507 42.83 -35.96 -24.29
CA ASP A 507 42.17 -35.57 -25.52
C ASP A 507 42.27 -34.08 -25.78
N ARG A 508 41.97 -33.24 -24.78
CA ARG A 508 41.97 -31.79 -24.96
C ARG A 508 43.30 -31.25 -24.52
N MET A 509 43.95 -30.54 -25.41
CA MET A 509 44.94 -29.58 -25.00
C MET A 509 44.20 -28.37 -24.43
N GLU A 510 44.64 -27.89 -23.29
CA GLU A 510 43.98 -26.86 -22.48
C GLU A 510 44.88 -25.66 -22.18
N ILE A 511 46.18 -25.76 -22.47
CA ILE A 511 47.09 -24.63 -22.43
C ILE A 511 48.04 -24.73 -23.63
N ILE A 512 48.29 -23.60 -24.28
CA ILE A 512 49.35 -23.37 -25.26
C ILE A 512 50.34 -22.31 -24.79
N GLU A 513 51.60 -22.47 -25.17
CA GLU A 513 52.62 -21.44 -25.03
C GLU A 513 53.41 -21.38 -26.34
N LEU A 514 53.57 -20.17 -26.89
CA LEU A 514 54.46 -19.90 -28.01
C LEU A 514 55.86 -19.63 -27.47
N ALA A 515 56.82 -20.48 -27.85
CA ALA A 515 58.15 -20.54 -27.24
C ALA A 515 59.06 -19.35 -27.59
N ASN A 516 59.01 -18.89 -28.85
CA ASN A 516 59.90 -17.85 -29.38
C ASN A 516 59.27 -16.46 -29.22
N HIS A 517 58.82 -16.15 -28.01
CA HIS A 517 58.07 -14.95 -27.65
C HIS A 517 58.23 -14.74 -26.12
N PRO A 518 58.35 -13.48 -25.64
CA PRO A 518 58.38 -13.16 -24.20
C PRO A 518 57.29 -13.78 -23.33
N TYR A 519 56.04 -13.80 -23.81
CA TYR A 519 54.88 -14.30 -23.09
C TYR A 519 53.70 -14.29 -24.06
N PHE A 520 53.44 -15.42 -24.73
CA PHE A 520 52.24 -15.61 -25.53
C PHE A 520 51.68 -16.94 -25.08
N VAL A 521 50.67 -16.87 -24.21
CA VAL A 521 50.03 -18.03 -23.63
C VAL A 521 48.55 -18.00 -24.01
N GLY A 522 47.97 -19.19 -24.13
CA GLY A 522 46.55 -19.38 -24.34
C GLY A 522 46.14 -20.42 -23.30
N VAL A 523 44.98 -20.23 -22.67
CA VAL A 523 44.37 -21.16 -21.74
C VAL A 523 42.89 -21.38 -22.11
N GLN A 524 42.40 -22.61 -21.98
CA GLN A 524 40.99 -22.97 -22.19
C GLN A 524 40.09 -22.62 -21.01
N PHE A 525 40.60 -22.73 -19.78
CA PHE A 525 39.91 -22.31 -18.58
C PHE A 525 39.83 -20.79 -18.45
N HIS A 526 38.94 -20.33 -17.59
CA HIS A 526 38.86 -18.96 -17.11
C HIS A 526 39.55 -18.84 -15.74
N PRO A 527 40.85 -18.49 -15.68
CA PRO A 527 41.53 -18.32 -14.40
C PRO A 527 41.15 -17.01 -13.71
N GLU A 528 40.36 -16.15 -14.33
CA GLU A 528 39.76 -14.98 -13.70
C GLU A 528 38.96 -15.34 -12.45
N PHE A 529 38.16 -16.40 -12.51
CA PHE A 529 37.20 -16.76 -11.45
C PHE A 529 37.90 -17.25 -10.17
N SER A 530 39.15 -17.64 -10.31
CA SER A 530 40.06 -18.03 -9.26
C SER A 530 40.82 -16.84 -8.66
N SER A 531 40.87 -15.68 -9.32
CA SER A 531 41.58 -14.48 -8.86
C SER A 531 40.97 -13.93 -7.57
N ARG A 532 41.81 -13.57 -6.60
CA ARG A 532 41.44 -12.88 -5.36
C ARG A 532 42.55 -11.89 -4.98
N PRO A 533 42.30 -10.79 -4.25
CA PRO A 533 43.33 -9.78 -3.98
C PRO A 533 44.61 -10.32 -3.35
N MET A 534 44.46 -11.30 -2.46
CA MET A 534 45.55 -11.96 -1.75
C MET A 534 46.38 -12.92 -2.62
N LYS A 535 45.85 -13.39 -3.77
CA LYS A 535 46.43 -14.39 -4.68
C LYS A 535 46.03 -14.10 -6.15
N PRO A 536 46.71 -13.16 -6.81
CA PRO A 536 46.55 -12.86 -8.25
C PRO A 536 46.59 -14.12 -9.13
N SER A 537 45.71 -14.15 -10.12
CA SER A 537 45.57 -15.23 -11.09
C SER A 537 46.83 -15.34 -11.96
N PRO A 538 47.60 -16.43 -11.88
CA PRO A 538 48.94 -16.48 -12.47
C PRO A 538 49.04 -16.13 -13.96
N PRO A 539 48.10 -16.51 -14.84
CA PRO A 539 48.09 -16.08 -16.24
C PRO A 539 47.96 -14.56 -16.47
N TYR A 540 47.27 -13.87 -15.58
CA TYR A 540 47.07 -12.42 -15.57
C TYR A 540 48.29 -11.71 -14.96
N LEU A 541 48.85 -12.30 -13.90
CA LEU A 541 50.08 -11.82 -13.25
C LEU A 541 51.27 -11.86 -14.21
N GLY A 542 51.40 -12.95 -14.96
CA GLY A 542 52.39 -13.15 -16.00
C GLY A 542 52.28 -12.09 -17.11
N LEU A 543 51.06 -11.71 -17.51
CA LEU A 543 50.80 -10.68 -18.52
C LEU A 543 51.34 -9.31 -18.09
N LEU A 544 51.02 -8.88 -16.86
CA LEU A 544 51.48 -7.61 -16.32
C LEU A 544 52.98 -7.60 -16.01
N LEU A 545 53.50 -8.71 -15.49
CA LEU A 545 54.94 -8.91 -15.31
C LEU A 545 55.70 -8.83 -16.62
N ALA A 546 55.20 -9.48 -17.69
CA ALA A 546 55.79 -9.45 -19.02
C ALA A 546 55.75 -8.05 -19.64
N ALA A 547 54.58 -7.41 -19.57
CA ALA A 547 54.31 -6.07 -20.08
C ALA A 547 55.16 -4.96 -19.43
N THR A 548 55.65 -5.20 -18.21
CA THR A 548 56.49 -4.28 -17.47
C THR A 548 57.96 -4.76 -17.40
N GLY A 549 58.28 -5.91 -18.00
CA GLY A 549 59.63 -6.48 -18.09
C GLY A 549 60.09 -7.20 -16.79
N ASN A 550 59.28 -7.15 -15.73
CA ASN A 550 59.55 -7.71 -14.41
C ASN A 550 59.44 -9.24 -14.33
N LEU A 551 58.97 -9.89 -15.40
CA LEU A 551 58.78 -11.34 -15.54
C LEU A 551 60.03 -12.14 -15.20
N ASN A 552 61.16 -11.77 -15.81
CA ASN A 552 62.45 -12.44 -15.63
C ASN A 552 63.09 -12.17 -14.27
N ALA A 553 62.61 -11.15 -13.55
CA ALA A 553 62.99 -10.89 -12.16
C ALA A 553 62.14 -11.74 -11.21
N TYR A 554 60.84 -11.85 -11.50
CA TYR A 554 59.89 -12.69 -10.76
C TYR A 554 60.23 -14.17 -10.88
N LEU A 555 60.51 -14.64 -12.11
CA LEU A 555 60.94 -15.99 -12.43
C LEU A 555 62.45 -16.19 -12.16
N GLN A 556 62.92 -15.70 -11.00
CA GLN A 556 64.32 -15.65 -10.58
C GLN A 556 64.32 -15.29 -9.10
N MET B 1 -13.45 25.17 -16.28
CA MET B 1 -12.10 25.65 -16.73
C MET B 1 -11.30 24.39 -17.17
N LYS B 2 -10.12 24.61 -17.75
CA LYS B 2 -9.13 23.56 -18.00
C LYS B 2 -8.15 23.56 -16.82
N TYR B 3 -7.77 22.39 -16.33
CA TYR B 3 -6.92 22.23 -15.16
C TYR B 3 -5.72 21.36 -15.51
N ILE B 4 -4.54 21.75 -15.05
CA ILE B 4 -3.33 20.96 -15.17
C ILE B 4 -2.79 20.79 -13.75
N LEU B 5 -2.85 19.57 -13.23
CA LEU B 5 -2.17 19.22 -11.98
C LEU B 5 -0.72 18.88 -12.30
N VAL B 6 0.21 19.34 -11.47
CA VAL B 6 1.61 19.00 -11.54
C VAL B 6 1.98 18.35 -10.20
N THR B 7 2.20 17.03 -10.21
CA THR B 7 2.62 16.22 -9.09
C THR B 7 4.14 15.98 -9.16
N GLY B 8 4.73 15.68 -8.01
CA GLY B 8 6.15 15.45 -7.85
C GLY B 8 6.38 14.05 -7.34
N GLY B 9 7.47 13.43 -7.82
CA GLY B 9 7.91 12.12 -7.42
C GLY B 9 9.35 12.17 -6.96
N VAL B 10 9.69 11.24 -6.07
CA VAL B 10 11.00 10.91 -5.53
C VAL B 10 11.52 11.95 -4.52
N ILE B 11 11.67 13.20 -4.95
CA ILE B 11 12.25 14.30 -4.17
C ILE B 11 11.69 15.64 -4.68
N SER B 12 11.47 16.61 -3.77
CA SER B 12 10.82 17.87 -4.11
C SER B 12 11.69 18.87 -4.91
N GLY B 13 13.01 18.77 -4.82
CA GLY B 13 13.94 19.74 -5.40
C GLY B 13 14.20 19.58 -6.89
N ILE B 14 13.44 18.73 -7.57
CA ILE B 14 13.46 18.49 -9.01
C ILE B 14 13.04 19.70 -9.85
N GLY B 15 12.55 20.78 -9.23
CA GLY B 15 12.18 21.99 -9.93
C GLY B 15 10.75 22.05 -10.45
N LYS B 16 9.82 21.27 -9.87
CA LYS B 16 8.41 21.19 -10.33
C LYS B 16 7.79 22.57 -10.54
N GLY B 17 8.10 23.53 -9.68
CA GLY B 17 7.58 24.88 -9.78
C GLY B 17 8.08 25.61 -11.01
N ILE B 18 9.33 25.39 -11.43
CA ILE B 18 9.87 25.95 -12.67
C ILE B 18 9.23 25.28 -13.88
N ILE B 19 8.97 23.98 -13.85
CA ILE B 19 8.29 23.22 -14.90
C ILE B 19 6.85 23.71 -15.07
N ALA B 20 6.11 23.78 -13.96
CA ALA B 20 4.76 24.26 -13.90
C ALA B 20 4.63 25.71 -14.37
N SER B 21 5.53 26.58 -13.92
CA SER B 21 5.64 27.95 -14.37
C SER B 21 6.04 28.03 -15.85
N SER B 22 6.89 27.13 -16.33
CA SER B 22 7.29 27.04 -17.72
C SER B 22 6.14 26.67 -18.65
N ILE B 23 5.36 25.65 -18.33
CA ILE B 23 4.16 25.28 -19.08
C ILE B 23 3.10 26.39 -19.03
N GLY B 24 3.00 27.14 -17.93
CA GLY B 24 2.15 28.31 -17.86
C GLY B 24 2.55 29.40 -18.84
N THR B 25 3.84 29.70 -18.98
CA THR B 25 4.28 30.71 -19.98
C THR B 25 4.21 30.21 -21.43
N ILE B 26 4.29 28.90 -21.64
CA ILE B 26 4.04 28.24 -22.93
C ILE B 26 2.59 28.44 -23.38
N LEU B 27 1.65 28.14 -22.49
CA LEU B 27 0.22 28.33 -22.69
C LEU B 27 -0.14 29.82 -22.86
N LYS B 28 0.49 30.71 -22.09
CA LYS B 28 0.38 32.16 -22.26
C LYS B 28 0.91 32.65 -23.61
N SER B 29 2.01 32.09 -24.11
CA SER B 29 2.56 32.36 -25.45
C SER B 29 1.64 31.84 -26.57
N CYS B 30 0.85 30.81 -26.25
CA CYS B 30 -0.23 30.29 -27.09
C CYS B 30 -1.53 31.13 -26.98
N GLY B 31 -1.52 32.21 -26.18
CA GLY B 31 -2.58 33.21 -26.12
C GLY B 31 -3.55 33.00 -24.97
N LEU B 32 -3.33 32.01 -24.09
CA LEU B 32 -4.29 31.63 -23.06
C LEU B 32 -4.10 32.44 -21.76
N ARG B 33 -5.21 32.78 -21.11
CA ARG B 33 -5.26 33.32 -19.75
C ARG B 33 -5.04 32.18 -18.76
N VAL B 34 -3.89 32.17 -18.10
CA VAL B 34 -3.46 31.12 -17.17
C VAL B 34 -3.47 31.65 -15.72
N THR B 35 -4.11 30.89 -14.83
CA THR B 35 -4.02 31.00 -13.36
C THR B 35 -3.02 29.98 -12.83
N ALA B 36 -2.56 30.17 -11.60
CA ALA B 36 -1.80 29.17 -10.89
C ALA B 36 -2.32 29.05 -9.46
N ILE B 37 -2.34 27.84 -8.95
CA ILE B 37 -2.56 27.56 -7.55
C ILE B 37 -1.40 26.70 -7.08
N LYS B 38 -0.85 26.96 -5.90
CA LYS B 38 0.12 26.08 -5.29
C LYS B 38 -0.44 25.46 -4.04
N ILE B 39 -0.46 24.14 -4.01
CA ILE B 39 -0.79 23.38 -2.83
C ILE B 39 0.53 23.13 -2.10
N ASP B 40 0.60 23.53 -0.83
CA ASP B 40 1.67 23.22 0.09
C ASP B 40 1.08 22.41 1.25
N PRO B 41 1.22 21.07 1.24
CA PRO B 41 0.69 20.20 2.30
C PRO B 41 1.14 20.44 3.76
N TYR B 42 1.97 21.44 4.03
CA TYR B 42 2.26 21.89 5.38
C TYR B 42 1.01 22.45 6.11
N ILE B 43 1.01 22.31 7.44
CA ILE B 43 -0.09 22.70 8.33
C ILE B 43 -0.02 24.20 8.72
N ASN B 44 1.08 24.85 8.35
CA ASN B 44 1.32 26.28 8.50
C ASN B 44 0.31 27.08 7.66
N ILE B 45 -0.21 28.15 8.24
CA ILE B 45 -1.05 29.13 7.57
C ILE B 45 -0.18 30.37 7.41
N ASP B 46 0.16 30.65 6.15
CA ASP B 46 1.15 31.62 5.70
C ASP B 46 2.61 31.30 6.09
N ALA B 47 3.54 31.81 5.28
CA ALA B 47 4.97 31.64 5.41
C ALA B 47 5.58 32.62 6.41
N GLY B 48 4.83 33.58 6.93
CA GLY B 48 5.26 34.43 8.05
C GLY B 48 5.66 33.65 9.30
N THR B 49 5.20 32.41 9.43
CA THR B 49 5.53 31.46 10.48
C THR B 49 6.96 30.87 10.33
N PHE B 50 7.58 30.98 9.13
CA PHE B 50 8.86 30.37 8.78
C PHE B 50 10.08 31.24 9.05
N SER B 51 11.21 30.59 9.28
CA SER B 51 12.52 31.20 9.13
C SER B 51 12.88 31.27 7.63
N PRO B 52 13.79 32.18 7.23
CA PRO B 52 14.27 32.24 5.84
C PRO B 52 15.08 31.00 5.39
N TYR B 53 15.56 30.20 6.36
CA TYR B 53 16.34 28.99 6.13
C TYR B 53 15.44 27.78 5.82
N GLU B 54 14.18 27.82 6.25
CA GLU B 54 13.24 26.71 6.15
C GLU B 54 12.73 26.50 4.73
N HIS B 55 11.99 27.48 4.21
CA HIS B 55 11.29 27.38 2.92
C HIS B 55 11.76 28.46 1.94
N GLY B 56 12.94 29.02 2.21
CA GLY B 56 13.50 30.16 1.49
C GLY B 56 12.85 31.44 2.03
N GLU B 57 12.95 32.51 1.25
CA GLU B 57 12.32 33.79 1.54
C GLU B 57 10.80 33.70 1.68
N VAL B 58 10.24 34.66 2.40
CA VAL B 58 8.81 34.97 2.40
C VAL B 58 8.56 35.96 1.28
N PHE B 59 7.98 35.47 0.20
CA PHE B 59 7.44 36.28 -0.87
C PHE B 59 6.18 36.99 -0.35
N VAL B 60 6.00 38.25 -0.72
CA VAL B 60 4.85 39.05 -0.29
C VAL B 60 3.99 39.36 -1.48
N LEU B 61 2.69 39.13 -1.36
CA LEU B 61 1.68 39.36 -2.39
C LEU B 61 1.05 40.75 -2.28
N ASN B 62 0.35 41.24 -3.31
CA ASN B 62 -0.29 42.56 -3.27
C ASN B 62 -1.28 42.70 -2.10
N ASP B 63 -2.07 41.68 -1.80
CA ASP B 63 -3.04 41.68 -0.69
C ASP B 63 -2.40 41.50 0.71
N GLY B 64 -1.09 41.42 0.82
CA GLY B 64 -0.40 41.21 2.10
C GLY B 64 -0.23 39.76 2.51
N GLY B 65 -0.52 38.79 1.63
CA GLY B 65 -0.21 37.39 1.90
C GLY B 65 1.30 37.15 1.98
N GLU B 66 1.73 36.36 2.95
CA GLU B 66 3.11 35.91 3.11
C GLU B 66 3.19 34.44 2.66
N VAL B 67 3.95 34.14 1.61
CA VAL B 67 3.99 32.83 0.94
C VAL B 67 5.43 32.44 0.58
N ASP B 68 5.72 31.16 0.38
CA ASP B 68 7.02 30.70 -0.10
C ASP B 68 7.30 31.16 -1.55
N LEU B 69 8.58 31.18 -1.88
CA LEU B 69 9.14 31.77 -3.08
C LEU B 69 8.56 31.22 -4.38
N ASP B 70 7.97 30.02 -4.37
CA ASP B 70 7.39 29.42 -5.57
C ASP B 70 6.15 30.15 -6.09
N LEU B 71 5.38 30.89 -5.26
CA LEU B 71 4.42 31.83 -5.85
C LEU B 71 5.09 33.03 -6.53
N GLY B 72 6.33 33.36 -6.19
CA GLY B 72 7.11 34.29 -6.98
C GLY B 72 7.52 33.75 -8.33
N ASN B 73 7.80 32.45 -8.46
CA ASN B 73 8.06 31.84 -9.76
C ASN B 73 6.84 31.92 -10.68
N TYR B 74 5.62 31.66 -10.22
CA TYR B 74 4.44 31.89 -11.06
C TYR B 74 4.25 33.36 -11.40
N GLU B 75 4.47 34.29 -10.48
CA GLU B 75 4.39 35.72 -10.78
C GLU B 75 5.41 36.16 -11.84
N ARG B 76 6.67 35.74 -11.73
CA ARG B 76 7.74 36.11 -12.64
C ARG B 76 7.58 35.50 -14.03
N PHE B 77 7.15 34.24 -14.14
CA PHE B 77 6.98 33.57 -15.44
C PHE B 77 5.70 33.99 -16.18
N LEU B 78 4.59 34.17 -15.48
CA LEU B 78 3.30 34.48 -16.10
C LEU B 78 2.99 35.98 -16.18
N ASP B 79 3.72 36.86 -15.48
CA ASP B 79 3.38 38.29 -15.28
C ASP B 79 1.97 38.48 -14.68
N ILE B 80 1.79 37.85 -13.54
CA ILE B 80 0.50 37.62 -12.81
C ILE B 80 0.63 38.19 -11.41
N ASN B 81 -0.50 38.50 -10.77
CA ASN B 81 -0.58 39.00 -9.41
C ASN B 81 -1.46 38.08 -8.57
N LEU B 82 -0.85 37.15 -7.86
CA LEU B 82 -1.53 36.12 -7.09
C LEU B 82 -2.14 36.66 -5.81
N TYR B 83 -3.23 36.03 -5.38
CA TYR B 83 -3.88 36.33 -4.10
C TYR B 83 -3.47 35.30 -3.06
N LYS B 84 -3.62 35.60 -1.78
CA LYS B 84 -3.23 34.69 -0.69
C LYS B 84 -3.91 33.33 -0.75
N ASP B 85 -5.10 33.24 -1.34
CA ASP B 85 -5.84 31.99 -1.51
C ASP B 85 -5.49 31.23 -2.80
N ASN B 86 -4.57 31.72 -3.64
CA ASN B 86 -3.87 30.89 -4.61
C ASN B 86 -2.76 30.03 -3.98
N ASN B 87 -2.48 30.18 -2.68
CA ASN B 87 -1.76 29.19 -1.89
C ASN B 87 -2.79 28.41 -1.09
N ILE B 88 -2.88 27.12 -1.30
CA ILE B 88 -3.67 26.20 -0.48
C ILE B 88 -2.72 25.49 0.45
N THR B 89 -3.06 25.40 1.72
CA THR B 89 -2.33 24.59 2.68
C THR B 89 -3.32 23.71 3.44
N THR B 90 -2.81 22.64 4.04
CA THR B 90 -3.53 21.74 4.92
C THR B 90 -4.12 22.48 6.14
N GLY B 91 -3.39 23.47 6.66
CA GLY B 91 -3.84 24.29 7.78
C GLY B 91 -5.06 25.11 7.39
N LYS B 92 -5.00 25.74 6.21
CA LYS B 92 -6.04 26.60 5.65
C LYS B 92 -7.33 25.85 5.33
N ILE B 93 -7.22 24.62 4.85
CA ILE B 93 -8.35 23.75 4.53
C ILE B 93 -8.94 23.03 5.76
N TYR B 94 -8.11 22.49 6.65
CA TYR B 94 -8.59 21.89 7.89
C TYR B 94 -9.29 22.92 8.79
N GLN B 95 -8.73 24.13 8.92
CA GLN B 95 -9.35 25.19 9.71
C GLN B 95 -10.69 25.66 9.11
N HIS B 96 -10.78 25.72 7.78
CA HIS B 96 -12.01 25.98 7.04
C HIS B 96 -13.13 24.97 7.35
N VAL B 97 -12.81 23.68 7.28
CA VAL B 97 -13.75 22.61 7.58
C VAL B 97 -14.17 22.57 9.06
N ILE B 98 -13.21 22.78 9.97
CA ILE B 98 -13.46 22.92 11.41
C ILE B 98 -14.39 24.10 11.74
N ASN B 99 -14.20 25.23 11.06
CA ASN B 99 -15.02 26.42 11.21
C ASN B 99 -16.44 26.19 10.66
N LYS B 100 -16.57 25.57 9.48
CA LYS B 100 -17.85 25.14 8.92
C LYS B 100 -18.63 24.17 9.84
N GLU B 101 -17.93 23.20 10.44
CA GLU B 101 -18.46 22.26 11.41
C GLU B 101 -19.08 22.95 12.63
N ARG B 102 -18.31 23.86 13.26
CA ARG B 102 -18.77 24.66 14.39
C ARG B 102 -19.95 25.60 14.08
N ARG B 103 -20.08 26.04 12.82
CA ARG B 103 -21.21 26.83 12.35
C ARG B 103 -22.45 25.97 12.01
N GLY B 104 -22.32 24.64 11.99
CA GLY B 104 -23.39 23.72 11.69
C GLY B 104 -23.62 23.55 10.18
N ASP B 105 -22.69 24.05 9.34
CA ASP B 105 -22.80 24.09 7.87
C ASP B 105 -22.80 22.71 7.20
N TYR B 106 -22.44 21.66 7.96
CA TYR B 106 -22.50 20.26 7.54
C TYR B 106 -23.73 19.54 8.09
N LEU B 107 -24.71 20.27 8.65
CA LEU B 107 -26.07 19.83 8.97
C LEU B 107 -26.13 18.59 9.88
N GLY B 108 -25.26 18.56 10.89
CA GLY B 108 -25.21 17.51 11.90
C GLY B 108 -24.56 16.21 11.41
N LYS B 109 -24.08 16.15 10.15
CA LYS B 109 -23.33 15.02 9.62
C LYS B 109 -21.91 15.01 10.21
N THR B 110 -21.39 13.81 10.42
CA THR B 110 -19.99 13.53 10.76
C THR B 110 -19.03 14.07 9.70
N VAL B 111 -18.20 15.04 10.06
CA VAL B 111 -17.18 15.57 9.16
C VAL B 111 -15.96 14.64 9.17
N GLN B 112 -15.49 14.29 7.98
CA GLN B 112 -14.42 13.35 7.75
C GLN B 112 -13.71 13.70 6.45
N VAL B 113 -12.44 13.29 6.34
CA VAL B 113 -11.50 13.72 5.30
C VAL B 113 -12.04 13.52 3.88
N VAL B 114 -12.52 12.31 3.60
CA VAL B 114 -13.34 12.04 2.44
C VAL B 114 -14.78 11.89 2.99
N PRO B 115 -15.75 12.71 2.54
CA PRO B 115 -15.63 13.69 1.44
C PRO B 115 -15.16 15.10 1.83
N HIS B 116 -15.32 15.54 3.08
CA HIS B 116 -15.45 16.96 3.43
C HIS B 116 -14.21 17.84 3.22
N ILE B 117 -13.03 17.28 3.54
CA ILE B 117 -11.75 17.93 3.26
C ILE B 117 -11.43 17.89 1.76
N THR B 118 -11.72 16.77 1.10
CA THR B 118 -11.53 16.64 -0.35
C THR B 118 -12.44 17.59 -1.16
N ASP B 119 -13.69 17.77 -0.74
CA ASP B 119 -14.62 18.75 -1.29
C ASP B 119 -14.11 20.19 -1.09
N ALA B 120 -13.60 20.50 0.11
CA ALA B 120 -12.99 21.81 0.40
C ALA B 120 -11.83 22.16 -0.55
N VAL B 121 -10.96 21.19 -0.89
CA VAL B 121 -9.94 21.35 -1.92
C VAL B 121 -10.55 21.66 -3.29
N GLN B 122 -11.54 20.87 -3.72
CA GLN B 122 -12.24 21.04 -4.98
C GLN B 122 -12.96 22.40 -5.11
N GLU B 123 -13.73 22.77 -4.07
CA GLU B 123 -14.41 24.06 -3.93
C GLU B 123 -13.45 25.25 -4.11
N TRP B 124 -12.31 25.18 -3.42
CA TRP B 124 -11.29 26.19 -3.39
C TRP B 124 -10.59 26.32 -4.74
N VAL B 125 -10.18 25.20 -5.33
CA VAL B 125 -9.52 25.13 -6.62
C VAL B 125 -10.41 25.61 -7.77
N MET B 126 -11.69 25.23 -7.77
CA MET B 126 -12.66 25.67 -8.78
C MET B 126 -12.87 27.19 -8.77
N ASN B 127 -13.00 27.76 -7.57
CA ASN B 127 -13.22 29.19 -7.38
C ASN B 127 -11.96 30.04 -7.55
N GLN B 128 -10.82 29.64 -6.99
CA GLN B 128 -9.58 30.39 -7.17
C GLN B 128 -9.06 30.30 -8.59
N ALA B 129 -9.36 29.25 -9.35
CA ALA B 129 -9.06 29.19 -10.77
C ALA B 129 -9.76 30.28 -11.58
N LYS B 130 -10.99 30.64 -11.19
CA LYS B 130 -11.83 31.67 -11.79
C LYS B 130 -11.43 33.11 -11.43
N VAL B 131 -10.55 33.29 -10.44
CA VAL B 131 -10.13 34.61 -9.99
C VAL B 131 -9.38 35.32 -11.13
N PRO B 132 -9.72 36.56 -11.51
CA PRO B 132 -8.89 37.32 -12.42
C PRO B 132 -7.55 37.66 -11.72
N VAL B 133 -6.50 36.98 -12.14
CA VAL B 133 -5.15 37.01 -11.53
C VAL B 133 -4.13 37.76 -12.40
N ASP B 134 -4.41 37.84 -13.70
CA ASP B 134 -3.95 38.89 -14.60
C ASP B 134 -4.66 40.22 -14.22
N GLY B 135 -4.24 41.35 -14.80
CA GLY B 135 -4.96 42.63 -14.66
C GLY B 135 -6.26 42.67 -15.47
N ASN B 136 -6.37 41.83 -16.50
CA ASN B 136 -7.57 41.61 -17.29
C ASN B 136 -8.64 40.93 -16.43
N LYS B 137 -9.82 41.56 -16.36
CA LYS B 137 -10.99 41.15 -15.57
C LYS B 137 -11.73 39.92 -16.14
N GLU B 138 -11.32 39.44 -17.31
CA GLU B 138 -11.88 38.29 -18.00
C GLU B 138 -11.46 36.99 -17.29
N GLU B 139 -12.42 36.07 -17.13
CA GLU B 139 -12.21 34.81 -16.42
C GLU B 139 -11.14 33.93 -17.14
N PRO B 140 -10.14 33.42 -16.39
CA PRO B 140 -9.10 32.51 -16.91
C PRO B 140 -9.58 31.26 -17.66
N GLN B 141 -8.65 30.68 -18.44
CA GLN B 141 -8.90 29.55 -19.32
C GLN B 141 -8.25 28.27 -18.81
N ILE B 142 -7.03 28.38 -18.26
CA ILE B 142 -6.29 27.27 -17.67
C ILE B 142 -5.89 27.63 -16.24
N CYS B 143 -5.85 26.63 -15.35
CA CYS B 143 -5.28 26.74 -14.02
C CYS B 143 -4.23 25.64 -13.86
N VAL B 144 -2.98 26.02 -13.64
CA VAL B 144 -1.88 25.12 -13.31
C VAL B 144 -1.82 24.96 -11.79
N ILE B 145 -2.02 23.75 -11.29
CA ILE B 145 -2.00 23.45 -9.87
C ILE B 145 -0.75 22.62 -9.58
N GLU B 146 0.23 23.20 -8.89
CA GLU B 146 1.36 22.45 -8.39
C GLU B 146 1.01 21.84 -7.03
N LEU B 147 1.00 20.52 -6.95
CA LEU B 147 0.93 19.78 -5.71
C LEU B 147 2.36 19.63 -5.19
N GLY B 148 2.67 20.43 -4.15
CA GLY B 148 3.93 20.41 -3.45
C GLY B 148 4.10 19.12 -2.64
N GLY B 149 5.35 18.83 -2.27
CA GLY B 149 5.73 17.59 -1.64
C GLY B 149 6.03 16.55 -2.72
N THR B 150 6.10 15.29 -2.30
CA THR B 150 6.30 14.14 -3.16
C THR B 150 5.08 13.24 -2.98
N ILE B 151 4.49 12.76 -4.08
CA ILE B 151 3.35 11.86 -4.02
C ILE B 151 3.73 10.55 -3.28
N GLY B 152 3.00 10.31 -2.17
CA GLY B 152 3.31 9.24 -1.24
C GLY B 152 3.64 9.81 0.16
N ASP B 153 3.88 11.12 0.33
CA ASP B 153 3.94 11.72 1.66
C ASP B 153 2.52 11.84 2.23
N ILE B 154 2.39 11.56 3.53
CA ILE B 154 1.11 11.43 4.22
C ILE B 154 0.24 12.69 4.19
N GLU B 155 0.86 13.86 4.24
CA GLU B 155 0.21 15.16 4.18
C GLU B 155 -0.45 15.44 2.81
N GLY B 156 0.06 14.82 1.74
CA GLY B 156 -0.43 15.00 0.38
C GLY B 156 -1.67 14.15 0.10
N MET B 157 -1.99 13.17 0.95
CA MET B 157 -3.06 12.20 0.71
C MET B 157 -4.50 12.73 0.53
N PRO B 158 -4.93 13.79 1.28
CA PRO B 158 -6.20 14.47 0.99
C PRO B 158 -6.28 15.10 -0.41
N PHE B 159 -5.17 15.68 -0.89
CA PHE B 159 -5.11 16.43 -2.13
C PHE B 159 -5.13 15.52 -3.35
N VAL B 160 -4.39 14.42 -3.33
CA VAL B 160 -4.43 13.43 -4.42
C VAL B 160 -5.78 12.71 -4.50
N GLU B 161 -6.43 12.47 -3.35
CA GLU B 161 -7.78 11.91 -3.28
C GLU B 161 -8.82 12.89 -3.83
N ALA B 162 -8.70 14.18 -3.49
CA ALA B 162 -9.47 15.27 -4.11
C ALA B 162 -9.27 15.34 -5.61
N PHE B 163 -8.01 15.29 -6.07
CA PHE B 163 -7.70 15.33 -7.49
C PHE B 163 -8.10 14.09 -8.29
N ARG B 164 -8.10 12.90 -7.64
CA ARG B 164 -8.69 11.67 -8.18
C ARG B 164 -10.16 11.87 -8.51
N GLN B 165 -10.94 12.35 -7.53
CA GLN B 165 -12.35 12.70 -7.65
C GLN B 165 -12.61 13.80 -8.69
N PHE B 166 -11.73 14.80 -8.73
CA PHE B 166 -11.78 15.96 -9.61
C PHE B 166 -11.67 15.62 -11.11
N GLN B 167 -10.99 14.52 -11.47
CA GLN B 167 -11.01 13.95 -12.82
C GLN B 167 -12.45 13.65 -13.30
N PHE B 168 -13.21 13.03 -12.39
CA PHE B 168 -14.52 12.45 -12.66
C PHE B 168 -15.61 13.51 -12.46
N LYS B 169 -15.43 14.38 -11.47
CA LYS B 169 -16.23 15.58 -11.21
C LYS B 169 -15.80 16.76 -12.10
N ALA B 170 -15.39 16.45 -13.33
CA ALA B 170 -15.01 17.35 -14.41
C ALA B 170 -15.12 16.52 -15.71
N LYS B 171 -14.16 16.68 -16.62
CA LYS B 171 -14.01 15.89 -17.83
C LYS B 171 -12.52 15.70 -18.08
N ARG B 172 -12.15 14.65 -18.81
CA ARG B 172 -10.76 14.42 -19.28
C ARG B 172 -10.28 15.50 -20.25
N GLU B 173 -11.21 16.11 -20.98
CA GLU B 173 -11.03 17.30 -21.80
C GLU B 173 -10.59 18.54 -20.99
N ASN B 174 -10.80 18.50 -19.67
CA ASN B 174 -10.67 19.63 -18.77
C ASN B 174 -9.65 19.35 -17.67
N PHE B 175 -9.04 18.18 -17.57
CA PHE B 175 -8.08 17.87 -16.52
C PHE B 175 -6.97 17.01 -17.10
N CYS B 176 -5.72 17.33 -16.81
CA CYS B 176 -4.62 16.40 -16.98
C CYS B 176 -3.61 16.55 -15.84
N ASN B 177 -2.76 15.55 -15.67
CA ASN B 177 -1.76 15.45 -14.63
C ASN B 177 -0.35 15.29 -15.23
N ILE B 178 0.59 16.15 -14.85
CA ILE B 178 2.01 16.06 -15.16
C ILE B 178 2.70 15.49 -13.94
N HIS B 179 3.46 14.41 -14.08
CA HIS B 179 4.26 13.90 -12.98
C HIS B 179 5.72 14.22 -13.22
N VAL B 180 6.38 14.94 -12.32
CA VAL B 180 7.78 15.31 -12.43
C VAL B 180 8.54 14.40 -11.49
N SER B 181 9.61 13.77 -11.95
CA SER B 181 10.29 12.73 -11.19
C SER B 181 11.79 12.72 -11.43
N LEU B 182 12.58 12.38 -10.41
CA LEU B 182 14.02 12.22 -10.51
C LEU B 182 14.37 10.91 -11.23
N VAL B 183 15.20 11.01 -12.27
CA VAL B 183 15.89 9.89 -12.89
C VAL B 183 17.34 9.97 -12.41
N PRO B 184 17.72 9.31 -11.31
CA PRO B 184 19.07 9.41 -10.80
C PRO B 184 20.08 8.81 -11.78
N GLN B 185 21.23 9.47 -11.90
CA GLN B 185 22.33 9.06 -12.75
C GLN B 185 23.50 8.67 -11.87
N LEU B 186 23.93 7.42 -11.93
CA LEU B 186 25.02 6.91 -11.11
C LEU B 186 26.39 7.38 -11.60
N SER B 187 27.30 7.57 -10.64
CA SER B 187 28.64 8.14 -10.83
C SER B 187 29.55 7.24 -11.67
N ALA B 188 29.85 6.05 -11.14
CA ALA B 188 30.82 5.10 -11.69
C ALA B 188 30.50 4.58 -13.10
N THR B 189 29.21 4.32 -13.36
CA THR B 189 28.75 3.70 -14.59
C THR B 189 28.15 4.73 -15.58
N GLY B 190 27.83 5.95 -15.17
CA GLY B 190 27.05 6.91 -15.95
C GLY B 190 25.57 6.51 -16.14
N GLU B 191 25.13 5.40 -15.56
CA GLU B 191 23.84 4.76 -15.82
C GLU B 191 22.67 5.54 -15.22
N GLN B 192 21.69 5.89 -16.06
CA GLN B 192 20.45 6.55 -15.65
C GLN B 192 19.42 5.52 -15.19
N LYS B 193 18.96 5.60 -13.94
CA LYS B 193 18.03 4.66 -13.34
C LYS B 193 16.61 5.21 -13.37
N THR B 194 15.69 4.36 -13.83
CA THR B 194 14.26 4.63 -14.02
C THR B 194 13.38 4.09 -12.89
N LYS B 195 13.93 3.27 -12.01
CA LYS B 195 13.22 2.59 -10.92
C LYS B 195 12.42 3.52 -9.96
N PRO B 196 12.98 4.67 -9.50
CA PRO B 196 12.21 5.60 -8.65
C PRO B 196 11.00 6.21 -9.35
N THR B 197 11.13 6.55 -10.64
CA THR B 197 10.05 7.07 -11.48
C THR B 197 8.95 6.05 -11.72
N GLN B 198 9.31 4.78 -11.91
CA GLN B 198 8.39 3.66 -12.02
C GLN B 198 7.60 3.41 -10.73
N ASN B 199 8.31 3.44 -9.60
CA ASN B 199 7.75 3.24 -8.25
C ASN B 199 6.85 4.41 -7.85
N SER B 200 7.25 5.65 -8.19
CA SER B 200 6.50 6.87 -7.92
C SER B 200 5.22 6.95 -8.77
N VAL B 201 5.29 6.59 -10.05
CA VAL B 201 4.12 6.44 -10.93
C VAL B 201 3.20 5.31 -10.45
N ARG B 202 3.71 4.20 -9.92
CA ARG B 202 2.93 3.14 -9.32
C ARG B 202 2.15 3.61 -8.07
N ALA B 203 2.80 4.42 -7.22
CA ALA B 203 2.19 5.07 -6.07
C ALA B 203 1.09 6.07 -6.47
N LEU B 204 1.38 6.94 -7.42
CA LEU B 204 0.47 7.92 -8.01
C LEU B 204 -0.73 7.27 -8.67
N ARG B 205 -0.52 6.20 -9.42
CA ARG B 205 -1.57 5.41 -10.06
C ARG B 205 -2.37 4.56 -9.06
N GLY B 206 -1.79 4.26 -7.89
CA GLY B 206 -2.46 3.66 -6.74
C GLY B 206 -3.35 4.66 -5.99
N LEU B 207 -3.10 5.97 -6.14
CA LEU B 207 -3.93 7.06 -5.63
C LEU B 207 -4.96 7.52 -6.67
N GLY B 208 -5.03 6.84 -7.82
CA GLY B 208 -6.11 6.95 -8.79
C GLY B 208 -5.92 8.11 -9.79
N LEU B 209 -4.70 8.63 -9.92
CA LEU B 209 -4.29 9.57 -10.97
C LEU B 209 -3.24 8.87 -11.85
N SER B 210 -3.35 8.92 -13.17
CA SER B 210 -2.29 8.44 -14.08
C SER B 210 -1.52 9.60 -14.68
N PRO B 211 -0.18 9.52 -14.81
CA PRO B 211 0.57 10.49 -15.60
C PRO B 211 -0.01 10.62 -17.00
N ASP B 212 -0.33 11.84 -17.39
CA ASP B 212 -0.60 12.20 -18.77
C ASP B 212 0.66 12.68 -19.49
N LEU B 213 1.60 13.29 -18.77
CA LEU B 213 3.00 13.49 -19.14
C LEU B 213 3.88 13.08 -17.95
N ILE B 214 5.02 12.44 -18.21
CA ILE B 214 6.07 12.20 -17.21
C ILE B 214 7.25 13.08 -17.58
N VAL B 215 7.66 13.97 -16.69
CA VAL B 215 8.79 14.85 -16.87
C VAL B 215 9.93 14.33 -16.03
N CYS B 216 10.92 13.79 -16.69
CA CYS B 216 12.14 13.26 -16.13
C CYS B 216 13.06 14.40 -15.79
N ARG B 217 13.39 14.60 -14.53
CA ARG B 217 14.61 15.35 -14.33
C ARG B 217 15.86 14.58 -13.90
N SER B 218 16.80 14.83 -14.77
CA SER B 218 18.06 14.14 -14.97
C SER B 218 19.20 15.16 -15.04
N SER B 219 20.43 14.78 -14.68
CA SER B 219 21.60 15.65 -14.85
C SER B 219 22.00 15.83 -16.31
N THR B 220 22.04 14.75 -17.07
CA THR B 220 22.33 14.70 -18.52
C THR B 220 21.00 14.49 -19.28
N PRO B 221 20.86 14.81 -20.57
CA PRO B 221 19.72 14.33 -21.37
C PRO B 221 19.59 12.80 -21.29
N ILE B 222 18.38 12.26 -21.14
CA ILE B 222 18.20 10.80 -21.03
C ILE B 222 18.37 10.08 -22.36
N GLU B 223 19.00 8.90 -22.35
CA GLU B 223 19.12 8.02 -23.52
C GLU B 223 17.78 7.43 -23.97
N MET B 224 17.66 7.02 -25.24
CA MET B 224 16.41 6.40 -25.73
C MET B 224 16.06 5.11 -24.99
N ALA B 225 17.03 4.28 -24.61
CA ALA B 225 16.78 3.08 -23.81
C ALA B 225 16.15 3.37 -22.45
N VAL B 226 16.49 4.52 -21.85
CA VAL B 226 15.96 5.00 -20.58
C VAL B 226 14.53 5.49 -20.76
N LYS B 227 14.27 6.28 -21.82
CA LYS B 227 12.92 6.73 -22.17
C LYS B 227 11.98 5.58 -22.52
N GLU B 228 12.47 4.53 -23.17
CA GLU B 228 11.71 3.31 -23.46
C GLU B 228 11.29 2.54 -22.20
N LYS B 229 12.19 2.32 -21.22
CA LYS B 229 11.84 1.72 -19.93
C LYS B 229 10.73 2.50 -19.19
N ILE B 230 10.86 3.82 -19.16
CA ILE B 230 9.85 4.69 -18.54
C ILE B 230 8.51 4.56 -19.28
N SER B 231 8.49 4.69 -20.59
CA SER B 231 7.24 4.58 -21.37
C SER B 231 6.57 3.19 -21.26
N MET B 232 7.35 2.11 -21.15
CA MET B 232 6.85 0.77 -20.93
C MET B 232 6.31 0.55 -19.50
N PHE B 233 7.17 0.75 -18.49
CA PHE B 233 6.82 0.49 -17.10
C PHE B 233 5.85 1.49 -16.46
N CYS B 234 5.77 2.70 -17.00
CA CYS B 234 4.86 3.74 -16.52
C CYS B 234 3.61 3.87 -17.40
N HIS B 235 3.50 3.04 -18.44
CA HIS B 235 2.31 2.82 -19.28
C HIS B 235 1.79 4.13 -19.90
N VAL B 236 2.70 4.80 -20.59
CA VAL B 236 2.55 6.11 -21.20
C VAL B 236 3.32 6.06 -22.52
N ASN B 237 2.91 6.75 -23.57
CA ASN B 237 3.63 6.69 -24.85
C ASN B 237 5.00 7.41 -24.77
N PRO B 238 6.00 7.04 -25.60
CA PRO B 238 7.31 7.72 -25.64
C PRO B 238 7.28 9.26 -25.77
N GLU B 239 6.32 9.78 -26.55
CA GLU B 239 6.02 11.20 -26.74
C GLU B 239 5.51 11.91 -25.47
N GLN B 240 5.02 11.15 -24.50
CA GLN B 240 4.58 11.61 -23.20
C GLN B 240 5.66 11.50 -22.12
N VAL B 241 6.84 10.96 -22.44
CA VAL B 241 8.00 10.96 -21.56
C VAL B 241 8.92 12.11 -21.98
N ILE B 242 8.89 13.20 -21.21
CA ILE B 242 9.65 14.42 -21.40
C ILE B 242 10.92 14.35 -20.57
N CYS B 243 12.03 14.84 -21.07
CA CYS B 243 13.26 15.00 -20.32
C CYS B 243 13.60 16.47 -20.17
N ILE B 244 13.69 16.99 -18.94
CA ILE B 244 14.34 18.27 -18.66
C ILE B 244 15.64 17.96 -17.92
N HIS B 245 16.76 18.13 -18.62
CA HIS B 245 18.09 18.00 -18.02
C HIS B 245 18.50 19.30 -17.31
N ASP B 246 19.59 19.25 -16.56
CA ASP B 246 20.28 20.46 -16.09
C ASP B 246 20.67 21.38 -17.25
N VAL B 247 20.03 22.53 -17.32
CA VAL B 247 20.24 23.63 -18.26
C VAL B 247 20.97 24.81 -17.62
N SER B 248 21.37 25.73 -18.47
CA SER B 248 22.01 27.01 -18.15
C SER B 248 21.19 27.91 -17.24
N SER B 249 19.90 28.07 -17.54
CA SER B 249 19.02 29.02 -16.91
C SER B 249 17.57 28.57 -17.03
N THR B 250 16.73 29.09 -16.14
CA THR B 250 15.28 29.07 -16.20
C THR B 250 14.73 29.63 -17.50
N TYR B 251 15.43 30.52 -18.19
CA TYR B 251 14.98 30.99 -19.49
C TYR B 251 14.90 29.86 -20.54
N ARG B 252 15.73 28.82 -20.40
CA ARG B 252 15.85 27.73 -21.36
C ARG B 252 14.78 26.64 -21.15
N VAL B 253 14.13 26.56 -20.00
CA VAL B 253 13.19 25.49 -19.64
C VAL B 253 11.89 25.52 -20.46
N PRO B 254 11.21 26.66 -20.68
CA PRO B 254 10.11 26.74 -21.66
C PRO B 254 10.53 26.32 -23.08
N VAL B 255 11.69 26.78 -23.54
CA VAL B 255 12.25 26.54 -24.86
C VAL B 255 12.49 25.05 -25.11
N LEU B 256 13.04 24.37 -24.10
CA LEU B 256 13.21 22.92 -24.04
C LEU B 256 11.88 22.18 -24.17
N LEU B 257 10.82 22.64 -23.50
CA LEU B 257 9.51 22.02 -23.53
C LEU B 257 8.82 22.15 -24.91
N GLU B 258 9.02 23.23 -25.66
CA GLU B 258 8.63 23.31 -27.07
C GLU B 258 9.33 22.24 -27.92
N GLU B 259 10.63 22.03 -27.65
CA GLU B 259 11.48 21.01 -28.26
C GLU B 259 11.18 19.57 -27.75
N GLN B 260 10.18 19.42 -26.88
CA GLN B 260 9.56 18.17 -26.48
C GLN B 260 8.08 18.12 -26.91
N SER B 261 7.60 19.17 -27.60
CA SER B 261 6.31 19.29 -28.30
C SER B 261 5.05 19.30 -27.41
N ILE B 262 5.17 19.78 -26.17
CA ILE B 262 4.08 19.75 -25.17
C ILE B 262 2.80 20.48 -25.59
N VAL B 263 2.92 21.49 -26.43
CA VAL B 263 1.81 22.25 -26.99
C VAL B 263 0.87 21.38 -27.86
N LYS B 264 1.45 20.41 -28.58
CA LYS B 264 0.70 19.45 -29.38
C LYS B 264 -0.11 18.52 -28.47
N TYR B 265 0.51 18.11 -27.36
CA TYR B 265 -0.13 17.31 -26.33
C TYR B 265 -1.27 18.08 -25.67
N PHE B 266 -1.03 19.30 -25.22
CA PHE B 266 -2.05 20.12 -24.57
C PHE B 266 -3.17 20.53 -25.53
N LYS B 267 -2.88 20.79 -26.81
CA LYS B 267 -3.87 21.04 -27.85
C LYS B 267 -4.82 19.85 -28.03
N GLU B 268 -4.26 18.65 -28.18
CA GLU B 268 -5.00 17.40 -28.36
C GLU B 268 -5.81 17.03 -27.12
N ARG B 269 -5.18 17.04 -25.93
CA ARG B 269 -5.75 16.61 -24.67
C ARG B 269 -6.75 17.60 -24.11
N LEU B 270 -6.34 18.85 -23.88
CA LEU B 270 -7.18 19.85 -23.25
C LEU B 270 -8.08 20.60 -24.25
N HIS B 271 -8.01 20.24 -25.55
CA HIS B 271 -8.88 20.76 -26.62
C HIS B 271 -8.72 22.28 -26.80
N LEU B 272 -7.48 22.75 -26.70
CA LEU B 272 -7.15 24.17 -26.61
C LEU B 272 -7.16 24.86 -27.99
N PRO B 273 -7.76 26.07 -28.09
CA PRO B 273 -7.85 26.83 -29.35
C PRO B 273 -6.50 27.48 -29.74
N ILE B 274 -5.50 26.66 -30.02
CA ILE B 274 -4.09 27.08 -30.16
C ILE B 274 -3.49 26.42 -31.40
N LEU B 282 7.76 31.47 -28.64
CA LEU B 282 8.19 32.06 -27.34
C LEU B 282 8.98 33.37 -27.61
N PHE B 283 10.03 33.23 -28.43
CA PHE B 283 11.03 34.23 -28.85
C PHE B 283 11.86 34.81 -27.69
N LYS B 284 11.19 35.49 -26.75
CA LYS B 284 11.78 36.20 -25.63
C LYS B 284 12.58 35.27 -24.71
N TRP B 285 12.00 34.13 -24.37
CA TRP B 285 12.65 33.10 -23.57
C TRP B 285 13.87 32.52 -24.28
N ARG B 286 13.83 32.35 -25.61
CA ARG B 286 15.01 31.96 -26.39
C ARG B 286 16.08 33.04 -26.30
N ASN B 287 15.70 34.30 -26.60
CA ASN B 287 16.56 35.47 -26.58
C ASN B 287 17.29 35.65 -25.24
N MET B 288 16.53 35.62 -24.14
CA MET B 288 17.05 35.72 -22.78
C MET B 288 17.98 34.56 -22.41
N ALA B 289 17.65 33.32 -22.82
CA ALA B 289 18.53 32.17 -22.65
C ALA B 289 19.84 32.30 -23.43
N ASP B 290 19.73 32.65 -24.72
CA ASP B 290 20.85 32.89 -25.63
C ASP B 290 21.76 34.02 -25.15
N ARG B 291 21.18 35.13 -24.67
CA ARG B 291 21.92 36.21 -24.00
C ARG B 291 22.65 35.72 -22.74
N TYR B 292 21.94 35.00 -21.86
CA TYR B 292 22.46 34.58 -20.56
C TYR B 292 23.74 33.73 -20.69
N GLU B 293 23.73 32.84 -21.68
CA GLU B 293 24.85 31.98 -22.06
C GLU B 293 26.06 32.74 -22.65
N ARG B 294 25.91 34.03 -22.97
CA ARG B 294 26.94 34.88 -23.55
C ARG B 294 27.35 36.05 -22.64
N LEU B 295 26.88 36.10 -21.39
CA LEU B 295 27.24 37.16 -20.43
C LEU B 295 28.70 37.04 -20.00
N GLN B 296 29.52 38.03 -20.36
CA GLN B 296 30.97 38.04 -20.13
C GLN B 296 31.42 39.15 -19.18
N LYS B 297 30.79 40.33 -19.26
CA LYS B 297 31.14 41.50 -18.46
C LYS B 297 30.65 41.32 -17.02
N ILE B 298 31.56 41.07 -16.08
CA ILE B 298 31.23 40.83 -14.68
C ILE B 298 30.91 42.15 -13.95
N CYS B 299 29.77 42.19 -13.26
CA CYS B 299 29.40 43.17 -12.26
C CYS B 299 29.41 42.42 -10.92
N SER B 300 30.41 42.66 -10.08
CA SER B 300 30.57 42.04 -8.77
C SER B 300 29.87 42.86 -7.68
N ILE B 301 28.75 42.34 -7.16
CA ILE B 301 27.94 42.99 -6.14
C ILE B 301 27.99 42.17 -4.84
N ALA B 302 28.18 42.88 -3.73
CA ALA B 302 28.24 42.33 -2.39
C ALA B 302 26.86 42.36 -1.76
N LEU B 303 26.27 41.18 -1.52
CA LEU B 303 25.05 41.04 -0.73
C LEU B 303 25.47 40.79 0.71
N VAL B 304 25.14 41.74 1.60
CA VAL B 304 25.57 41.77 2.99
C VAL B 304 24.38 41.27 3.79
N ASP B 312 18.43 30.56 -0.61
CA ASP B 312 17.12 31.02 -1.15
C ASP B 312 16.43 32.05 -0.21
N CYS B 313 17.11 32.44 0.87
CA CYS B 313 16.75 33.47 1.84
C CYS B 313 16.55 34.86 1.20
N TYR B 314 17.17 35.06 0.03
CA TYR B 314 17.16 36.29 -0.76
C TYR B 314 16.95 35.93 -2.25
N ALA B 315 16.10 34.95 -2.56
CA ALA B 315 15.85 34.50 -3.93
C ALA B 315 15.24 35.57 -4.85
N SER B 316 14.31 36.41 -4.40
CA SER B 316 13.79 37.49 -5.25
C SER B 316 14.84 38.58 -5.48
N VAL B 317 15.75 38.79 -4.53
CA VAL B 317 16.84 39.75 -4.58
C VAL B 317 17.85 39.36 -5.68
N PHE B 318 18.27 38.09 -5.65
CA PHE B 318 19.14 37.48 -6.64
C PHE B 318 18.56 37.50 -8.05
N LYS B 319 17.27 37.12 -8.17
CA LYS B 319 16.53 37.17 -9.44
C LYS B 319 16.37 38.59 -9.96
N ALA B 320 16.10 39.57 -9.12
CA ALA B 320 16.01 40.99 -9.45
C ALA B 320 17.33 41.57 -9.98
N LEU B 321 18.45 41.17 -9.38
CA LEU B 321 19.79 41.49 -9.86
C LEU B 321 20.08 40.83 -11.21
N GLU B 322 19.74 39.54 -11.38
CA GLU B 322 19.92 38.82 -12.64
C GLU B 322 19.09 39.38 -13.81
N HIS B 323 17.85 39.81 -13.55
CA HIS B 323 17.00 40.53 -14.51
C HIS B 323 17.65 41.84 -14.95
N SER B 324 18.23 42.57 -14.00
CA SER B 324 18.93 43.82 -14.22
C SER B 324 20.24 43.61 -15.01
N ALA B 325 21.02 42.59 -14.62
CA ALA B 325 22.26 42.17 -15.25
C ALA B 325 22.06 41.80 -16.73
N LEU B 326 21.05 40.96 -16.98
CA LEU B 326 20.66 40.52 -18.31
C LEU B 326 20.26 41.70 -19.21
N ALA B 327 19.51 42.64 -18.67
CA ALA B 327 19.04 43.83 -19.38
C ALA B 327 20.18 44.77 -19.82
N ILE B 328 21.25 44.84 -19.02
CA ILE B 328 22.45 45.61 -19.33
C ILE B 328 23.58 44.74 -19.94
N ASN B 329 23.27 43.49 -20.31
CA ASN B 329 24.16 42.49 -20.92
C ASN B 329 25.44 42.23 -20.11
N HIS B 330 25.33 42.24 -18.78
CA HIS B 330 26.40 41.90 -17.85
C HIS B 330 26.09 40.58 -17.13
N LYS B 331 27.14 39.92 -16.66
CA LYS B 331 27.06 38.81 -15.73
C LYS B 331 27.05 39.40 -14.31
N LEU B 332 26.10 38.96 -13.49
CA LEU B 332 26.12 39.21 -12.06
C LEU B 332 27.09 38.20 -11.41
N ASN B 333 28.00 38.71 -10.58
CA ASN B 333 28.72 37.91 -9.60
C ASN B 333 28.21 38.40 -8.24
N LEU B 334 27.16 37.75 -7.74
CA LEU B 334 26.59 38.04 -6.43
C LEU B 334 27.40 37.25 -5.40
N MET B 335 28.27 37.94 -4.67
CA MET B 335 29.04 37.37 -3.59
C MET B 335 28.34 37.73 -2.29
N TYR B 336 27.96 36.68 -1.56
CA TYR B 336 27.19 36.76 -0.33
C TYR B 336 28.18 36.84 0.84
N ILE B 337 27.97 37.83 1.71
CA ILE B 337 28.80 38.13 2.86
C ILE B 337 27.87 38.17 4.07
N ASP B 338 28.24 37.46 5.16
CA ASP B 338 27.53 37.58 6.43
C ASP B 338 28.07 38.82 7.15
N SER B 339 27.17 39.61 7.74
CA SER B 339 27.52 40.81 8.47
C SER B 339 28.39 40.55 9.72
N ILE B 340 28.24 39.35 10.30
CA ILE B 340 29.07 38.84 11.40
C ILE B 340 30.52 38.53 10.99
N ASP B 341 30.77 38.31 9.69
CA ASP B 341 32.11 38.14 9.14
C ASP B 341 32.85 39.48 9.10
N LEU B 342 32.15 40.53 8.67
CA LEU B 342 32.68 41.89 8.62
C LEU B 342 32.88 42.49 10.02
N GLU B 343 32.07 42.05 10.98
CA GLU B 343 32.07 42.51 12.37
C GLU B 343 33.42 42.23 13.07
N LYS B 344 33.71 43.01 14.11
CA LYS B 344 34.95 42.97 14.89
C LYS B 344 35.28 41.60 15.53
N ILE B 345 34.26 40.74 15.67
CA ILE B 345 34.33 39.37 16.18
C ILE B 345 34.82 38.52 15.02
N PRO B 351 38.73 35.58 12.75
CA PRO B 351 39.24 36.71 11.95
C PRO B 351 39.73 36.33 10.53
N VAL B 352 39.72 35.04 10.19
CA VAL B 352 39.98 34.52 8.85
C VAL B 352 38.88 35.00 7.88
N LYS B 353 37.61 34.83 8.30
CA LYS B 353 36.45 35.23 7.53
C LYS B 353 36.29 36.76 7.40
N PHE B 354 36.91 37.53 8.29
CA PHE B 354 37.01 39.00 8.19
C PHE B 354 37.79 39.40 6.94
N HIS B 355 38.92 38.71 6.72
CA HIS B 355 39.82 38.95 5.59
C HIS B 355 39.34 38.30 4.28
N GLU B 356 38.32 37.44 4.37
CA GLU B 356 37.51 37.01 3.23
C GLU B 356 36.46 38.08 2.91
N ALA B 357 35.65 38.43 3.92
CA ALA B 357 34.50 39.31 3.82
C ALA B 357 34.85 40.73 3.37
N TRP B 358 35.84 41.35 4.01
CA TRP B 358 36.30 42.68 3.64
C TRP B 358 37.03 42.70 2.30
N GLN B 359 37.63 41.58 1.89
CA GLN B 359 38.24 41.41 0.58
C GLN B 359 37.17 41.38 -0.53
N LYS B 360 36.08 40.64 -0.30
CA LYS B 360 34.87 40.69 -1.13
C LYS B 360 34.29 42.12 -1.20
N LEU B 361 34.20 42.80 -0.06
CA LEU B 361 33.72 44.18 0.05
C LEU B 361 34.64 45.22 -0.65
N CYS B 362 35.92 44.91 -0.85
CA CYS B 362 36.86 45.71 -1.63
C CYS B 362 36.56 45.63 -3.14
N LYS B 363 36.27 44.43 -3.66
CA LYS B 363 35.94 44.22 -5.08
C LYS B 363 34.43 44.36 -5.37
N ALA B 364 33.69 44.94 -4.44
CA ALA B 364 32.28 45.23 -4.58
C ALA B 364 32.11 46.48 -5.43
N ASP B 365 31.57 46.30 -6.64
CA ASP B 365 31.14 47.35 -7.55
C ASP B 365 29.85 48.01 -7.06
N GLY B 366 29.05 47.24 -6.29
CA GLY B 366 27.88 47.73 -5.60
C GLY B 366 27.77 46.96 -4.27
N ILE B 367 27.26 47.62 -3.24
CA ILE B 367 26.87 47.01 -1.97
C ILE B 367 25.34 46.94 -1.93
N LEU B 368 24.84 45.78 -1.53
CA LEU B 368 23.43 45.51 -1.34
C LEU B 368 23.25 45.09 0.12
N VAL B 369 22.45 45.86 0.86
CA VAL B 369 22.05 45.51 2.23
C VAL B 369 20.54 45.24 2.21
N PRO B 370 20.14 43.95 2.10
CA PRO B 370 18.73 43.58 2.10
C PRO B 370 18.12 43.57 3.51
N GLY B 371 16.84 43.19 3.57
CA GLY B 371 16.04 43.21 4.78
C GLY B 371 16.42 42.06 5.74
N GLY B 372 15.81 42.11 6.92
CA GLY B 372 15.87 41.07 7.93
C GLY B 372 15.08 41.49 9.17
N PHE B 373 15.04 40.61 10.16
CA PHE B 373 14.35 40.81 11.43
C PHE B 373 15.16 40.20 12.58
N LEU B 379 25.00 43.02 11.84
CA LEU B 379 25.57 44.23 12.50
C LEU B 379 26.57 44.95 11.55
N GLY B 380 27.49 44.20 10.93
CA GLY B 380 28.45 44.65 9.93
C GLY B 380 27.80 45.22 8.66
N LYS B 381 26.46 45.14 8.54
CA LYS B 381 25.65 45.92 7.60
C LYS B 381 25.94 47.43 7.71
N LEU B 382 26.07 47.92 8.96
CA LEU B 382 26.37 49.31 9.28
C LEU B 382 27.78 49.72 8.83
N GLN B 383 28.73 48.79 8.91
CA GLN B 383 30.09 48.98 8.43
C GLN B 383 30.14 49.02 6.90
N ALA B 384 29.39 48.12 6.24
CA ALA B 384 29.25 48.06 4.79
C ALA B 384 28.55 49.30 4.21
N ILE B 385 27.55 49.81 4.93
CA ILE B 385 26.90 51.10 4.68
C ILE B 385 27.91 52.26 4.77
N SER B 386 28.70 52.28 5.84
CA SER B 386 29.75 53.29 6.06
C SER B 386 30.81 53.28 4.97
N TRP B 387 31.27 52.07 4.60
CA TRP B 387 32.20 51.78 3.52
C TRP B 387 31.69 52.33 2.17
N ALA B 388 30.48 51.93 1.79
CA ALA B 388 29.81 52.37 0.57
C ALA B 388 29.56 53.89 0.51
N ARG B 389 29.14 54.46 1.64
CA ARG B 389 28.90 55.88 1.84
C ARG B 389 30.18 56.72 1.66
N THR B 390 31.26 56.28 2.34
CA THR B 390 32.52 57.01 2.38
C THR B 390 33.34 56.88 1.08
N LYS B 391 33.46 55.65 0.55
CA LYS B 391 34.23 55.37 -0.66
C LYS B 391 33.45 55.69 -1.94
N LYS B 392 32.17 56.06 -1.80
CA LYS B 392 31.22 56.42 -2.85
C LYS B 392 30.95 55.27 -3.84
N ILE B 393 30.93 54.04 -3.31
CA ILE B 393 30.55 52.83 -4.04
C ILE B 393 29.01 52.74 -4.01
N PRO B 394 28.36 52.49 -5.18
CA PRO B 394 26.92 52.25 -5.30
C PRO B 394 26.25 51.39 -4.22
N PHE B 395 25.15 51.88 -3.66
CA PHE B 395 24.45 51.27 -2.56
C PHE B 395 22.94 51.18 -2.82
N LEU B 396 22.37 50.01 -2.52
CA LEU B 396 20.95 49.79 -2.41
C LEU B 396 20.67 49.18 -1.04
N GLY B 397 19.89 49.90 -0.24
CA GLY B 397 19.40 49.44 1.06
C GLY B 397 17.91 49.12 0.90
N VAL B 398 17.49 47.94 1.34
CA VAL B 398 16.09 47.53 1.29
C VAL B 398 15.61 47.25 2.73
N CYS B 399 14.51 47.90 3.11
CA CYS B 399 13.82 47.77 4.38
C CYS B 399 14.78 48.10 5.56
N LEU B 400 15.30 47.09 6.23
CA LEU B 400 16.32 47.28 7.26
C LEU B 400 17.57 48.01 6.73
N GLY B 401 17.98 47.82 5.48
CA GLY B 401 19.09 48.54 4.87
C GLY B 401 18.81 50.04 4.69
N MET B 402 17.54 50.49 4.63
CA MET B 402 17.16 51.94 4.69
C MET B 402 17.27 52.45 6.12
N GLN B 403 16.73 51.67 7.07
CA GLN B 403 16.68 52.06 8.47
C GLN B 403 18.10 52.16 9.04
N LEU B 404 18.94 51.15 8.81
CA LEU B 404 20.35 51.20 9.19
C LEU B 404 21.13 52.32 8.48
N ALA B 405 20.74 52.70 7.26
CA ALA B 405 21.36 53.78 6.52
C ALA B 405 21.09 55.16 7.14
N VAL B 406 19.84 55.40 7.54
CA VAL B 406 19.39 56.58 8.30
C VAL B 406 20.15 56.71 9.61
N ILE B 407 20.21 55.61 10.36
CA ILE B 407 20.94 55.43 11.61
C ILE B 407 22.44 55.73 11.48
N GLU B 408 23.10 55.12 10.48
CA GLU B 408 24.53 55.27 10.30
C GLU B 408 24.92 56.63 9.68
N PHE B 409 24.00 57.26 8.92
CA PHE B 409 24.14 58.65 8.50
C PHE B 409 24.14 59.58 9.73
N ALA B 410 23.22 59.36 10.68
CA ALA B 410 23.11 60.13 11.92
C ALA B 410 24.36 60.03 12.80
N ARG B 411 24.96 58.83 12.85
CA ARG B 411 26.23 58.57 13.55
C ARG B 411 27.45 59.24 12.88
N ASN B 412 27.35 59.71 11.64
CA ASN B 412 28.45 60.23 10.83
C ASN B 412 27.95 61.51 10.21
N MET B 448 1.76 45.00 11.20
CA MET B 448 2.63 45.17 10.23
C MET B 448 2.14 45.87 8.96
N ARG B 449 2.98 46.70 8.34
CA ARG B 449 2.73 47.31 7.03
C ARG B 449 3.07 46.26 5.97
N LEU B 450 2.05 45.60 5.42
CA LEU B 450 2.16 44.35 4.67
C LEU B 450 1.36 44.39 3.36
N GLY B 451 2.01 44.07 2.24
CA GLY B 451 1.42 44.06 0.91
C GLY B 451 1.59 45.36 0.14
N ILE B 452 0.83 45.57 -0.93
CA ILE B 452 0.97 46.74 -1.81
C ILE B 452 0.53 48.03 -1.12
N ARG B 453 1.32 49.09 -1.25
CA ARG B 453 1.02 50.45 -0.75
C ARG B 453 1.50 51.47 -1.77
N ARG B 454 0.86 52.63 -1.85
CA ARG B 454 1.27 53.76 -2.70
C ARG B 454 2.33 54.61 -1.99
N THR B 455 3.48 54.78 -2.62
CA THR B 455 4.57 55.68 -2.18
C THR B 455 4.62 56.89 -3.12
N VAL B 456 4.53 58.10 -2.58
CA VAL B 456 4.50 59.36 -3.30
C VAL B 456 5.91 59.95 -3.26
N PHE B 457 6.44 60.34 -4.43
CA PHE B 457 7.72 61.06 -4.51
C PHE B 457 7.52 62.53 -4.13
N LYS B 458 8.37 63.02 -3.21
CA LYS B 458 8.32 64.38 -2.66
C LYS B 458 8.92 65.44 -3.61
N THR B 459 9.53 65.01 -4.70
CA THR B 459 10.23 65.87 -5.65
C THR B 459 10.34 65.14 -7.00
N GLU B 460 10.64 65.90 -8.05
CA GLU B 460 11.06 65.38 -9.35
C GLU B 460 12.58 65.10 -9.36
N ASN B 461 13.33 65.74 -8.45
CA ASN B 461 14.77 65.59 -8.27
C ASN B 461 15.05 64.30 -7.47
N SER B 462 14.76 63.16 -8.08
CA SER B 462 14.93 61.83 -7.51
C SER B 462 15.48 60.95 -8.62
N ILE B 463 16.59 60.25 -8.35
CA ILE B 463 17.15 59.28 -9.29
C ILE B 463 16.23 58.06 -9.47
N LEU B 464 15.64 57.55 -8.39
CA LEU B 464 14.67 56.45 -8.45
C LEU B 464 13.43 56.84 -9.27
N ARG B 465 12.95 58.08 -9.13
CA ARG B 465 11.84 58.57 -9.93
C ARG B 465 12.12 58.54 -11.45
N LYS B 466 13.37 58.85 -11.86
CA LYS B 466 13.76 58.74 -13.27
C LYS B 466 13.75 57.28 -13.75
N LEU B 467 14.33 56.39 -12.93
CA LEU B 467 14.37 54.94 -13.19
C LEU B 467 12.97 54.32 -13.27
N TYR B 468 12.04 54.73 -12.40
CA TYR B 468 10.62 54.35 -12.47
C TYR B 468 9.82 55.07 -13.55
N GLY B 469 10.41 55.99 -14.32
CA GLY B 469 9.75 56.52 -15.51
C GLY B 469 9.05 57.87 -15.28
N ASP B 470 9.54 58.68 -14.34
CA ASP B 470 9.16 60.08 -14.06
C ASP B 470 7.82 60.24 -13.32
N VAL B 471 7.14 59.13 -13.05
CA VAL B 471 5.86 59.03 -12.34
C VAL B 471 5.87 59.69 -10.93
N PRO B 472 4.75 60.35 -10.54
CA PRO B 472 4.67 61.06 -9.25
C PRO B 472 4.58 60.15 -8.02
N PHE B 473 4.07 58.93 -8.21
CA PHE B 473 3.97 57.89 -7.22
C PHE B 473 4.26 56.55 -7.88
N ILE B 474 4.57 55.56 -7.05
CA ILE B 474 4.74 54.14 -7.37
C ILE B 474 3.91 53.31 -6.39
N GLU B 475 3.50 52.12 -6.79
CA GLU B 475 2.85 51.15 -5.92
C GLU B 475 3.74 49.91 -5.83
N GLU B 476 4.32 49.66 -4.67
CA GLU B 476 5.26 48.57 -4.39
C GLU B 476 4.89 47.80 -3.12
N ARG B 477 5.54 46.67 -2.84
CA ARG B 477 5.13 45.77 -1.75
C ARG B 477 5.96 45.95 -0.50
N HIS B 478 5.29 46.04 0.62
CA HIS B 478 5.85 46.35 1.92
C HIS B 478 5.73 45.16 2.87
N ARG B 479 6.63 45.07 3.84
CA ARG B 479 6.63 44.07 4.91
C ARG B 479 7.50 44.52 6.09
N HIS B 480 7.08 45.55 6.82
CA HIS B 480 7.86 46.12 7.92
C HIS B 480 6.99 46.59 9.10
N ARG B 481 7.50 46.44 10.33
CA ARG B 481 6.85 46.94 11.56
C ARG B 481 7.43 48.28 12.06
N PHE B 482 8.63 48.66 11.61
CA PHE B 482 9.36 49.85 12.05
C PHE B 482 9.54 50.83 10.89
N GLU B 483 9.57 52.13 11.20
CA GLU B 483 9.64 53.26 10.29
C GLU B 483 10.39 54.46 10.92
N VAL B 484 10.78 55.43 10.10
CA VAL B 484 11.52 56.63 10.56
C VAL B 484 10.65 57.61 11.36
N ASN B 485 11.19 58.21 12.43
CA ASN B 485 10.46 59.12 13.33
C ASN B 485 10.13 60.47 12.66
N PRO B 486 8.85 60.84 12.43
CA PRO B 486 8.47 62.06 11.71
C PRO B 486 9.01 63.38 12.28
N ASN B 487 9.26 63.45 13.59
CA ASN B 487 9.79 64.63 14.27
C ASN B 487 11.28 64.88 13.94
N LEU B 488 12.05 63.81 13.77
CA LEU B 488 13.51 63.84 13.60
C LEU B 488 13.96 64.04 12.15
N ILE B 489 13.06 63.96 11.16
CA ILE B 489 13.42 64.08 9.73
C ILE B 489 14.12 65.40 9.41
N LYS B 490 13.76 66.45 10.14
CA LYS B 490 14.33 67.80 10.02
C LYS B 490 15.81 67.90 10.44
N GLN B 491 16.36 66.91 11.13
CA GLN B 491 17.82 66.79 11.31
C GLN B 491 18.58 66.48 9.99
N PHE B 492 17.95 65.90 8.97
CA PHE B 492 18.63 65.22 7.84
C PHE B 492 18.54 65.91 6.48
N GLU B 493 17.35 66.43 6.23
CA GLU B 493 16.89 67.36 5.18
C GLU B 493 17.79 68.59 5.03
N GLN B 494 18.38 69.03 6.16
CA GLN B 494 19.40 70.08 6.24
C GLN B 494 20.74 69.69 5.56
N ASN B 495 20.99 68.38 5.45
CA ASN B 495 22.25 67.77 5.07
C ASN B 495 22.05 66.88 3.83
N ASP B 496 23.01 66.00 3.56
CA ASP B 496 23.18 65.24 2.32
C ASP B 496 22.13 64.13 2.10
N LEU B 497 21.51 63.63 3.17
CA LEU B 497 20.53 62.54 3.12
C LEU B 497 19.14 63.12 2.95
N SER B 498 18.66 63.14 1.70
CA SER B 498 17.29 63.54 1.40
C SER B 498 16.34 62.36 1.65
N PHE B 499 15.18 62.66 2.26
CA PHE B 499 14.02 61.77 2.29
C PHE B 499 13.14 62.16 1.13
N VAL B 500 12.95 61.23 0.21
CA VAL B 500 12.52 61.52 -1.16
C VAL B 500 11.16 60.91 -1.48
N GLY B 501 10.82 59.80 -0.84
CA GLY B 501 9.54 59.12 -1.02
C GLY B 501 8.89 59.06 0.36
N GLN B 502 7.57 59.24 0.39
CA GLN B 502 6.74 59.11 1.58
C GLN B 502 5.48 58.33 1.23
N ASP B 503 4.75 57.89 2.26
CA ASP B 503 3.38 57.42 2.10
C ASP B 503 2.43 58.60 1.85
N VAL B 504 1.21 58.29 1.45
CA VAL B 504 0.11 59.25 1.27
C VAL B 504 -0.28 59.95 2.60
N ASP B 505 -0.06 59.27 3.73
CA ASP B 505 -0.30 59.80 5.09
C ASP B 505 0.70 60.90 5.47
N GLY B 506 1.89 60.90 4.85
CA GLY B 506 2.98 61.82 5.10
C GLY B 506 3.73 61.55 6.39
N ASP B 507 3.40 60.47 7.09
CA ASP B 507 4.07 60.08 8.33
C ASP B 507 5.36 59.32 8.06
N ARG B 508 5.34 58.32 7.18
CA ARG B 508 6.51 57.49 6.92
C ARG B 508 7.23 58.04 5.72
N MET B 509 8.50 58.34 5.91
CA MET B 509 9.40 58.38 4.78
C MET B 509 9.71 56.94 4.39
N GLU B 510 9.64 56.67 3.09
CA GLU B 510 9.72 55.33 2.50
C GLU B 510 10.82 55.20 1.46
N ILE B 511 11.43 56.29 1.04
CA ILE B 511 12.64 56.29 0.21
C ILE B 511 13.58 57.39 0.72
N ILE B 512 14.87 57.07 0.78
CA ILE B 512 15.99 58.00 0.96
C ILE B 512 16.93 57.97 -0.24
N GLU B 513 17.53 59.11 -0.55
CA GLU B 513 18.64 59.22 -1.48
C GLU B 513 19.70 60.14 -0.86
N LEU B 514 20.95 59.67 -0.84
CA LEU B 514 22.11 60.48 -0.48
C LEU B 514 22.60 61.22 -1.72
N ALA B 515 22.55 62.56 -1.68
CA ALA B 515 22.73 63.42 -2.85
C ALA B 515 24.17 63.48 -3.37
N ASN B 516 25.15 63.50 -2.46
CA ASN B 516 26.58 63.69 -2.79
C ASN B 516 27.27 62.33 -2.98
N HIS B 517 26.69 61.48 -3.81
CA HIS B 517 27.09 60.10 -4.04
C HIS B 517 26.51 59.66 -5.41
N PRO B 518 27.25 58.86 -6.21
CA PRO B 518 26.75 58.28 -7.47
C PRO B 518 25.37 57.60 -7.42
N TYR B 519 25.10 56.81 -6.38
CA TYR B 519 23.88 56.05 -6.21
C TYR B 519 23.90 55.42 -4.82
N PHE B 520 23.32 56.10 -3.83
CA PHE B 520 23.10 55.54 -2.51
C PHE B 520 21.65 55.80 -2.21
N VAL B 521 20.83 54.77 -2.39
CA VAL B 521 19.39 54.83 -2.20
C VAL B 521 19.01 53.81 -1.13
N GLY B 522 17.95 54.14 -0.40
CA GLY B 522 17.33 53.24 0.57
C GLY B 522 15.84 53.28 0.25
N VAL B 523 15.19 52.12 0.29
CA VAL B 523 13.75 51.98 0.12
C VAL B 523 13.18 51.10 1.25
N GLN B 524 11.98 51.44 1.75
CA GLN B 524 11.25 50.66 2.75
C GLN B 524 10.53 49.45 2.18
N PHE B 525 10.02 49.56 0.96
CA PHE B 525 9.41 48.46 0.23
C PHE B 525 10.44 47.45 -0.25
N HIS B 526 9.97 46.26 -0.61
CA HIS B 526 10.70 45.23 -1.33
C HIS B 526 10.37 45.30 -2.83
N PRO B 527 11.13 46.04 -3.66
CA PRO B 527 10.87 46.09 -5.08
C PRO B 527 11.33 44.82 -5.82
N GLU B 528 11.97 43.89 -5.13
CA GLU B 528 12.27 42.56 -5.66
C GLU B 528 11.02 41.83 -6.15
N PHE B 529 9.92 41.88 -5.38
CA PHE B 529 8.71 41.10 -5.62
C PHE B 529 7.96 41.55 -6.89
N SER B 530 8.25 42.76 -7.32
CA SER B 530 7.78 43.39 -8.55
C SER B 530 8.66 43.07 -9.75
N SER B 531 9.90 42.58 -9.55
CA SER B 531 10.84 42.27 -10.65
C SER B 531 10.32 41.13 -11.51
N ARG B 532 10.43 41.27 -12.83
CA ARG B 532 10.14 40.22 -13.83
C ARG B 532 11.15 40.35 -14.99
N PRO B 533 11.48 39.29 -15.75
CA PRO B 533 12.52 39.37 -16.78
C PRO B 533 12.29 40.49 -17.82
N MET B 534 11.04 40.72 -18.19
CA MET B 534 10.62 41.73 -19.15
C MET B 534 10.70 43.18 -18.60
N LYS B 535 10.74 43.38 -17.28
CA LYS B 535 10.71 44.68 -16.58
C LYS B 535 11.52 44.61 -15.26
N PRO B 536 12.86 44.73 -15.35
CA PRO B 536 13.76 44.83 -14.19
C PRO B 536 13.30 45.86 -13.15
N SER B 537 13.45 45.51 -11.89
CA SER B 537 13.09 46.32 -10.73
C SER B 537 13.97 47.57 -10.66
N PRO B 538 13.44 48.79 -10.83
CA PRO B 538 14.25 49.97 -11.04
C PRO B 538 15.34 50.25 -9.99
N PRO B 539 15.13 50.03 -8.68
CA PRO B 539 16.18 50.15 -7.67
C PRO B 539 17.38 49.20 -7.84
N TYR B 540 17.15 48.02 -8.39
CA TYR B 540 18.15 46.99 -8.70
C TYR B 540 18.86 47.31 -10.02
N LEU B 541 18.09 47.79 -11.01
CA LEU B 541 18.61 48.22 -12.29
C LEU B 541 19.58 49.41 -12.14
N GLY B 542 19.20 50.38 -11.30
CA GLY B 542 20.00 51.52 -10.93
C GLY B 542 21.33 51.11 -10.28
N LEU B 543 21.32 50.07 -9.42
CA LEU B 543 22.51 49.54 -8.76
C LEU B 543 23.54 49.00 -9.76
N LEU B 544 23.08 48.16 -10.71
CA LEU B 544 23.94 47.59 -11.74
C LEU B 544 24.40 48.61 -12.77
N LEU B 545 23.51 49.53 -13.16
CA LEU B 545 23.84 50.67 -14.00
C LEU B 545 24.91 51.57 -13.37
N ALA B 546 24.78 51.87 -12.07
CA ALA B 546 25.75 52.67 -11.32
C ALA B 546 27.10 51.96 -11.18
N ALA B 547 27.06 50.69 -10.80
CA ALA B 547 28.22 49.81 -10.62
C ALA B 547 29.05 49.60 -11.90
N THR B 548 28.43 49.77 -13.07
CA THR B 548 29.08 49.64 -14.37
C THR B 548 29.28 51.00 -15.06
N GLY B 549 28.86 52.11 -14.43
CA GLY B 549 29.04 53.48 -14.90
C GLY B 549 28.02 53.90 -15.98
N ASN B 550 27.16 52.97 -16.42
CA ASN B 550 26.15 53.14 -17.48
C ASN B 550 24.92 53.97 -17.05
N LEU B 551 24.81 54.29 -15.77
CA LEU B 551 23.72 55.07 -15.16
C LEU B 551 23.47 56.40 -15.86
N ASN B 552 24.52 57.19 -16.07
CA ASN B 552 24.45 58.51 -16.70
C ASN B 552 24.20 58.44 -18.21
N ALA B 553 24.40 57.27 -18.83
CA ALA B 553 24.02 57.01 -20.21
C ALA B 553 22.53 56.62 -20.29
N TYR B 554 22.07 55.79 -19.34
CA TYR B 554 20.67 55.39 -19.21
C TYR B 554 19.76 56.58 -18.88
N LEU B 555 20.18 57.40 -17.91
CA LEU B 555 19.51 58.64 -17.50
C LEU B 555 19.83 59.80 -18.46
N GLN B 556 19.78 59.54 -19.77
CA GLN B 556 20.17 60.44 -20.85
C GLN B 556 19.67 59.81 -22.15
N MET C 1 -11.72 -9.59 -29.16
CA MET C 1 -12.96 -10.13 -28.52
C MET C 1 -13.42 -9.08 -27.48
N LYS C 2 -14.60 -9.30 -26.90
CA LYS C 2 -15.09 -8.57 -25.72
C LYS C 2 -14.72 -9.40 -24.49
N TYR C 3 -14.24 -8.76 -23.43
CA TYR C 3 -13.77 -9.42 -22.22
C TYR C 3 -14.50 -8.84 -21.01
N ILE C 4 -14.92 -9.71 -20.10
CA ILE C 4 -15.49 -9.31 -18.82
C ILE C 4 -14.65 -9.99 -17.74
N LEU C 5 -13.87 -9.21 -16.99
CA LEU C 5 -13.19 -9.69 -15.79
C LEU C 5 -14.19 -9.64 -14.62
N VAL C 6 -14.20 -10.69 -13.79
CA VAL C 6 -14.96 -10.73 -12.56
C VAL C 6 -13.94 -10.93 -11.43
N THR C 7 -13.74 -9.89 -10.62
CA THR C 7 -12.88 -9.87 -9.45
C THR C 7 -13.74 -10.04 -8.18
N GLY C 8 -13.08 -10.50 -7.11
CA GLY C 8 -13.71 -10.76 -5.84
C GLY C 8 -13.09 -9.89 -4.77
N GLY C 9 -13.90 -9.44 -3.83
CA GLY C 9 -13.49 -8.66 -2.69
C GLY C 9 -13.98 -9.30 -1.40
N VAL C 10 -13.22 -9.04 -0.34
CA VAL C 10 -13.46 -9.38 1.06
C VAL C 10 -13.25 -10.88 1.38
N ILE C 11 -14.01 -11.76 0.72
CA ILE C 11 -14.02 -13.19 0.95
C ILE C 11 -14.46 -13.92 -0.34
N SER C 12 -13.89 -15.11 -0.61
CA SER C 12 -14.12 -15.84 -1.86
C SER C 12 -15.50 -16.51 -1.99
N GLY C 13 -16.15 -16.83 -0.87
CA GLY C 13 -17.40 -17.61 -0.85
C GLY C 13 -18.66 -16.82 -1.17
N ILE C 14 -18.52 -15.58 -1.64
CA ILE C 14 -19.59 -14.70 -2.08
C ILE C 14 -20.32 -15.18 -3.33
N GLY C 15 -19.86 -16.25 -3.98
CA GLY C 15 -20.52 -16.83 -5.14
C GLY C 15 -20.12 -16.24 -6.48
N LYS C 16 -18.94 -15.62 -6.60
CA LYS C 16 -18.47 -14.97 -7.84
C LYS C 16 -18.64 -15.84 -9.07
N GLY C 17 -18.41 -17.15 -8.95
CA GLY C 17 -18.55 -18.09 -10.05
C GLY C 17 -19.99 -18.23 -10.51
N ILE C 18 -20.96 -18.19 -9.60
CA ILE C 18 -22.39 -18.21 -9.95
C ILE C 18 -22.78 -16.89 -10.61
N ILE C 19 -22.26 -15.75 -10.17
CA ILE C 19 -22.50 -14.43 -10.76
C ILE C 19 -21.93 -14.36 -12.19
N ALA C 20 -20.68 -14.75 -12.35
CA ALA C 20 -19.97 -14.83 -13.61
C ALA C 20 -20.67 -15.78 -14.59
N SER C 21 -21.05 -16.97 -14.13
CA SER C 21 -21.84 -17.92 -14.89
C SER C 21 -23.23 -17.38 -15.21
N SER C 22 -23.85 -16.62 -14.31
CA SER C 22 -25.15 -15.98 -14.52
C SER C 22 -25.11 -14.93 -15.61
N ILE C 23 -24.14 -14.02 -15.59
CA ILE C 23 -23.94 -13.04 -16.66
C ILE C 23 -23.60 -13.69 -17.99
N GLY C 24 -22.89 -14.83 -17.98
CA GLY C 24 -22.64 -15.61 -19.18
C GLY C 24 -23.94 -16.16 -19.79
N THR C 25 -24.87 -16.69 -19.00
CA THR C 25 -26.16 -17.17 -19.53
C THR C 25 -27.11 -16.03 -19.94
N ILE C 26 -26.98 -14.85 -19.33
CA ILE C 26 -27.66 -13.61 -19.72
C ILE C 26 -27.24 -13.18 -21.13
N LEU C 27 -25.93 -13.11 -21.36
CA LEU C 27 -25.33 -12.78 -22.64
C LEU C 27 -25.64 -13.85 -23.72
N LYS C 28 -25.64 -15.13 -23.35
CA LYS C 28 -26.10 -16.24 -24.20
C LYS C 28 -27.58 -16.14 -24.55
N SER C 29 -28.45 -15.72 -23.64
CA SER C 29 -29.88 -15.45 -23.88
C SER C 29 -30.08 -14.23 -24.80
N CYS C 30 -29.11 -13.31 -24.80
CA CYS C 30 -29.01 -12.19 -25.72
C CYS C 30 -28.41 -12.60 -27.09
N GLY C 31 -28.09 -13.88 -27.28
CA GLY C 31 -27.70 -14.47 -28.57
C GLY C 31 -26.19 -14.59 -28.75
N LEU C 32 -25.37 -14.24 -27.75
CA LEU C 32 -23.92 -14.17 -27.89
C LEU C 32 -23.24 -15.51 -27.61
N ARG C 33 -22.19 -15.82 -28.38
CA ARG C 33 -21.25 -16.90 -28.12
C ARG C 33 -20.30 -16.48 -26.99
N VAL C 34 -20.44 -17.10 -25.83
CA VAL C 34 -19.68 -16.80 -24.62
C VAL C 34 -18.69 -17.92 -24.30
N THR C 35 -17.43 -17.56 -24.07
CA THR C 35 -16.36 -18.38 -23.46
C THR C 35 -16.25 -18.04 -21.98
N ALA C 36 -15.61 -18.91 -21.21
CA ALA C 36 -15.22 -18.64 -19.85
C ALA C 36 -13.78 -19.08 -19.62
N ILE C 37 -13.05 -18.31 -18.85
CA ILE C 37 -11.75 -18.70 -18.31
C ILE C 37 -11.82 -18.51 -16.81
N LYS C 38 -11.30 -19.44 -16.03
CA LYS C 38 -11.13 -19.27 -14.61
C LYS C 38 -9.67 -19.19 -14.25
N ILE C 39 -9.29 -18.11 -13.61
CA ILE C 39 -7.98 -17.96 -13.02
C ILE C 39 -8.11 -18.44 -11.57
N ASP C 40 -7.26 -19.40 -11.21
CA ASP C 40 -7.07 -19.88 -9.85
C ASP C 40 -5.62 -19.60 -9.45
N PRO C 41 -5.34 -18.52 -8.70
CA PRO C 41 -3.98 -18.16 -8.27
C PRO C 41 -3.17 -19.18 -7.45
N TYR C 42 -3.70 -20.37 -7.17
CA TYR C 42 -2.93 -21.48 -6.61
C TYR C 42 -1.81 -21.95 -7.55
N ILE C 43 -0.74 -22.49 -6.96
CA ILE C 43 0.47 -22.94 -7.64
C ILE C 43 0.35 -24.39 -8.15
N ASN C 44 -0.74 -25.06 -7.76
CA ASN C 44 -1.15 -26.39 -8.20
C ASN C 44 -1.43 -26.37 -9.71
N ILE C 45 -0.98 -27.42 -10.39
CA ILE C 45 -1.27 -27.69 -11.79
C ILE C 45 -2.22 -28.89 -11.77
N ASP C 46 -3.47 -28.60 -12.16
CA ASP C 46 -4.65 -29.46 -12.03
C ASP C 46 -5.09 -29.76 -10.59
N ALA C 47 -6.38 -30.04 -10.43
CA ALA C 47 -7.05 -30.35 -9.19
C ALA C 47 -6.88 -31.81 -8.77
N GLY C 48 -6.31 -32.67 -9.62
CA GLY C 48 -5.91 -34.03 -9.25
C GLY C 48 -4.95 -34.09 -8.06
N THR C 49 -4.26 -32.98 -7.76
CA THR C 49 -3.39 -32.78 -6.61
C THR C 49 -4.16 -32.60 -5.29
N PHE C 50 -5.46 -32.29 -5.34
CA PHE C 50 -6.31 -31.95 -4.19
C PHE C 50 -7.03 -33.12 -3.56
N SER C 51 -7.31 -33.00 -2.27
CA SER C 51 -8.34 -33.79 -1.61
C SER C 51 -9.73 -33.22 -1.97
N PRO C 52 -10.80 -34.03 -1.86
CA PRO C 52 -12.17 -33.54 -2.07
C PRO C 52 -12.65 -32.50 -1.03
N TYR C 53 -11.96 -32.43 0.12
CA TYR C 53 -12.25 -31.51 1.22
C TYR C 53 -11.67 -30.11 0.98
N GLU C 54 -10.62 -30.02 0.15
CA GLU C 54 -9.87 -28.79 -0.09
C GLU C 54 -10.64 -27.79 -0.96
N HIS C 55 -10.88 -28.17 -2.22
CA HIS C 55 -11.44 -27.28 -3.23
C HIS C 55 -12.77 -27.83 -3.77
N GLY C 56 -13.39 -28.75 -3.02
CA GLY C 56 -14.57 -29.51 -3.43
C GLY C 56 -14.12 -30.65 -4.33
N GLU C 57 -15.07 -31.20 -5.08
CA GLU C 57 -14.83 -32.24 -6.07
C GLU C 57 -13.82 -31.83 -7.16
N VAL C 58 -13.19 -32.83 -7.77
CA VAL C 58 -12.47 -32.71 -9.02
C VAL C 58 -13.47 -32.93 -10.15
N PHE C 59 -13.84 -31.85 -10.80
CA PHE C 59 -14.57 -31.86 -12.05
C PHE C 59 -13.65 -32.36 -13.15
N VAL C 60 -14.17 -33.20 -14.05
CA VAL C 60 -13.40 -33.76 -15.15
C VAL C 60 -13.92 -33.22 -16.45
N LEU C 61 -13.02 -32.72 -17.31
CA LEU C 61 -13.31 -32.16 -18.63
C LEU C 61 -13.24 -33.21 -19.73
N ASN C 62 -13.77 -32.94 -20.93
CA ASN C 62 -13.71 -33.89 -22.04
C ASN C 62 -12.28 -34.30 -22.41
N ASP C 63 -11.33 -33.38 -22.41
CA ASP C 63 -9.92 -33.66 -22.71
C ASP C 63 -9.14 -34.35 -21.58
N GLY C 64 -9.78 -34.69 -20.47
CA GLY C 64 -9.13 -35.31 -19.31
C GLY C 64 -8.52 -34.35 -18.32
N GLY C 65 -8.77 -33.04 -18.43
CA GLY C 65 -8.37 -32.08 -17.40
C GLY C 65 -9.09 -32.31 -16.08
N GLU C 66 -8.38 -32.23 -14.97
CA GLU C 66 -8.93 -32.30 -13.62
C GLU C 66 -8.93 -30.89 -13.04
N VAL C 67 -10.10 -30.34 -12.72
CA VAL C 67 -10.29 -28.92 -12.34
C VAL C 67 -11.29 -28.82 -11.18
N ASP C 68 -11.26 -27.72 -10.41
CA ASP C 68 -12.26 -27.45 -9.37
C ASP C 68 -13.67 -27.22 -9.96
N LEU C 69 -14.66 -27.43 -9.10
CA LEU C 69 -16.07 -27.48 -9.44
C LEU C 69 -16.61 -26.23 -10.15
N ASP C 70 -15.94 -25.09 -10.03
CA ASP C 70 -16.38 -23.85 -10.67
C ASP C 70 -16.26 -23.88 -12.21
N LEU C 71 -15.39 -24.69 -12.82
CA LEU C 71 -15.55 -24.94 -14.26
C LEU C 71 -16.77 -25.79 -14.59
N GLY C 72 -17.31 -26.55 -13.65
CA GLY C 72 -18.62 -27.17 -13.81
C GLY C 72 -19.75 -26.16 -13.78
N ASN C 73 -19.67 -25.11 -12.98
CA ASN C 73 -20.66 -24.04 -13.02
C ASN C 73 -20.71 -23.34 -14.38
N TYR C 74 -19.58 -23.01 -15.01
CA TYR C 74 -19.63 -22.49 -16.38
C TYR C 74 -20.19 -23.49 -17.37
N GLU C 75 -19.83 -24.78 -17.28
CA GLU C 75 -20.41 -25.80 -18.14
C GLU C 75 -21.92 -25.94 -17.99
N ARG C 76 -22.44 -25.97 -16.77
CA ARG C 76 -23.87 -26.12 -16.48
C ARG C 76 -24.69 -24.90 -16.88
N PHE C 77 -24.20 -23.68 -16.64
CA PHE C 77 -24.93 -22.46 -16.99
C PHE C 77 -24.89 -22.10 -18.47
N LEU C 78 -23.76 -22.31 -19.15
CA LEU C 78 -23.60 -21.90 -20.55
C LEU C 78 -23.87 -23.05 -21.55
N ASP C 79 -23.99 -24.31 -21.12
CA ASP C 79 -24.02 -25.52 -21.99
C ASP C 79 -22.80 -25.58 -22.94
N ILE C 80 -21.64 -25.55 -22.31
CA ILE C 80 -20.28 -25.37 -22.91
C ILE C 80 -19.41 -26.57 -22.52
N ASN C 81 -18.36 -26.82 -23.28
CA ASN C 81 -17.39 -27.88 -23.04
C ASN C 81 -15.99 -27.29 -22.94
N LEU C 82 -15.54 -27.00 -21.73
CA LEU C 82 -14.27 -26.33 -21.45
C LEU C 82 -13.07 -27.24 -21.68
N TYR C 83 -11.95 -26.64 -22.04
CA TYR C 83 -10.67 -27.32 -22.18
C TYR C 83 -9.82 -27.07 -20.94
N LYS C 84 -8.81 -27.90 -20.68
CA LYS C 84 -7.95 -27.77 -19.51
C LYS C 84 -7.24 -26.42 -19.40
N ASP C 85 -7.00 -25.75 -20.52
CA ASP C 85 -6.38 -24.42 -20.56
C ASP C 85 -7.38 -23.27 -20.45
N ASN C 86 -8.68 -23.52 -20.30
CA ASN C 86 -9.62 -22.53 -19.74
C ASN C 86 -9.52 -22.41 -18.22
N ASN C 87 -8.71 -23.25 -17.55
CA ASN C 87 -8.26 -23.00 -16.19
C ASN C 87 -6.83 -22.46 -16.30
N ILE C 88 -6.61 -21.24 -15.82
CA ILE C 88 -5.27 -20.67 -15.68
C ILE C 88 -4.89 -20.77 -14.22
N THR C 89 -3.68 -21.22 -13.93
CA THR C 89 -3.14 -21.20 -12.57
C THR C 89 -1.75 -20.57 -12.61
N THR C 90 -1.29 -20.11 -11.46
CA THR C 90 0.04 -19.58 -11.23
C THR C 90 1.13 -20.63 -11.55
N GLY C 91 0.85 -21.90 -11.26
CA GLY C 91 1.76 -23.01 -11.54
C GLY C 91 1.94 -23.18 -13.05
N LYS C 92 0.82 -23.16 -13.78
CA LYS C 92 0.75 -23.32 -15.23
C LYS C 92 1.44 -22.20 -16.00
N ILE C 93 1.32 -20.97 -15.52
CA ILE C 93 1.95 -19.79 -16.10
C ILE C 93 3.43 -19.62 -15.72
N TYR C 94 3.79 -19.83 -14.45
CA TYR C 94 5.20 -19.79 -14.04
C TYR C 94 6.02 -20.89 -14.71
N GLN C 95 5.48 -22.12 -14.81
CA GLN C 95 6.16 -23.22 -15.48
C GLN C 95 6.34 -22.95 -16.99
N HIS C 96 5.34 -22.35 -17.63
CA HIS C 96 5.38 -21.89 -19.01
C HIS C 96 6.53 -20.89 -19.28
N VAL C 97 6.65 -19.86 -18.43
CA VAL C 97 7.70 -18.86 -18.53
C VAL C 97 9.10 -19.43 -18.23
N ILE C 98 9.21 -20.30 -17.22
CA ILE C 98 10.43 -21.05 -16.90
C ILE C 98 10.91 -21.94 -18.06
N ASN C 99 9.95 -22.60 -18.72
CA ASN C 99 10.22 -23.45 -19.88
C ASN C 99 10.67 -22.61 -21.09
N LYS C 100 9.99 -21.50 -21.37
CA LYS C 100 10.40 -20.53 -22.39
C LYS C 100 11.81 -19.96 -22.16
N GLU C 101 12.14 -19.62 -20.90
CA GLU C 101 13.45 -19.16 -20.47
C GLU C 101 14.56 -20.16 -20.80
N ARG C 102 14.37 -21.41 -20.39
CA ARG C 102 15.30 -22.52 -20.66
C ARG C 102 15.48 -22.83 -22.16
N ARG C 103 14.47 -22.55 -22.98
CA ARG C 103 14.53 -22.69 -24.43
C ARG C 103 15.19 -21.48 -25.13
N GLY C 104 15.46 -20.40 -24.38
CA GLY C 104 16.09 -19.19 -24.90
C GLY C 104 15.08 -18.27 -25.61
N ASP C 105 13.77 -18.53 -25.46
CA ASP C 105 12.68 -17.83 -26.16
C ASP C 105 12.53 -16.34 -25.76
N TYR C 106 13.19 -15.94 -24.67
CA TYR C 106 13.27 -14.55 -24.22
C TYR C 106 14.60 -13.87 -24.60
N LEU C 107 15.39 -14.50 -25.49
CA LEU C 107 16.54 -13.93 -26.21
C LEU C 107 17.60 -13.31 -25.28
N GLY C 108 17.90 -14.01 -24.19
CA GLY C 108 18.94 -13.63 -23.23
C GLY C 108 18.53 -12.48 -22.30
N LYS C 109 17.30 -11.96 -22.41
CA LYS C 109 16.77 -10.95 -21.50
C LYS C 109 16.41 -11.61 -20.15
N THR C 110 16.60 -10.84 -19.07
CA THR C 110 16.15 -11.14 -17.72
C THR C 110 14.62 -11.34 -17.67
N VAL C 111 14.17 -12.55 -17.34
CA VAL C 111 12.75 -12.83 -17.17
C VAL C 111 12.32 -12.38 -15.76
N GLN C 112 11.22 -11.65 -15.71
CA GLN C 112 10.69 -11.03 -14.51
C GLN C 112 9.17 -10.90 -14.65
N VAL C 113 8.47 -10.84 -13.52
CA VAL C 113 7.02 -10.95 -13.42
C VAL C 113 6.27 -9.94 -14.32
N VAL C 114 6.64 -8.67 -14.21
CA VAL C 114 6.28 -7.66 -15.19
C VAL C 114 7.57 -7.43 -16.01
N PRO C 115 7.55 -7.65 -17.35
CA PRO C 115 6.38 -7.96 -18.17
C PRO C 115 6.02 -9.45 -18.33
N HIS C 116 6.97 -10.37 -18.15
CA HIS C 116 6.94 -11.69 -18.81
C HIS C 116 5.85 -12.65 -18.34
N ILE C 117 5.56 -12.66 -17.04
CA ILE C 117 4.45 -13.41 -16.46
C ILE C 117 3.11 -12.74 -16.80
N THR C 118 3.06 -11.40 -16.75
CA THR C 118 1.87 -10.65 -17.12
C THR C 118 1.49 -10.80 -18.61
N ASP C 119 2.48 -10.84 -19.51
CA ASP C 119 2.32 -11.15 -20.92
C ASP C 119 1.81 -12.56 -21.14
N ALA C 120 2.36 -13.55 -20.42
CA ALA C 120 1.89 -14.93 -20.44
C ALA C 120 0.40 -15.09 -20.10
N VAL C 121 -0.09 -14.34 -19.10
CA VAL C 121 -1.53 -14.25 -18.78
C VAL C 121 -2.33 -13.68 -19.97
N GLN C 122 -1.87 -12.55 -20.54
CA GLN C 122 -2.52 -11.91 -21.68
C GLN C 122 -2.56 -12.79 -22.94
N GLU C 123 -1.41 -13.38 -23.30
CA GLU C 123 -1.26 -14.36 -24.38
C GLU C 123 -2.27 -15.51 -24.28
N TRP C 124 -2.35 -16.08 -23.08
CA TRP C 124 -3.19 -17.23 -22.76
C TRP C 124 -4.67 -16.87 -22.83
N VAL C 125 -5.06 -15.76 -22.21
CA VAL C 125 -6.42 -15.26 -22.19
C VAL C 125 -6.95 -14.87 -23.57
N MET C 126 -6.11 -14.21 -24.39
CA MET C 126 -6.47 -13.83 -25.76
C MET C 126 -6.74 -15.05 -26.65
N ASN C 127 -5.89 -16.07 -26.54
CA ASN C 127 -6.00 -17.30 -27.33
C ASN C 127 -7.08 -18.25 -26.82
N GLN C 128 -7.17 -18.50 -25.51
CA GLN C 128 -8.21 -19.36 -25.00
C GLN C 128 -9.60 -18.75 -25.12
N ALA C 129 -9.74 -17.42 -25.14
CA ALA C 129 -11.00 -16.77 -25.45
C ALA C 129 -11.52 -17.10 -26.85
N LYS C 130 -10.62 -17.26 -27.82
CA LYS C 130 -10.88 -17.61 -29.22
C LYS C 130 -11.21 -19.09 -29.45
N VAL C 131 -10.98 -19.95 -28.46
CA VAL C 131 -11.22 -21.38 -28.59
C VAL C 131 -12.72 -21.63 -28.81
N PRO C 132 -13.16 -22.39 -29.82
CA PRO C 132 -14.55 -22.81 -29.91
C PRO C 132 -14.86 -23.78 -28.75
N VAL C 133 -15.60 -23.29 -27.77
CA VAL C 133 -15.90 -23.98 -26.50
C VAL C 133 -17.36 -24.45 -26.41
N ASP C 134 -18.23 -23.82 -27.20
CA ASP C 134 -19.47 -24.39 -27.70
C ASP C 134 -19.13 -25.49 -28.75
N GLY C 135 -20.12 -26.27 -29.20
CA GLY C 135 -19.95 -27.21 -30.31
C GLY C 135 -19.84 -26.51 -31.68
N ASN C 136 -20.36 -25.29 -31.77
CA ASN C 136 -20.23 -24.39 -32.91
C ASN C 136 -18.77 -23.96 -33.08
N LYS C 137 -18.21 -24.21 -34.27
CA LYS C 137 -16.82 -23.93 -34.66
C LYS C 137 -16.52 -22.44 -34.88
N GLU C 138 -17.54 -21.58 -34.78
CA GLU C 138 -17.45 -20.13 -34.96
C GLU C 138 -16.78 -19.50 -33.72
N GLU C 139 -15.87 -18.55 -33.95
CA GLU C 139 -15.10 -17.89 -32.90
C GLU C 139 -16.03 -17.11 -31.93
N PRO C 140 -15.88 -17.31 -30.61
CA PRO C 140 -16.63 -16.58 -29.57
C PRO C 140 -16.62 -15.04 -29.65
N GLN C 141 -17.59 -14.43 -28.95
CA GLN C 141 -17.83 -12.99 -28.96
C GLN C 141 -17.47 -12.35 -27.63
N ILE C 142 -17.76 -13.03 -26.52
CA ILE C 142 -17.43 -12.58 -25.17
C ILE C 142 -16.63 -13.68 -24.45
N CYS C 143 -15.70 -13.28 -23.58
CA CYS C 143 -15.03 -14.16 -22.65
C CYS C 143 -15.20 -13.61 -21.24
N VAL C 144 -15.85 -14.37 -20.37
CA VAL C 144 -15.98 -14.07 -18.94
C VAL C 144 -14.79 -14.67 -18.21
N ILE C 145 -13.96 -13.86 -17.57
CA ILE C 145 -12.79 -14.29 -16.84
C ILE C 145 -13.05 -14.08 -15.35
N GLU C 146 -13.23 -15.15 -14.59
CA GLU C 146 -13.28 -15.07 -13.15
C GLU C 146 -11.87 -15.12 -12.58
N LEU C 147 -11.45 -14.05 -11.92
CA LEU C 147 -10.25 -14.01 -11.11
C LEU C 147 -10.60 -14.52 -9.72
N GLY C 148 -10.19 -15.77 -9.44
CA GLY C 148 -10.35 -16.44 -8.16
C GLY C 148 -9.49 -15.79 -7.08
N GLY C 149 -9.83 -16.06 -5.83
CA GLY C 149 -9.22 -15.41 -4.68
C GLY C 149 -9.97 -14.11 -4.38
N THR C 150 -9.34 -13.28 -3.55
CA THR C 150 -9.81 -11.96 -3.19
C THR C 150 -8.73 -10.98 -3.64
N ILE C 151 -9.12 -9.89 -4.31
CA ILE C 151 -8.20 -8.86 -4.73
C ILE C 151 -7.47 -8.23 -3.52
N GLY C 152 -6.15 -8.37 -3.51
CA GLY C 152 -5.31 -8.01 -2.39
C GLY C 152 -4.56 -9.23 -1.85
N ASP C 153 -4.91 -10.48 -2.21
CA ASP C 153 -4.08 -11.64 -1.92
C ASP C 153 -2.85 -11.64 -2.84
N ILE C 154 -1.68 -11.99 -2.29
CA ILE C 154 -0.38 -11.86 -2.94
C ILE C 154 -0.25 -12.67 -4.24
N GLU C 155 -0.89 -13.85 -4.30
CA GLU C 155 -0.91 -14.73 -5.46
C GLU C 155 -1.67 -14.13 -6.65
N GLY C 156 -2.63 -13.23 -6.39
CA GLY C 156 -3.46 -12.60 -7.41
C GLY C 156 -2.75 -11.42 -8.07
N MET C 157 -1.64 -10.92 -7.50
CA MET C 157 -0.96 -9.71 -7.97
C MET C 157 -0.42 -9.69 -9.42
N PRO C 158 0.12 -10.81 -9.96
CA PRO C 158 0.44 -10.90 -11.39
C PRO C 158 -0.77 -10.74 -12.33
N PHE C 159 -1.92 -11.29 -11.94
CA PHE C 159 -3.13 -11.34 -12.75
C PHE C 159 -3.82 -9.98 -12.83
N VAL C 160 -3.93 -9.27 -11.71
CA VAL C 160 -4.49 -7.91 -11.71
C VAL C 160 -3.60 -6.90 -12.44
N GLU C 161 -2.27 -7.09 -12.37
CA GLU C 161 -1.29 -6.30 -13.12
C GLU C 161 -1.39 -6.56 -14.62
N ALA C 162 -1.54 -7.84 -15.01
CA ALA C 162 -1.87 -8.24 -16.37
C ALA C 162 -3.18 -7.63 -16.86
N PHE C 163 -4.24 -7.71 -16.05
CA PHE C 163 -5.52 -7.15 -16.40
C PHE C 163 -5.59 -5.61 -16.43
N ARG C 164 -4.77 -4.93 -15.61
CA ARG C 164 -4.52 -3.50 -15.69
C ARG C 164 -3.99 -3.09 -17.08
N GLN C 165 -2.92 -3.77 -17.51
CA GLN C 165 -2.31 -3.62 -18.81
C GLN C 165 -3.26 -3.97 -19.96
N PHE C 166 -4.06 -5.03 -19.78
CA PHE C 166 -5.02 -5.56 -20.74
C PHE C 166 -6.15 -4.58 -21.09
N GLN C 167 -6.52 -3.67 -20.18
CA GLN C 167 -7.41 -2.54 -20.47
C GLN C 167 -6.89 -1.67 -21.63
N PHE C 168 -5.59 -1.39 -21.56
CA PHE C 168 -4.90 -0.43 -22.41
C PHE C 168 -4.40 -1.11 -23.69
N LYS C 169 -3.97 -2.37 -23.57
CA LYS C 169 -3.63 -3.28 -24.66
C LYS C 169 -4.88 -3.96 -25.25
N ALA C 170 -5.99 -3.21 -25.28
CA ALA C 170 -7.28 -3.54 -25.86
C ALA C 170 -8.01 -2.20 -26.07
N LYS C 171 -9.31 -2.15 -25.76
CA LYS C 171 -10.12 -0.95 -25.76
C LYS C 171 -11.12 -1.07 -24.61
N ARG C 172 -11.62 0.06 -24.11
CA ARG C 172 -12.70 0.12 -23.11
C ARG C 172 -14.02 -0.45 -23.65
N GLU C 173 -14.22 -0.36 -24.96
CA GLU C 173 -15.28 -1.01 -25.73
C GLU C 173 -15.24 -2.55 -25.65
N ASN C 174 -14.08 -3.09 -25.26
CA ASN C 174 -13.75 -4.51 -25.34
C ASN C 174 -13.40 -5.08 -23.96
N PHE C 175 -13.36 -4.31 -22.89
CA PHE C 175 -13.01 -4.81 -21.57
C PHE C 175 -13.86 -4.12 -20.53
N CYS C 176 -14.43 -4.85 -19.59
CA CYS C 176 -14.95 -4.29 -18.35
C CYS C 176 -14.67 -5.22 -17.18
N ASN C 177 -14.76 -4.70 -15.97
CA ASN C 177 -14.49 -5.39 -14.72
C ASN C 177 -15.72 -5.34 -13.79
N ILE C 178 -16.18 -6.48 -13.32
CA ILE C 178 -17.21 -6.65 -12.31
C ILE C 178 -16.51 -6.93 -11.00
N HIS C 179 -16.75 -6.18 -9.94
CA HIS C 179 -16.22 -6.49 -8.63
C HIS C 179 -17.33 -7.03 -7.75
N VAL C 180 -17.20 -8.24 -7.22
CA VAL C 180 -18.17 -8.88 -6.35
C VAL C 180 -17.64 -8.77 -4.94
N SER C 181 -18.44 -8.30 -3.99
CA SER C 181 -17.95 -7.99 -2.65
C SER C 181 -18.99 -8.25 -1.57
N LEU C 182 -18.56 -8.68 -0.39
CA LEU C 182 -19.41 -8.89 0.77
C LEU C 182 -19.82 -7.54 1.37
N VAL C 183 -21.11 -7.34 1.55
CA VAL C 183 -21.71 -6.29 2.38
C VAL C 183 -22.18 -6.98 3.66
N PRO C 184 -21.36 -7.06 4.72
CA PRO C 184 -21.76 -7.74 5.94
C PRO C 184 -22.93 -7.05 6.62
N GLN C 185 -23.86 -7.85 7.13
CA GLN C 185 -25.04 -7.38 7.84
C GLN C 185 -24.91 -7.79 9.29
N LEU C 186 -24.87 -6.84 10.21
CA LEU C 186 -24.71 -7.09 11.65
C LEU C 186 -26.01 -7.62 12.28
N SER C 187 -25.83 -8.48 13.28
CA SER C 187 -26.88 -9.21 13.97
C SER C 187 -27.82 -8.30 14.77
N ALA C 188 -27.26 -7.65 15.79
CA ALA C 188 -28.00 -6.86 16.78
C ALA C 188 -28.77 -5.66 16.21
N THR C 189 -28.16 -4.97 15.24
CA THR C 189 -28.69 -3.73 14.67
C THR C 189 -29.40 -3.96 13.32
N GLY C 190 -29.21 -5.09 12.65
CA GLY C 190 -29.64 -5.29 11.26
C GLY C 190 -28.85 -4.48 10.23
N GLU C 191 -27.85 -3.71 10.65
CA GLU C 191 -27.14 -2.72 9.86
C GLU C 191 -26.22 -3.35 8.80
N GLN C 192 -26.41 -2.98 7.54
CA GLN C 192 -25.55 -3.40 6.43
C GLN C 192 -24.33 -2.48 6.30
N LYS C 193 -23.11 -3.02 6.41
CA LYS C 193 -21.88 -2.27 6.39
C LYS C 193 -21.23 -2.34 5.00
N THR C 194 -20.84 -1.17 4.50
CA THR C 194 -20.24 -0.92 3.19
C THR C 194 -18.72 -0.78 3.22
N LYS C 195 -18.14 -0.67 4.39
CA LYS C 195 -16.70 -0.44 4.61
C LYS C 195 -15.75 -1.45 3.94
N PRO C 196 -16.01 -2.77 4.00
CA PRO C 196 -15.17 -3.77 3.30
C PRO C 196 -15.19 -3.62 1.77
N THR C 197 -16.35 -3.32 1.20
CA THR C 197 -16.53 -3.06 -0.24
C THR C 197 -15.81 -1.80 -0.69
N GLN C 198 -15.84 -0.75 0.12
CA GLN C 198 -15.10 0.49 -0.10
C GLN C 198 -13.57 0.28 -0.07
N ASN C 199 -13.10 -0.46 0.93
CA ASN C 199 -11.70 -0.80 1.12
C ASN C 199 -11.18 -1.74 0.02
N SER C 200 -12.00 -2.70 -0.39
CA SER C 200 -11.68 -3.65 -1.45
C SER C 200 -11.64 -2.97 -2.83
N VAL C 201 -12.58 -2.07 -3.12
CA VAL C 201 -12.56 -1.22 -4.31
C VAL C 201 -11.36 -0.26 -4.30
N ARG C 202 -10.95 0.27 -3.15
CA ARG C 202 -9.75 1.08 -3.00
C ARG C 202 -8.47 0.30 -3.33
N ALA C 203 -8.39 -0.97 -2.87
CA ALA C 203 -7.31 -1.89 -3.20
C ALA C 203 -7.26 -2.24 -4.70
N LEU C 204 -8.41 -2.59 -5.27
CA LEU C 204 -8.61 -2.89 -6.69
C LEU C 204 -8.26 -1.70 -7.58
N ARG C 205 -8.69 -0.50 -7.20
CA ARG C 205 -8.35 0.75 -7.90
C ARG C 205 -6.91 1.18 -7.70
N GLY C 206 -6.25 0.72 -6.65
CA GLY C 206 -4.81 0.84 -6.40
C GLY C 206 -3.98 -0.12 -7.28
N LEU C 207 -4.59 -1.20 -7.77
CA LEU C 207 -4.02 -2.14 -8.73
C LEU C 207 -4.36 -1.74 -10.19
N GLY C 208 -5.03 -0.60 -10.37
CA GLY C 208 -5.21 0.05 -11.66
C GLY C 208 -6.40 -0.48 -12.47
N LEU C 209 -7.33 -1.18 -11.83
CA LEU C 209 -8.62 -1.55 -12.38
C LEU C 209 -9.73 -0.84 -11.59
N SER C 210 -10.71 -0.22 -12.24
CA SER C 210 -11.88 0.35 -11.55
C SER C 210 -13.10 -0.55 -11.74
N PRO C 211 -13.95 -0.78 -10.72
CA PRO C 211 -15.24 -1.39 -10.92
C PRO C 211 -16.04 -0.68 -12.00
N ASP C 212 -16.50 -1.43 -12.99
CA ASP C 212 -17.51 -0.99 -13.93
C ASP C 212 -18.91 -1.38 -13.48
N LEU C 213 -19.04 -2.49 -12.75
CA LEU C 213 -20.18 -2.86 -11.91
C LEU C 213 -19.66 -3.32 -10.54
N ILE C 214 -20.33 -2.96 -9.45
CA ILE C 214 -20.09 -3.51 -8.11
C ILE C 214 -21.28 -4.38 -7.76
N VAL C 215 -21.05 -5.67 -7.52
CA VAL C 215 -22.08 -6.63 -7.14
C VAL C 215 -21.94 -6.90 -5.66
N CYS C 216 -22.87 -6.39 -4.90
CA CYS C 216 -22.98 -6.54 -3.47
C CYS C 216 -23.56 -7.90 -3.16
N ARG C 217 -22.82 -8.77 -2.50
CA ARG C 217 -23.55 -9.81 -1.82
C ARG C 217 -23.72 -9.71 -0.31
N SER C 218 -24.99 -9.75 -0.04
CA SER C 218 -25.68 -9.42 1.19
C SER C 218 -26.66 -10.53 1.56
N SER C 219 -26.98 -10.72 2.83
CA SER C 219 -28.00 -11.67 3.26
C SER C 219 -29.42 -11.23 2.88
N THR C 220 -29.76 -9.97 3.14
CA THR C 220 -31.02 -9.31 2.79
C THR C 220 -30.81 -8.42 1.56
N PRO C 221 -31.82 -8.03 0.77
CA PRO C 221 -31.66 -6.94 -0.21
C PRO C 221 -31.12 -5.66 0.46
N ILE C 222 -30.17 -4.96 -0.16
CA ILE C 222 -29.59 -3.74 0.45
C ILE C 222 -30.53 -2.54 0.39
N GLU C 223 -30.56 -1.74 1.44
CA GLU C 223 -31.30 -0.47 1.50
C GLU C 223 -30.74 0.59 0.56
N MET C 224 -31.54 1.58 0.14
CA MET C 224 -31.05 2.67 -0.72
C MET C 224 -29.92 3.48 -0.08
N ALA C 225 -29.97 3.73 1.23
CA ALA C 225 -28.88 4.42 1.94
C ALA C 225 -27.54 3.68 1.86
N VAL C 226 -27.58 2.35 1.82
CA VAL C 226 -26.42 1.47 1.68
C VAL C 226 -25.88 1.54 0.27
N LYS C 227 -26.76 1.45 -0.75
CA LYS C 227 -26.39 1.60 -2.16
C LYS C 227 -25.81 2.99 -2.48
N GLU C 228 -26.32 4.04 -1.85
CA GLU C 228 -25.79 5.40 -1.97
C GLU C 228 -24.36 5.55 -1.42
N LYS C 229 -24.05 5.02 -0.22
CA LYS C 229 -22.69 4.99 0.32
C LYS C 229 -21.70 4.29 -0.62
N ILE C 230 -22.09 3.14 -1.15
CA ILE C 230 -21.26 2.38 -2.10
C ILE C 230 -21.04 3.21 -3.37
N SER C 231 -22.10 3.73 -3.98
CA SER C 231 -21.95 4.53 -5.22
C SER C 231 -21.12 5.81 -5.02
N MET C 232 -21.19 6.46 -3.85
CA MET C 232 -20.37 7.62 -3.51
C MET C 232 -18.91 7.25 -3.24
N PHE C 233 -18.66 6.37 -2.26
CA PHE C 233 -17.30 6.00 -1.85
C PHE C 233 -16.53 5.12 -2.82
N CYS C 234 -17.22 4.38 -3.69
CA CYS C 234 -16.60 3.53 -4.70
C CYS C 234 -16.61 4.19 -6.09
N HIS C 235 -17.14 5.41 -6.20
CA HIS C 235 -17.06 6.30 -7.36
C HIS C 235 -17.59 5.65 -8.64
N VAL C 236 -18.83 5.18 -8.54
CA VAL C 236 -19.56 4.42 -9.54
C VAL C 236 -21.02 4.89 -9.44
N ASN C 237 -21.78 4.93 -10.52
CA ASN C 237 -23.17 5.41 -10.45
C ASN C 237 -24.08 4.40 -9.69
N PRO C 238 -25.19 4.85 -9.08
CA PRO C 238 -26.15 3.95 -8.40
C PRO C 238 -26.64 2.73 -9.22
N GLU C 239 -26.85 2.93 -10.53
CA GLU C 239 -27.20 1.91 -11.53
C GLU C 239 -26.12 0.85 -11.75
N GLN C 240 -24.88 1.15 -11.37
CA GLN C 240 -23.73 0.25 -11.42
C GLN C 240 -23.49 -0.47 -10.08
N VAL C 241 -24.26 -0.17 -9.04
CA VAL C 241 -24.24 -0.91 -7.77
C VAL C 241 -25.39 -1.91 -7.79
N ILE C 242 -25.07 -3.17 -8.01
CA ILE C 242 -25.97 -4.31 -8.09
C ILE C 242 -26.03 -4.99 -6.73
N CYS C 243 -27.20 -5.45 -6.31
CA CYS C 243 -27.34 -6.28 -5.13
C CYS C 243 -27.81 -7.67 -5.51
N ILE C 244 -27.05 -8.72 -5.19
CA ILE C 244 -27.55 -10.10 -5.19
C ILE C 244 -27.62 -10.53 -3.74
N HIS C 245 -28.84 -10.64 -3.23
CA HIS C 245 -29.11 -11.18 -1.89
C HIS C 245 -29.14 -12.70 -1.91
N ASP C 246 -29.17 -13.33 -0.73
CA ASP C 246 -29.50 -14.74 -0.59
C ASP C 246 -30.88 -15.06 -1.20
N VAL C 247 -30.88 -15.82 -2.28
CA VAL C 247 -32.02 -16.33 -3.01
C VAL C 247 -32.25 -17.82 -2.76
N SER C 248 -33.39 -18.30 -3.24
CA SER C 248 -33.85 -19.67 -3.23
C SER C 248 -32.90 -20.66 -3.93
N SER C 249 -32.45 -20.29 -5.13
CA SER C 249 -31.71 -21.17 -6.01
C SER C 249 -30.86 -20.34 -6.98
N THR C 250 -29.83 -20.98 -7.53
CA THR C 250 -29.05 -20.55 -8.67
C THR C 250 -29.89 -20.23 -9.89
N TYR C 251 -31.07 -20.84 -10.05
CA TYR C 251 -31.95 -20.48 -11.16
C TYR C 251 -32.42 -19.01 -11.10
N ARG C 252 -32.50 -18.44 -9.90
CA ARG C 252 -33.02 -17.09 -9.67
C ARG C 252 -31.97 -15.99 -9.88
N VAL C 253 -30.68 -16.32 -9.89
CA VAL C 253 -29.58 -15.35 -9.96
C VAL C 253 -29.49 -14.63 -11.32
N PRO C 254 -29.57 -15.29 -12.49
CA PRO C 254 -29.73 -14.59 -13.76
C PRO C 254 -30.96 -13.67 -13.82
N VAL C 255 -32.10 -14.14 -13.33
CA VAL C 255 -33.38 -13.45 -13.31
C VAL C 255 -33.31 -12.15 -12.50
N LEU C 256 -32.66 -12.23 -11.33
CA LEU C 256 -32.33 -11.09 -10.49
C LEU C 256 -31.46 -10.04 -11.21
N LEU C 257 -30.47 -10.47 -11.98
CA LEU C 257 -29.58 -9.59 -12.72
C LEU C 257 -30.29 -8.86 -13.87
N GLU C 258 -31.28 -9.45 -14.55
CA GLU C 258 -32.18 -8.72 -15.46
C GLU C 258 -32.95 -7.61 -14.74
N GLU C 259 -33.43 -7.92 -13.53
CA GLU C 259 -34.11 -7.00 -12.61
C GLU C 259 -33.16 -5.96 -11.95
N GLN C 260 -31.87 -5.99 -12.31
CA GLN C 260 -30.87 -4.97 -12.02
C GLN C 260 -30.36 -4.33 -13.33
N SER C 261 -30.90 -4.74 -14.48
CA SER C 261 -30.74 -4.17 -15.83
C SER C 261 -29.34 -4.27 -16.45
N ILE C 262 -28.56 -5.30 -16.09
CA ILE C 262 -27.15 -5.46 -16.52
C ILE C 262 -26.96 -5.52 -18.03
N VAL C 263 -27.95 -6.00 -18.77
CA VAL C 263 -27.95 -6.07 -20.22
C VAL C 263 -27.86 -4.68 -20.88
N LYS C 264 -28.50 -3.66 -20.25
CA LYS C 264 -28.43 -2.28 -20.70
C LYS C 264 -27.01 -1.73 -20.51
N TYR C 265 -26.39 -2.08 -19.38
CA TYR C 265 -25.01 -1.74 -19.09
C TYR C 265 -24.06 -2.40 -20.07
N PHE C 266 -24.17 -3.70 -20.29
CA PHE C 266 -23.31 -4.42 -21.21
C PHE C 266 -23.51 -4.00 -22.68
N LYS C 267 -24.75 -3.69 -23.09
CA LYS C 267 -25.06 -3.12 -24.40
C LYS C 267 -24.34 -1.79 -24.64
N GLU C 268 -24.47 -0.86 -23.68
CA GLU C 268 -23.85 0.46 -23.73
C GLU C 268 -22.32 0.39 -23.68
N ARG C 269 -21.77 -0.36 -22.71
CA ARG C 269 -20.34 -0.45 -22.44
C ARG C 269 -19.60 -1.29 -23.47
N LEU C 270 -19.99 -2.54 -23.66
CA LEU C 270 -19.28 -3.46 -24.55
C LEU C 270 -19.75 -3.37 -26.01
N HIS C 271 -20.70 -2.46 -26.31
CA HIS C 271 -21.18 -2.15 -27.66
C HIS C 271 -21.82 -3.38 -28.34
N LEU C 272 -22.58 -4.14 -27.56
CA LEU C 272 -23.07 -5.46 -27.96
C LEU C 272 -24.31 -5.37 -28.86
N PRO C 273 -24.38 -6.17 -29.95
CA PRO C 273 -25.51 -6.18 -30.89
C PRO C 273 -26.75 -6.90 -30.31
N ILE C 274 -27.34 -6.34 -29.25
CA ILE C 274 -28.35 -7.00 -28.41
C ILE C 274 -29.47 -6.01 -28.13
N LEU C 282 -35.08 -14.56 -20.70
CA LEU C 282 -34.47 -15.78 -20.12
C LEU C 282 -35.48 -16.95 -20.24
N PHE C 283 -36.68 -16.73 -19.70
CA PHE C 283 -37.84 -17.63 -19.56
C PHE C 283 -37.56 -18.89 -18.73
N LYS C 284 -36.64 -19.74 -19.21
CA LYS C 284 -36.28 -21.03 -18.63
C LYS C 284 -35.78 -20.90 -17.19
N TRP C 285 -34.88 -19.96 -16.95
CA TRP C 285 -34.35 -19.66 -15.62
C TRP C 285 -35.44 -19.15 -14.69
N ARG C 286 -36.42 -18.36 -15.18
CA ARG C 286 -37.58 -17.98 -14.39
C ARG C 286 -38.42 -19.22 -14.04
N ASN C 287 -38.77 -20.01 -15.05
CA ASN C 287 -39.57 -21.24 -14.95
C ASN C 287 -38.97 -22.23 -13.93
N MET C 288 -37.67 -22.53 -14.06
CA MET C 288 -36.95 -23.40 -13.15
C MET C 288 -36.88 -22.85 -11.71
N ALA C 289 -36.68 -21.54 -11.54
CA ALA C 289 -36.74 -20.89 -10.23
C ALA C 289 -38.12 -20.98 -9.60
N ASP C 290 -39.16 -20.61 -10.37
CA ASP C 290 -40.57 -20.68 -9.99
C ASP C 290 -41.01 -22.11 -9.62
N ARG C 291 -40.61 -23.11 -10.42
CA ARG C 291 -40.80 -24.51 -10.09
C ARG C 291 -40.10 -24.92 -8.79
N TYR C 292 -38.82 -24.55 -8.63
CA TYR C 292 -37.99 -24.96 -7.50
C TYR C 292 -38.59 -24.53 -6.15
N GLU C 293 -39.12 -23.31 -6.12
CA GLU C 293 -39.83 -22.70 -4.99
C GLU C 293 -41.18 -23.38 -4.65
N ARG C 294 -41.68 -24.27 -5.52
CA ARG C 294 -42.95 -24.97 -5.38
C ARG C 294 -42.79 -26.49 -5.25
N LEU C 295 -41.56 -27.01 -5.13
CA LEU C 295 -41.30 -28.45 -4.98
C LEU C 295 -41.77 -28.94 -3.60
N GLN C 296 -42.78 -29.83 -3.59
CA GLN C 296 -43.43 -30.32 -2.37
C GLN C 296 -43.23 -31.84 -2.17
N LYS C 297 -43.25 -32.61 -3.26
CA LYS C 297 -43.14 -34.07 -3.22
C LYS C 297 -41.69 -34.48 -2.94
N ILE C 298 -41.41 -34.96 -1.73
CA ILE C 298 -40.08 -35.36 -1.30
C ILE C 298 -39.68 -36.73 -1.90
N CYS C 299 -38.50 -36.77 -2.53
CA CYS C 299 -37.78 -37.98 -2.87
C CYS C 299 -36.54 -38.00 -1.96
N SER C 300 -36.52 -38.89 -0.96
CA SER C 300 -35.43 -39.03 -0.02
C SER C 300 -34.40 -40.06 -0.51
N ILE C 301 -33.23 -39.57 -0.92
CA ILE C 301 -32.14 -40.39 -1.46
C ILE C 301 -30.94 -40.34 -0.51
N ALA C 302 -30.38 -41.52 -0.25
CA ALA C 302 -29.23 -41.72 0.61
C ALA C 302 -27.95 -41.69 -0.23
N LEU C 303 -27.12 -40.66 -0.02
CA LEU C 303 -25.78 -40.59 -0.58
C LEU C 303 -24.82 -41.19 0.45
N VAL C 304 -24.20 -42.31 0.09
CA VAL C 304 -23.37 -43.14 0.98
C VAL C 304 -21.93 -42.78 0.61
N ASP C 312 -19.10 -30.14 -0.64
CA ASP C 312 -18.91 -29.91 -2.09
C ASP C 312 -18.05 -31.04 -2.75
N CYS C 313 -17.71 -32.07 -1.97
CA CYS C 313 -17.03 -33.30 -2.35
C CYS C 313 -17.78 -34.10 -3.44
N TYR C 314 -19.09 -33.87 -3.52
CA TYR C 314 -20.02 -34.50 -4.43
C TYR C 314 -20.97 -33.44 -5.02
N ALA C 315 -20.48 -32.24 -5.34
CA ALA C 315 -21.28 -31.14 -5.88
C ALA C 315 -21.93 -31.43 -7.24
N SER C 316 -21.28 -32.10 -8.19
CA SER C 316 -21.93 -32.46 -9.46
C SER C 316 -22.99 -33.53 -9.25
N VAL C 317 -22.83 -34.42 -8.27
CA VAL C 317 -23.75 -35.48 -7.91
C VAL C 317 -25.07 -34.88 -7.36
N PHE C 318 -24.95 -33.95 -6.41
CA PHE C 318 -26.05 -33.20 -5.84
C PHE C 318 -26.82 -32.38 -6.89
N LYS C 319 -26.09 -31.67 -7.75
CA LYS C 319 -26.65 -30.90 -8.86
C LYS C 319 -27.36 -31.79 -9.88
N ALA C 320 -26.80 -32.94 -10.22
CA ALA C 320 -27.39 -33.94 -11.10
C ALA C 320 -28.71 -34.53 -10.59
N LEU C 321 -28.77 -34.79 -9.27
CA LEU C 321 -29.99 -35.18 -8.57
C LEU C 321 -31.03 -34.05 -8.58
N GLU C 322 -30.63 -32.80 -8.30
CA GLU C 322 -31.52 -31.64 -8.32
C GLU C 322 -32.10 -31.32 -9.70
N HIS C 323 -31.31 -31.47 -10.77
CA HIS C 323 -31.77 -31.39 -12.16
C HIS C 323 -32.82 -32.45 -12.46
N SER C 324 -32.61 -33.65 -11.98
CA SER C 324 -33.52 -34.79 -12.13
C SER C 324 -34.82 -34.58 -11.33
N ALA C 325 -34.69 -34.13 -10.07
CA ALA C 325 -35.78 -33.79 -9.16
C ALA C 325 -36.71 -32.73 -9.73
N LEU C 326 -36.11 -31.63 -10.22
CA LEU C 326 -36.81 -30.52 -10.85
C LEU C 326 -37.60 -30.96 -12.09
N ALA C 327 -36.99 -31.81 -12.92
CA ALA C 327 -37.60 -32.34 -14.14
C ALA C 327 -38.84 -33.21 -13.88
N ILE C 328 -38.85 -33.94 -12.75
CA ILE C 328 -39.98 -34.76 -12.33
C ILE C 328 -40.86 -34.05 -11.27
N ASN C 329 -40.64 -32.74 -11.06
CA ASN C 329 -41.35 -31.84 -10.12
C ASN C 329 -41.38 -32.36 -8.67
N HIS C 330 -40.28 -32.98 -8.23
CA HIS C 330 -40.08 -33.44 -6.86
C HIS C 330 -39.00 -32.60 -6.18
N LYS C 331 -39.05 -32.55 -4.85
CA LYS C 331 -37.99 -32.05 -4.00
C LYS C 331 -37.04 -33.21 -3.71
N LEU C 332 -35.74 -33.00 -3.92
CA LEU C 332 -34.70 -33.90 -3.44
C LEU C 332 -34.47 -33.63 -1.95
N ASN C 333 -34.49 -34.68 -1.15
CA ASN C 333 -33.92 -34.69 0.19
C ASN C 333 -32.71 -35.61 0.11
N LEU C 334 -31.55 -35.03 -0.19
CA LEU C 334 -30.28 -35.76 -0.23
C LEU C 334 -29.73 -35.80 1.19
N MET C 335 -29.84 -36.97 1.82
CA MET C 335 -29.29 -37.22 3.15
C MET C 335 -27.97 -37.96 2.95
N TYR C 336 -26.90 -37.34 3.45
CA TYR C 336 -25.54 -37.79 3.31
C TYR C 336 -25.22 -38.69 4.50
N ILE C 337 -24.68 -39.87 4.23
CA ILE C 337 -24.34 -40.89 5.19
C ILE C 337 -22.87 -41.27 4.94
N ASP C 338 -22.05 -41.29 6.00
CA ASP C 338 -20.69 -41.81 5.90
C ASP C 338 -20.77 -43.34 6.02
N SER C 339 -20.01 -44.04 5.17
CA SER C 339 -19.96 -45.50 5.17
C SER C 339 -19.41 -46.10 6.48
N ILE C 340 -18.54 -45.35 7.17
CA ILE C 340 -18.04 -45.67 8.50
C ILE C 340 -19.10 -45.60 9.62
N ASP C 341 -20.20 -44.85 9.40
CA ASP C 341 -21.34 -44.80 10.31
C ASP C 341 -22.15 -46.10 10.22
N LEU C 342 -22.35 -46.59 8.98
CA LEU C 342 -23.07 -47.85 8.72
C LEU C 342 -22.26 -49.07 9.15
N GLU C 343 -20.92 -48.96 9.13
CA GLU C 343 -19.96 -50.01 9.46
C GLU C 343 -20.11 -50.46 10.92
N LYS C 344 -19.67 -51.70 11.21
CA LYS C 344 -19.78 -52.36 12.51
C LYS C 344 -19.10 -51.62 13.67
N ILE C 345 -18.16 -50.70 13.35
CA ILE C 345 -17.45 -49.82 14.27
C ILE C 345 -18.41 -48.67 14.59
N PRO C 351 -21.61 -46.17 18.14
CA PRO C 351 -22.82 -46.87 17.66
C PRO C 351 -24.11 -46.00 17.65
N VAL C 352 -24.02 -44.75 18.13
CA VAL C 352 -25.09 -43.75 18.04
C VAL C 352 -25.33 -43.38 16.56
N LYS C 353 -24.23 -43.11 15.83
CA LYS C 353 -24.28 -42.76 14.41
C LYS C 353 -24.71 -43.93 13.51
N PHE C 354 -24.56 -45.18 13.98
CA PHE C 354 -25.08 -46.38 13.31
C PHE C 354 -26.62 -46.33 13.22
N HIS C 355 -27.25 -45.95 14.34
CA HIS C 355 -28.70 -45.84 14.47
C HIS C 355 -29.27 -44.53 13.87
N GLU C 356 -28.40 -43.59 13.52
CA GLU C 356 -28.70 -42.46 12.66
C GLU C 356 -28.64 -42.92 11.19
N ALA C 357 -27.49 -43.47 10.79
CA ALA C 357 -27.15 -43.87 9.43
C ALA C 357 -28.08 -44.93 8.84
N TRP C 358 -28.30 -46.02 9.58
CA TRP C 358 -29.22 -47.08 9.14
C TRP C 358 -30.68 -46.64 9.16
N GLN C 359 -31.04 -45.67 10.01
CA GLN C 359 -32.36 -45.05 10.04
C GLN C 359 -32.60 -44.21 8.78
N LYS C 360 -31.61 -43.40 8.36
CA LYS C 360 -31.57 -42.73 7.05
C LYS C 360 -31.69 -43.73 5.89
N LEU C 361 -30.92 -44.83 5.96
CA LEU C 361 -30.94 -45.91 4.96
C LEU C 361 -32.28 -46.68 4.89
N CYS C 362 -33.08 -46.66 5.97
CA CYS C 362 -34.43 -47.21 5.98
C CYS C 362 -35.42 -46.34 5.19
N LYS C 363 -35.34 -45.01 5.33
CA LYS C 363 -36.20 -44.06 4.61
C LYS C 363 -35.61 -43.64 3.25
N ALA C 364 -34.61 -44.37 2.77
CA ALA C 364 -33.99 -44.17 1.47
C ALA C 364 -34.90 -44.76 0.38
N ASP C 365 -35.47 -43.88 -0.43
CA ASP C 365 -36.23 -44.20 -1.64
C ASP C 365 -35.27 -44.63 -2.76
N GLY C 366 -34.03 -44.15 -2.71
CA GLY C 366 -32.95 -44.60 -3.57
C GLY C 366 -31.66 -44.55 -2.75
N ILE C 367 -30.73 -45.47 -3.05
CA ILE C 367 -29.36 -45.48 -2.54
C ILE C 367 -28.45 -45.01 -3.68
N LEU C 368 -27.54 -44.11 -3.35
CA LEU C 368 -26.52 -43.60 -4.24
C LEU C 368 -25.16 -43.91 -3.59
N VAL C 369 -24.33 -44.70 -4.28
CA VAL C 369 -22.96 -44.95 -3.87
C VAL C 369 -22.04 -44.31 -4.92
N PRO C 370 -21.55 -43.08 -4.66
CA PRO C 370 -20.65 -42.40 -5.57
C PRO C 370 -19.20 -42.91 -5.47
N GLY C 371 -18.33 -42.28 -6.27
CA GLY C 371 -16.93 -42.65 -6.41
C GLY C 371 -16.09 -42.26 -5.18
N GLY C 372 -14.85 -42.70 -5.19
CA GLY C 372 -13.81 -42.34 -4.24
C GLY C 372 -12.51 -43.07 -4.55
N PHE C 373 -11.49 -42.81 -3.76
CA PHE C 373 -10.16 -43.41 -3.88
C PHE C 373 -9.57 -43.66 -2.49
N LEU C 379 -16.48 -48.29 3.51
CA LEU C 379 -16.62 -49.78 3.64
C LEU C 379 -18.13 -50.18 3.68
N GLY C 380 -18.93 -49.50 4.52
CA GLY C 380 -20.38 -49.66 4.63
C GLY C 380 -21.14 -49.32 3.34
N LYS C 381 -20.46 -48.85 2.29
CA LYS C 381 -20.93 -48.84 0.90
C LYS C 381 -21.41 -50.24 0.45
N LEU C 382 -20.65 -51.28 0.82
CA LEU C 382 -20.95 -52.67 0.51
C LEU C 382 -22.21 -53.18 1.22
N GLN C 383 -22.43 -52.69 2.44
CA GLN C 383 -23.63 -52.98 3.22
C GLN C 383 -24.86 -52.28 2.63
N ALA C 384 -24.69 -51.02 2.20
CA ALA C 384 -25.73 -50.23 1.53
C ALA C 384 -26.12 -50.81 0.17
N ILE C 385 -25.13 -51.30 -0.58
CA ILE C 385 -25.30 -52.10 -1.79
C ILE C 385 -26.11 -53.37 -1.53
N SER C 386 -25.73 -54.13 -0.50
CA SER C 386 -26.42 -55.35 -0.08
C SER C 386 -27.89 -55.09 0.31
N TRP C 387 -28.10 -54.02 1.09
CA TRP C 387 -29.40 -53.50 1.52
C TRP C 387 -30.30 -53.20 0.33
N ALA C 388 -29.81 -52.35 -0.59
CA ALA C 388 -30.50 -51.95 -1.81
C ALA C 388 -30.80 -53.12 -2.76
N ARG C 389 -29.83 -54.03 -2.89
CA ARG C 389 -29.93 -55.25 -3.70
C ARG C 389 -31.01 -56.20 -3.16
N THR C 390 -30.99 -56.45 -1.85
CA THR C 390 -31.86 -57.42 -1.20
C THR C 390 -33.30 -56.90 -1.04
N LYS C 391 -33.46 -55.66 -0.55
CA LYS C 391 -34.76 -55.03 -0.31
C LYS C 391 -35.40 -54.48 -1.60
N LYS C 392 -34.66 -54.52 -2.71
CA LYS C 392 -35.03 -54.05 -4.03
C LYS C 392 -35.34 -52.55 -4.10
N ILE C 393 -34.58 -51.77 -3.31
CA ILE C 393 -34.61 -50.32 -3.32
C ILE C 393 -33.69 -49.83 -4.47
N PRO C 394 -34.17 -48.90 -5.32
CA PRO C 394 -33.38 -48.25 -6.38
C PRO C 394 -31.93 -47.87 -6.03
N PHE C 395 -31.00 -48.26 -6.91
CA PHE C 395 -29.57 -48.09 -6.72
C PHE C 395 -28.90 -47.50 -7.95
N LEU C 396 -28.03 -46.51 -7.71
CA LEU C 396 -27.08 -45.99 -8.66
C LEU C 396 -25.68 -46.07 -8.04
N GLY C 397 -24.81 -46.86 -8.66
CA GLY C 397 -23.40 -46.96 -8.30
C GLY C 397 -22.60 -46.22 -9.37
N VAL C 398 -21.69 -45.34 -8.94
CA VAL C 398 -20.82 -44.60 -9.85
C VAL C 398 -19.37 -44.93 -9.52
N CYS C 399 -18.61 -45.36 -10.53
CA CYS C 399 -17.20 -45.69 -10.49
C CYS C 399 -16.91 -46.77 -9.43
N LEU C 400 -16.41 -46.40 -8.26
CA LEU C 400 -16.25 -47.32 -7.13
C LEU C 400 -17.57 -48.01 -6.74
N GLY C 401 -18.72 -47.36 -6.85
CA GLY C 401 -20.02 -47.97 -6.56
C GLY C 401 -20.41 -49.05 -7.58
N MET C 402 -19.84 -49.07 -8.81
CA MET C 402 -19.97 -50.20 -9.76
C MET C 402 -19.04 -51.34 -9.36
N GLN C 403 -17.81 -51.01 -9.02
CA GLN C 403 -16.78 -51.99 -8.69
C GLN C 403 -17.18 -52.72 -7.40
N LEU C 404 -17.57 -52.01 -6.34
CA LEU C 404 -18.09 -52.59 -5.11
C LEU C 404 -19.38 -53.40 -5.34
N ALA C 405 -20.21 -53.02 -6.32
CA ALA C 405 -21.44 -53.74 -6.66
C ALA C 405 -21.16 -55.12 -7.27
N VAL C 406 -20.20 -55.18 -8.20
CA VAL C 406 -19.66 -56.41 -8.83
C VAL C 406 -19.11 -57.35 -7.76
N ILE C 407 -18.27 -56.82 -6.88
CA ILE C 407 -17.67 -57.46 -5.72
C ILE C 407 -18.71 -58.04 -4.75
N GLU C 408 -19.69 -57.23 -4.35
CA GLU C 408 -20.69 -57.65 -3.38
C GLU C 408 -21.75 -58.59 -3.98
N PHE C 409 -21.98 -58.51 -5.30
CA PHE C 409 -22.77 -59.50 -6.04
C PHE C 409 -22.07 -60.87 -5.99
N ALA C 410 -20.74 -60.89 -6.22
CA ALA C 410 -19.92 -62.10 -6.17
C ALA C 410 -19.92 -62.78 -4.79
N ARG C 411 -19.90 -61.97 -3.73
CA ARG C 411 -20.02 -62.41 -2.34
C ARG C 411 -21.40 -62.99 -1.97
N ASN C 412 -22.43 -62.75 -2.80
CA ASN C 412 -23.83 -63.09 -2.50
C ASN C 412 -24.36 -63.73 -3.77
N MET C 448 -4.28 -43.44 -15.78
CA MET C 448 -5.59 -43.34 -15.57
C MET C 448 -6.48 -43.18 -16.80
N ARG C 449 -7.66 -43.81 -16.80
CA ARG C 449 -8.70 -43.62 -17.82
C ARG C 449 -9.44 -42.32 -17.48
N LEU C 450 -9.11 -41.24 -18.18
CA LEU C 450 -9.41 -39.85 -17.80
C LEU C 450 -10.00 -39.05 -18.97
N GLY C 451 -11.15 -38.41 -18.75
CA GLY C 451 -11.85 -37.61 -19.75
C GLY C 451 -12.90 -38.36 -20.55
N ILE C 452 -13.35 -37.82 -21.68
CA ILE C 452 -14.42 -38.42 -22.48
C ILE C 452 -13.97 -39.71 -23.18
N ARG C 453 -14.81 -40.74 -23.13
CA ARG C 453 -14.62 -42.03 -23.81
C ARG C 453 -15.96 -42.52 -24.34
N ARG C 454 -15.96 -43.28 -25.43
CA ARG C 454 -17.15 -43.92 -25.98
C ARG C 454 -17.44 -45.25 -25.28
N THR C 455 -18.63 -45.41 -24.74
CA THR C 455 -19.13 -46.65 -24.15
C THR C 455 -20.23 -47.22 -25.07
N VAL C 456 -20.07 -48.47 -25.50
CA VAL C 456 -20.95 -49.18 -26.42
C VAL C 456 -21.89 -50.06 -25.60
N PHE C 457 -23.20 -49.97 -25.85
CA PHE C 457 -24.19 -50.86 -25.23
C PHE C 457 -24.17 -52.23 -25.93
N LYS C 458 -24.06 -53.30 -25.15
CA LYS C 458 -23.98 -54.68 -25.61
C LYS C 458 -25.33 -55.28 -26.04
N THR C 459 -26.42 -54.56 -25.80
CA THR C 459 -27.78 -55.00 -26.05
C THR C 459 -28.70 -53.77 -26.14
N GLU C 460 -29.89 -53.98 -26.71
CA GLU C 460 -31.01 -53.04 -26.67
C GLU C 460 -31.80 -53.20 -25.35
N ASN C 461 -31.69 -54.38 -24.71
CA ASN C 461 -32.33 -54.71 -23.44
C ASN C 461 -31.52 -54.11 -22.28
N SER C 462 -31.53 -52.79 -22.20
CA SER C 462 -30.83 -51.99 -21.21
C SER C 462 -31.77 -50.86 -20.79
N ILE C 463 -32.00 -50.70 -19.48
CA ILE C 463 -32.79 -49.60 -18.96
C ILE C 463 -32.09 -48.24 -19.17
N LEU C 464 -30.76 -48.18 -18.94
CA LEU C 464 -29.98 -46.98 -19.20
C LEU C 464 -30.01 -46.58 -20.67
N ARG C 465 -29.96 -47.55 -21.59
CA ARG C 465 -30.08 -47.27 -23.02
C ARG C 465 -31.41 -46.60 -23.39
N LYS C 466 -32.53 -46.98 -22.74
CA LYS C 466 -33.82 -46.32 -22.96
C LYS C 466 -33.79 -44.87 -22.45
N LEU C 467 -33.25 -44.68 -21.23
CA LEU C 467 -33.08 -43.36 -20.61
C LEU C 467 -32.18 -42.43 -21.44
N TYR C 468 -31.09 -42.94 -22.01
CA TYR C 468 -30.23 -42.21 -22.95
C TYR C 468 -30.81 -42.07 -24.36
N GLY C 469 -31.99 -42.62 -24.66
CA GLY C 469 -32.69 -42.32 -25.91
C GLY C 469 -32.47 -43.37 -27.01
N ASP C 470 -32.23 -44.63 -26.64
CA ASP C 470 -32.17 -45.83 -27.50
C ASP C 470 -30.87 -45.97 -28.31
N VAL C 471 -29.98 -44.99 -28.20
CA VAL C 471 -28.67 -44.90 -28.86
C VAL C 471 -27.76 -46.13 -28.60
N PRO C 472 -26.99 -46.58 -29.62
CA PRO C 472 -26.13 -47.78 -29.51
C PRO C 472 -24.88 -47.58 -28.65
N PHE C 473 -24.42 -46.33 -28.54
CA PHE C 473 -23.31 -45.92 -27.70
C PHE C 473 -23.63 -44.55 -27.11
N ILE C 474 -22.90 -44.21 -26.05
CA ILE C 474 -22.86 -42.92 -25.37
C ILE C 474 -21.41 -42.48 -25.22
N GLU C 475 -21.17 -41.18 -25.13
CA GLU C 475 -19.86 -40.62 -24.82
C GLU C 475 -19.97 -39.87 -23.49
N GLU C 476 -19.33 -40.37 -22.44
CA GLU C 476 -19.36 -39.83 -21.07
C GLU C 476 -17.96 -39.71 -20.48
N ARG C 477 -17.80 -39.08 -19.31
CA ARG C 477 -16.48 -38.75 -18.76
C ARG C 477 -16.04 -39.71 -17.70
N HIS C 478 -14.80 -40.15 -17.82
CA HIS C 478 -14.19 -41.19 -17.00
C HIS C 478 -13.06 -40.61 -16.13
N ARG C 479 -12.79 -41.24 -14.99
CA ARG C 479 -11.70 -40.93 -14.08
C ARG C 479 -11.40 -42.11 -13.15
N HIS C 480 -10.87 -43.20 -13.68
CA HIS C 480 -10.61 -44.42 -12.90
C HIS C 480 -9.33 -45.14 -13.31
N ARG C 481 -8.61 -45.73 -12.36
CA ARG C 481 -7.43 -46.59 -12.61
C ARG C 481 -7.72 -48.10 -12.61
N PHE C 482 -8.84 -48.52 -12.03
CA PHE C 482 -9.25 -49.92 -11.85
C PHE C 482 -10.52 -50.23 -12.65
N GLU C 483 -10.62 -51.47 -13.13
CA GLU C 483 -11.69 -51.99 -14.00
C GLU C 483 -11.93 -53.49 -13.73
N VAL C 484 -13.06 -54.02 -14.23
CA VAL C 484 -13.44 -55.43 -14.05
C VAL C 484 -12.59 -56.42 -14.87
N ASN C 485 -12.22 -57.57 -14.30
CA ASN C 485 -11.34 -58.56 -14.95
C ASN C 485 -12.05 -59.29 -16.13
N PRO C 486 -11.59 -59.15 -17.39
CA PRO C 486 -12.27 -59.71 -18.57
C PRO C 486 -12.48 -61.24 -18.56
N ASN C 487 -11.62 -61.98 -17.86
CA ASN C 487 -11.71 -63.45 -17.75
C ASN C 487 -12.88 -63.88 -16.84
N LEU C 488 -13.17 -63.12 -15.79
CA LEU C 488 -14.13 -63.46 -14.74
C LEU C 488 -15.58 -63.05 -15.08
N ILE C 489 -15.81 -62.26 -16.14
CA ILE C 489 -17.16 -61.76 -16.49
C ILE C 489 -18.16 -62.90 -16.71
N LYS C 490 -17.67 -64.03 -17.21
CA LYS C 490 -18.45 -65.25 -17.45
C LYS C 490 -18.99 -65.93 -16.19
N GLN C 491 -18.50 -65.59 -15.00
CA GLN C 491 -19.16 -65.96 -13.74
C GLN C 491 -20.53 -65.28 -13.52
N PHE C 492 -20.82 -64.12 -14.15
CA PHE C 492 -21.90 -63.19 -13.76
C PHE C 492 -23.09 -63.09 -14.71
N GLU C 493 -22.74 -63.08 -15.99
CA GLU C 493 -23.55 -63.23 -17.20
C GLU C 493 -24.50 -64.44 -17.16
N GLN C 494 -24.08 -65.51 -16.46
CA GLN C 494 -24.88 -66.68 -16.13
C GLN C 494 -26.06 -66.39 -15.18
N ASN C 495 -25.94 -65.31 -14.40
CA ASN C 495 -26.80 -64.95 -13.27
C ASN C 495 -27.41 -63.56 -13.52
N ASP C 496 -27.92 -62.96 -12.44
CA ASP C 496 -28.78 -61.78 -12.46
C ASP C 496 -28.07 -60.45 -12.82
N LEU C 497 -26.75 -60.39 -12.63
CA LEU C 497 -25.94 -59.19 -12.88
C LEU C 497 -25.44 -59.22 -14.33
N SER C 498 -26.13 -58.51 -15.22
CA SER C 498 -25.69 -58.34 -16.58
C SER C 498 -24.65 -57.22 -16.66
N PHE C 499 -23.60 -57.44 -17.46
CA PHE C 499 -22.67 -56.41 -17.91
C PHE C 499 -23.17 -55.95 -19.26
N VAL C 500 -23.53 -54.68 -19.34
CA VAL C 500 -24.43 -54.15 -20.35
C VAL C 500 -23.74 -53.12 -21.25
N GLY C 501 -22.76 -52.40 -20.72
CA GLY C 501 -21.98 -51.42 -21.47
C GLY C 501 -20.53 -51.85 -21.39
N GLN C 502 -19.80 -51.67 -22.49
CA GLN C 502 -18.37 -51.91 -22.58
C GLN C 502 -17.72 -50.76 -23.34
N ASP C 503 -16.38 -50.68 -23.27
CA ASP C 503 -15.60 -49.85 -24.18
C ASP C 503 -15.57 -50.47 -25.59
N VAL C 504 -15.11 -49.68 -26.55
CA VAL C 504 -14.88 -50.10 -27.93
C VAL C 504 -13.80 -51.22 -28.04
N ASP C 505 -12.87 -51.27 -27.08
CA ASP C 505 -11.82 -52.29 -26.97
C ASP C 505 -12.38 -53.67 -26.56
N GLY C 506 -13.54 -53.68 -25.91
CA GLY C 506 -14.22 -54.87 -25.39
C GLY C 506 -13.56 -55.46 -24.15
N ASP C 507 -12.55 -54.80 -23.60
CA ASP C 507 -11.86 -55.25 -22.41
C ASP C 507 -12.60 -54.85 -21.14
N ARG C 508 -13.00 -53.58 -21.03
CA ARG C 508 -13.65 -53.07 -19.83
C ARG C 508 -15.15 -53.14 -20.02
N MET C 509 -15.80 -53.82 -19.10
CA MET C 509 -17.20 -53.56 -18.87
C MET C 509 -17.30 -52.24 -18.10
N GLU C 510 -18.19 -51.37 -18.54
CA GLU C 510 -18.34 -50.00 -18.07
C GLU C 510 -19.75 -49.67 -17.58
N ILE C 511 -20.70 -50.56 -17.80
CA ILE C 511 -22.03 -50.47 -17.20
C ILE C 511 -22.48 -51.88 -16.79
N ILE C 512 -23.08 -51.99 -15.62
CA ILE C 512 -23.82 -53.15 -15.11
C ILE C 512 -25.28 -52.80 -14.85
N GLU C 513 -26.16 -53.77 -15.05
CA GLU C 513 -27.55 -53.70 -14.61
C GLU C 513 -27.91 -55.05 -13.98
N LEU C 514 -28.49 -55.01 -12.79
CA LEU C 514 -29.07 -56.16 -12.13
C LEU C 514 -30.53 -56.31 -12.61
N ALA C 515 -30.82 -57.43 -13.26
CA ALA C 515 -32.07 -57.64 -14.02
C ALA C 515 -33.32 -57.81 -13.13
N ASN C 516 -33.17 -58.53 -12.02
CA ASN C 516 -34.28 -58.92 -11.13
C ASN C 516 -34.46 -57.89 -10.01
N HIS C 517 -34.55 -56.61 -10.39
CA HIS C 517 -34.58 -55.45 -9.50
C HIS C 517 -35.21 -54.28 -10.30
N PRO C 518 -36.03 -53.42 -9.66
CA PRO C 518 -36.58 -52.20 -10.29
C PRO C 518 -35.57 -51.28 -11.02
N TYR C 519 -34.39 -51.05 -10.41
CA TYR C 519 -33.37 -50.17 -10.94
C TYR C 519 -32.13 -50.33 -10.05
N PHE C 520 -31.21 -51.22 -10.43
CA PHE C 520 -29.91 -51.33 -9.79
C PHE C 520 -28.92 -51.31 -10.94
N VAL C 521 -28.32 -50.13 -11.15
CA VAL C 521 -27.37 -49.89 -12.22
C VAL C 521 -26.04 -49.46 -11.59
N GLY C 522 -24.95 -49.80 -12.27
CA GLY C 522 -23.62 -49.35 -11.94
C GLY C 522 -23.04 -48.82 -13.24
N VAL C 523 -22.31 -47.70 -13.18
CA VAL C 523 -21.59 -47.11 -14.30
C VAL C 523 -20.15 -46.78 -13.85
N GLN C 524 -19.18 -46.98 -14.75
CA GLN C 524 -17.76 -46.63 -14.53
C GLN C 524 -17.48 -45.13 -14.75
N PHE C 525 -18.17 -44.51 -15.70
CA PHE C 525 -18.09 -43.07 -15.94
C PHE C 525 -18.80 -42.28 -14.83
N HIS C 526 -18.49 -40.99 -14.77
CA HIS C 526 -19.19 -39.98 -14.00
C HIS C 526 -20.18 -39.22 -14.89
N PRO C 527 -21.45 -39.65 -14.99
CA PRO C 527 -22.43 -38.93 -15.80
C PRO C 527 -22.92 -37.65 -15.14
N GLU C 528 -22.50 -37.36 -13.90
CA GLU C 528 -22.73 -36.08 -13.25
C GLU C 528 -22.20 -34.91 -14.06
N PHE C 529 -20.99 -35.03 -14.63
CA PHE C 529 -20.29 -33.93 -15.29
C PHE C 529 -20.96 -33.50 -16.60
N SER C 530 -21.79 -34.38 -17.14
CA SER C 530 -22.64 -34.20 -18.30
C SER C 530 -24.00 -33.56 -17.95
N SER C 531 -24.42 -33.59 -16.68
CA SER C 531 -25.72 -33.06 -16.24
C SER C 531 -25.79 -31.55 -16.42
N ARG C 532 -26.92 -31.06 -16.95
CA ARG C 532 -27.25 -29.63 -17.08
C ARG C 532 -28.76 -29.45 -16.83
N PRO C 533 -29.26 -28.29 -16.37
CA PRO C 533 -30.68 -28.13 -16.02
C PRO C 533 -31.65 -28.50 -17.13
N MET C 534 -31.28 -28.18 -18.37
CA MET C 534 -32.06 -28.46 -19.59
C MET C 534 -32.08 -29.94 -19.99
N LYS C 535 -31.12 -30.77 -19.53
CA LYS C 535 -30.90 -32.17 -19.88
C LYS C 535 -30.33 -32.96 -18.69
N PRO C 536 -31.19 -33.38 -17.75
CA PRO C 536 -30.82 -34.27 -16.62
C PRO C 536 -30.03 -35.51 -17.07
N SER C 537 -29.03 -35.86 -16.26
CA SER C 537 -28.14 -37.00 -16.47
C SER C 537 -28.93 -38.31 -16.36
N PRO C 538 -29.08 -39.10 -17.42
CA PRO C 538 -30.02 -40.21 -17.44
C PRO C 538 -29.90 -41.23 -16.31
N PRO C 539 -28.70 -41.62 -15.83
CA PRO C 539 -28.55 -42.49 -14.67
C PRO C 539 -29.10 -41.94 -13.34
N TYR C 540 -29.09 -40.62 -13.18
CA TYR C 540 -29.62 -39.89 -12.04
C TYR C 540 -31.13 -39.70 -12.17
N LEU C 541 -31.60 -39.43 -13.39
CA LEU C 541 -33.01 -39.31 -13.72
C LEU C 541 -33.76 -40.62 -13.47
N GLY C 542 -33.15 -41.73 -13.90
CA GLY C 542 -33.62 -43.10 -13.67
C GLY C 542 -33.75 -43.41 -12.18
N LEU C 543 -32.82 -42.95 -11.34
CA LEU C 543 -32.84 -43.15 -9.89
C LEU C 543 -34.06 -42.48 -9.24
N LEU C 544 -34.30 -41.20 -9.56
CA LEU C 544 -35.45 -40.46 -9.03
C LEU C 544 -36.78 -40.95 -9.60
N LEU C 545 -36.82 -41.28 -10.89
CA LEU C 545 -37.97 -41.91 -11.52
C LEU C 545 -38.33 -43.26 -10.87
N ALA C 546 -37.32 -44.11 -10.59
CA ALA C 546 -37.50 -45.38 -9.92
C ALA C 546 -37.98 -45.22 -8.47
N ALA C 547 -37.32 -44.33 -7.73
CA ALA C 547 -37.61 -44.00 -6.34
C ALA C 547 -39.01 -43.43 -6.09
N THR C 548 -39.62 -42.84 -7.14
CA THR C 548 -40.96 -42.27 -7.09
C THR C 548 -41.98 -43.14 -7.89
N GLY C 549 -41.54 -44.26 -8.48
CA GLY C 549 -42.39 -45.22 -9.20
C GLY C 549 -42.75 -44.78 -10.62
N ASN C 550 -42.36 -43.56 -11.03
CA ASN C 550 -42.65 -42.93 -12.31
C ASN C 550 -41.84 -43.49 -13.49
N LEU C 551 -40.86 -44.36 -13.22
CA LEU C 551 -39.97 -45.01 -14.20
C LEU C 551 -40.73 -45.72 -15.32
N ASN C 552 -41.70 -46.55 -14.96
CA ASN C 552 -42.50 -47.33 -15.91
C ASN C 552 -43.52 -46.47 -16.68
N ALA C 553 -43.80 -45.26 -16.22
CA ALA C 553 -44.59 -44.27 -16.95
C ALA C 553 -43.71 -43.50 -17.95
N TYR C 554 -42.48 -43.16 -17.53
CA TYR C 554 -41.47 -42.51 -18.36
C TYR C 554 -41.02 -43.41 -19.51
N LEU C 555 -40.72 -44.68 -19.20
CA LEU C 555 -40.35 -45.73 -20.14
C LEU C 555 -41.59 -46.34 -20.84
N GLN C 556 -42.50 -45.47 -21.27
CA GLN C 556 -43.82 -45.80 -21.85
C GLN C 556 -44.37 -44.52 -22.47
N MET D 1 3.34 5.13 32.28
CA MET D 1 2.08 4.36 32.57
C MET D 1 2.13 3.09 31.67
N LYS D 2 1.18 2.18 31.89
CA LYS D 2 0.91 1.05 30.99
C LYS D 2 -0.21 1.47 30.04
N TYR D 3 -0.08 1.16 28.75
CA TYR D 3 -1.03 1.57 27.72
C TYR D 3 -1.52 0.34 26.96
N ILE D 4 -2.82 0.30 26.69
CA ILE D 4 -3.43 -0.72 25.85
C ILE D 4 -4.16 0.02 24.74
N LEU D 5 -3.65 -0.09 23.51
CA LEU D 5 -4.36 0.38 22.32
C LEU D 5 -5.34 -0.72 21.88
N VAL D 6 -6.56 -0.32 21.51
CA VAL D 6 -7.55 -1.20 20.93
C VAL D 6 -7.88 -0.64 19.54
N THR D 7 -7.44 -1.34 18.49
CA THR D 7 -7.70 -1.04 17.10
C THR D 7 -8.83 -1.93 16.57
N GLY D 8 -9.48 -1.46 15.50
CA GLY D 8 -10.59 -2.13 14.87
C GLY D 8 -10.25 -2.48 13.45
N GLY D 9 -10.74 -3.63 13.00
CA GLY D 9 -10.58 -4.11 11.64
C GLY D 9 -11.94 -4.44 11.05
N VAL D 10 -11.99 -4.33 9.71
CA VAL D 10 -13.08 -4.70 8.81
C VAL D 10 -14.27 -3.72 8.86
N ILE D 11 -14.89 -3.56 10.03
CA ILE D 11 -16.10 -2.77 10.26
C ILE D 11 -16.15 -2.30 11.72
N SER D 12 -16.65 -1.08 11.96
CA SER D 12 -16.62 -0.47 13.29
C SER D 12 -17.64 -1.05 14.31
N GLY D 13 -18.72 -1.67 13.84
CA GLY D 13 -19.82 -2.12 14.70
C GLY D 13 -19.58 -3.46 15.40
N ILE D 14 -18.36 -3.97 15.36
CA ILE D 14 -17.90 -5.18 16.03
C ILE D 14 -17.92 -5.08 17.56
N GLY D 15 -18.18 -3.92 18.13
CA GLY D 15 -18.27 -3.74 19.56
C GLY D 15 -16.97 -3.42 20.28
N LYS D 16 -15.96 -2.87 19.58
CA LYS D 16 -14.63 -2.57 20.15
C LYS D 16 -14.71 -1.84 21.48
N GLY D 17 -15.65 -0.90 21.62
CA GLY D 17 -15.83 -0.14 22.84
C GLY D 17 -16.30 -1.00 24.01
N ILE D 18 -17.13 -2.01 23.76
CA ILE D 18 -17.54 -2.96 24.80
C ILE D 18 -16.37 -3.86 25.18
N ILE D 19 -15.54 -4.29 24.24
CA ILE D 19 -14.34 -5.10 24.46
C ILE D 19 -13.32 -4.32 25.30
N ALA D 20 -13.01 -3.10 24.88
CA ALA D 20 -12.12 -2.19 25.55
C ALA D 20 -12.60 -1.85 26.96
N SER D 21 -13.89 -1.55 27.11
CA SER D 21 -14.52 -1.36 28.41
C SER D 21 -14.51 -2.63 29.25
N SER D 22 -14.67 -3.80 28.64
CA SER D 22 -14.62 -5.09 29.31
C SER D 22 -13.24 -5.40 29.87
N ILE D 23 -12.17 -5.24 29.10
CA ILE D 23 -10.80 -5.38 29.58
C ILE D 23 -10.46 -4.36 30.66
N GLY D 24 -11.01 -3.14 30.60
CA GLY D 24 -10.88 -2.16 31.65
C GLY D 24 -11.48 -2.63 32.97
N THR D 25 -12.69 -3.22 32.97
CA THR D 25 -13.28 -3.75 34.20
C THR D 25 -12.62 -5.04 34.72
N ILE D 26 -12.00 -5.81 33.84
CA ILE D 26 -11.15 -6.97 34.16
C ILE D 26 -9.91 -6.51 34.95
N LEU D 27 -9.20 -5.52 34.42
CA LEU D 27 -8.05 -4.91 35.06
C LEU D 27 -8.40 -4.20 36.38
N LYS D 28 -9.56 -3.53 36.44
CA LYS D 28 -10.12 -2.96 37.67
C LYS D 28 -10.47 -4.03 38.71
N SER D 29 -11.00 -5.19 38.31
CA SER D 29 -11.24 -6.35 39.17
C SER D 29 -9.94 -6.98 39.69
N CYS D 30 -8.86 -6.83 38.92
CA CYS D 30 -7.49 -7.16 39.30
C CYS D 30 -6.83 -6.08 40.20
N GLY D 31 -7.56 -5.02 40.54
CA GLY D 31 -7.17 -4.02 41.53
C GLY D 31 -6.53 -2.77 40.92
N LEU D 32 -6.48 -2.64 39.59
CA LEU D 32 -5.74 -1.57 38.92
C LEU D 32 -6.63 -0.32 38.72
N ARG D 33 -6.01 0.86 38.87
CA ARG D 33 -6.57 2.15 38.48
C ARG D 33 -6.47 2.30 36.95
N VAL D 34 -7.60 2.24 36.26
CA VAL D 34 -7.70 2.29 34.80
C VAL D 34 -8.30 3.62 34.34
N THR D 35 -7.62 4.27 33.39
CA THR D 35 -8.13 5.39 32.57
C THR D 35 -8.60 4.87 31.22
N ALA D 36 -9.40 5.66 30.51
CA ALA D 36 -9.73 5.40 29.13
C ALA D 36 -9.61 6.68 28.32
N ILE D 37 -9.13 6.55 27.09
CA ILE D 37 -9.17 7.60 26.09
C ILE D 37 -9.85 7.01 24.87
N LYS D 38 -10.74 7.76 24.23
CA LYS D 38 -11.28 7.37 22.94
C LYS D 38 -10.82 8.32 21.87
N ILE D 39 -10.19 7.77 20.85
CA ILE D 39 -9.85 8.50 19.65
C ILE D 39 -11.02 8.30 18.69
N ASP D 40 -11.59 9.41 18.22
CA ASP D 40 -12.57 9.46 17.15
C ASP D 40 -11.98 10.27 15.99
N PRO D 41 -11.45 9.61 14.95
CA PRO D 41 -10.86 10.28 13.79
C PRO D 41 -11.71 11.29 12.98
N TYR D 42 -12.97 11.52 13.37
CA TYR D 42 -13.77 12.61 12.83
C TYR D 42 -13.17 14.00 13.12
N ILE D 43 -13.45 14.96 12.23
CA ILE D 43 -12.93 16.32 12.27
C ILE D 43 -13.80 17.25 13.15
N ASN D 44 -14.95 16.74 13.59
CA ASN D 44 -15.88 17.35 14.53
C ASN D 44 -15.19 17.55 15.89
N ILE D 45 -15.43 18.71 16.49
CA ILE D 45 -15.02 19.04 17.84
C ILE D 45 -16.31 19.05 18.66
N ASP D 46 -16.40 18.06 19.55
CA ASP D 46 -17.59 17.67 20.30
C ASP D 46 -18.76 17.12 19.46
N ALA D 47 -19.58 16.28 20.09
CA ALA D 47 -20.73 15.61 19.52
C ALA D 47 -21.97 16.52 19.50
N GLY D 48 -21.94 17.70 20.13
CA GLY D 48 -22.98 18.71 19.99
C GLY D 48 -23.26 19.13 18.55
N THR D 49 -22.31 18.90 17.64
CA THR D 49 -22.41 19.11 16.21
C THR D 49 -23.28 18.06 15.49
N PHE D 50 -23.55 16.91 16.13
CA PHE D 50 -24.24 15.75 15.55
C PHE D 50 -25.75 15.75 15.75
N SER D 51 -26.45 15.11 14.83
CA SER D 51 -27.80 14.62 15.05
C SER D 51 -27.76 13.33 15.91
N PRO D 52 -28.86 13.01 16.61
CA PRO D 52 -28.94 11.74 17.36
C PRO D 52 -28.91 10.48 16.49
N TYR D 53 -29.18 10.63 15.18
CA TYR D 53 -29.19 9.55 14.20
C TYR D 53 -27.77 9.21 13.69
N GLU D 54 -26.84 10.16 13.79
CA GLU D 54 -25.49 10.05 13.25
C GLU D 54 -24.61 9.11 14.07
N HIS D 55 -24.33 9.51 15.32
CA HIS D 55 -23.36 8.83 16.18
C HIS D 55 -24.03 8.32 17.47
N GLY D 56 -25.37 8.21 17.44
CA GLY D 56 -26.20 7.90 18.59
C GLY D 56 -26.40 9.18 19.40
N GLU D 57 -26.81 9.00 20.65
CA GLU D 57 -26.96 10.09 21.62
C GLU D 57 -25.67 10.90 21.85
N VAL D 58 -25.84 12.14 22.29
CA VAL D 58 -24.80 12.95 22.89
C VAL D 58 -24.78 12.64 24.37
N PHE D 59 -23.78 11.89 24.79
CA PHE D 59 -23.44 11.71 26.19
C PHE D 59 -22.86 13.01 26.73
N VAL D 60 -23.21 13.37 27.96
CA VAL D 60 -22.75 14.61 28.60
C VAL D 60 -21.87 14.23 29.77
N LEU D 61 -20.69 14.85 29.85
CA LEU D 61 -19.69 14.66 30.90
C LEU D 61 -19.87 15.66 32.04
N ASN D 62 -19.26 15.42 33.21
CA ASN D 62 -19.36 16.35 34.34
C ASN D 62 -18.89 17.77 34.01
N ASP D 63 -17.82 17.92 33.25
CA ASP D 63 -17.28 19.23 32.83
C ASP D 63 -18.08 19.91 31.70
N GLY D 64 -19.18 19.33 31.24
CA GLY D 64 -19.98 19.88 30.14
C GLY D 64 -19.53 19.47 28.75
N GLY D 65 -18.60 18.52 28.61
CA GLY D 65 -18.26 17.95 27.31
C GLY D 65 -19.42 17.20 26.69
N GLU D 66 -19.65 17.38 25.40
CA GLU D 66 -20.64 16.63 24.62
C GLU D 66 -19.88 15.61 23.75
N VAL D 67 -20.12 14.31 23.96
CA VAL D 67 -19.34 13.21 23.36
C VAL D 67 -20.28 12.08 22.92
N ASP D 68 -19.85 11.22 21.98
CA ASP D 68 -20.61 10.03 21.60
C ASP D 68 -20.70 9.00 22.74
N LEU D 69 -21.71 8.14 22.62
CA LEU D 69 -22.15 7.23 23.66
C LEU D 69 -21.07 6.26 24.16
N ASP D 70 -20.00 6.03 23.40
CA ASP D 70 -18.92 5.14 23.80
C ASP D 70 -18.10 5.67 24.99
N LEU D 71 -18.02 6.98 25.25
CA LEU D 71 -17.51 7.41 26.56
C LEU D 71 -18.47 7.11 27.71
N GLY D 72 -19.76 6.90 27.44
CA GLY D 72 -20.67 6.35 28.42
C GLY D 72 -20.41 4.88 28.72
N ASN D 73 -19.99 4.08 27.74
CA ASN D 73 -19.58 2.70 27.99
C ASN D 73 -18.36 2.63 28.91
N TYR D 74 -17.33 3.44 28.74
CA TYR D 74 -16.23 3.47 29.72
C TYR D 74 -16.70 3.94 31.09
N GLU D 75 -17.56 4.96 31.19
CA GLU D 75 -18.11 5.38 32.47
C GLU D 75 -18.91 4.30 33.18
N ARG D 76 -19.79 3.59 32.48
CA ARG D 76 -20.64 2.53 33.03
C ARG D 76 -19.85 1.29 33.45
N PHE D 77 -18.86 0.86 32.67
CA PHE D 77 -18.07 -0.33 32.99
C PHE D 77 -17.01 -0.10 34.05
N LEU D 78 -16.34 1.05 34.07
CA LEU D 78 -15.24 1.32 34.99
C LEU D 78 -15.68 2.07 36.26
N ASP D 79 -16.90 2.63 36.33
CA ASP D 79 -17.35 3.59 37.38
C ASP D 79 -16.41 4.80 37.52
N ILE D 80 -16.24 5.48 36.40
CA ILE D 80 -15.23 6.54 36.11
C ILE D 80 -15.97 7.80 35.68
N ASN D 81 -15.33 8.96 35.81
CA ASN D 81 -15.86 10.25 35.40
C ASN D 81 -14.89 10.92 34.43
N LEU D 82 -15.13 10.74 33.14
CA LEU D 82 -14.26 11.21 32.07
C LEU D 82 -14.32 12.71 31.86
N TYR D 83 -13.22 13.29 31.41
CA TYR D 83 -13.14 14.70 31.03
C TYR D 83 -13.26 14.83 29.52
N LYS D 84 -13.60 16.02 29.02
CA LYS D 84 -13.76 16.26 27.58
C LYS D 84 -12.52 15.94 26.75
N ASP D 85 -11.34 16.02 27.34
CA ASP D 85 -10.07 15.70 26.68
C ASP D 85 -9.68 14.22 26.79
N ASN D 86 -10.47 13.36 27.42
CA ASN D 86 -10.42 11.92 27.20
C ASN D 86 -11.08 11.49 25.88
N ASN D 87 -11.72 12.41 25.15
CA ASN D 87 -12.06 12.22 23.75
C ASN D 87 -11.02 12.99 22.93
N ILE D 88 -10.27 12.29 22.10
CA ILE D 88 -9.37 12.90 21.12
C ILE D 88 -10.06 12.84 19.77
N THR D 89 -10.05 13.93 19.03
CA THR D 89 -10.53 13.95 17.66
C THR D 89 -9.47 14.62 16.78
N THR D 90 -9.54 14.36 15.48
CA THR D 90 -8.72 14.97 14.45
C THR D 90 -8.88 16.50 14.43
N GLY D 91 -10.11 16.99 14.69
CA GLY D 91 -10.41 18.41 14.75
C GLY D 91 -9.68 19.07 15.92
N LYS D 92 -9.74 18.42 17.09
CA LYS D 92 -9.13 18.87 18.34
C LYS D 92 -7.60 18.92 18.29
N ILE D 93 -6.99 17.96 17.62
CA ILE D 93 -5.54 17.88 17.43
C ILE D 93 -5.00 18.77 16.30
N TYR D 94 -5.68 18.81 15.14
CA TYR D 94 -5.29 19.72 14.06
C TYR D 94 -5.42 21.20 14.49
N GLN D 95 -6.51 21.56 15.19
CA GLN D 95 -6.70 22.92 15.68
C GLN D 95 -5.64 23.31 16.73
N HIS D 96 -5.26 22.37 17.59
CA HIS D 96 -4.17 22.52 18.55
C HIS D 96 -2.82 22.85 17.90
N VAL D 97 -2.45 22.08 16.87
CA VAL D 97 -1.22 22.27 16.11
C VAL D 97 -1.23 23.59 15.30
N ILE D 98 -2.36 23.92 14.68
CA ILE D 98 -2.59 25.18 13.97
C ILE D 98 -2.45 26.40 14.91
N ASN D 99 -2.99 26.28 16.13
CA ASN D 99 -2.90 27.32 17.15
C ASN D 99 -1.46 27.48 17.66
N LYS D 100 -0.75 26.38 17.92
CA LYS D 100 0.67 26.38 18.26
C LYS D 100 1.55 27.02 17.18
N GLU D 101 1.27 26.71 15.91
CA GLU D 101 1.93 27.29 14.74
C GLU D 101 1.81 28.81 14.70
N ARG D 102 0.58 29.33 14.82
CA ARG D 102 0.29 30.76 14.86
C ARG D 102 0.90 31.50 16.06
N ARG D 103 1.12 30.81 17.18
CA ARG D 103 1.82 31.33 18.36
C ARG D 103 3.35 31.29 18.22
N GLY D 104 3.87 30.63 17.18
CA GLY D 104 5.31 30.52 16.93
C GLY D 104 5.95 29.40 17.78
N ASP D 105 5.16 28.54 18.41
CA ASP D 105 5.60 27.49 19.35
C ASP D 105 6.42 26.38 18.70
N TYR D 106 6.44 26.33 17.36
CA TYR D 106 7.26 25.41 16.57
C TYR D 106 8.52 26.11 16.01
N LEU D 107 8.83 27.32 16.47
CA LEU D 107 10.11 28.03 16.30
C LEU D 107 10.53 28.20 14.81
N GLY D 108 9.56 28.54 13.97
CA GLY D 108 9.75 28.82 12.55
C GLY D 108 9.96 27.56 11.69
N LYS D 109 9.90 26.36 12.28
CA LYS D 109 9.96 25.10 11.55
C LYS D 109 8.62 24.85 10.84
N THR D 110 8.70 24.23 9.65
CA THR D 110 7.58 23.71 8.88
C THR D 110 6.78 22.67 9.70
N VAL D 111 5.52 22.97 10.00
CA VAL D 111 4.64 22.03 10.69
C VAL D 111 4.06 21.05 9.66
N GLN D 112 4.13 19.76 9.99
CA GLN D 112 3.75 18.66 9.14
C GLN D 112 3.29 17.48 10.01
N VAL D 113 2.46 16.61 9.44
CA VAL D 113 1.74 15.57 10.15
C VAL D 113 2.65 14.65 10.99
N VAL D 114 3.69 14.14 10.36
CA VAL D 114 4.80 13.53 11.06
C VAL D 114 5.94 14.58 10.98
N PRO D 115 6.47 15.06 12.12
CA PRO D 115 6.19 14.61 13.49
C PRO D 115 5.02 15.29 14.22
N HIS D 116 4.62 16.51 13.83
CA HIS D 116 3.97 17.46 14.75
C HIS D 116 2.56 17.09 15.21
N ILE D 117 1.76 16.52 14.31
CA ILE D 117 0.43 15.99 14.64
C ILE D 117 0.56 14.68 15.43
N THR D 118 1.52 13.82 15.05
CA THR D 118 1.78 12.58 15.76
C THR D 118 2.30 12.80 17.20
N ASP D 119 3.16 13.81 17.40
CA ASP D 119 3.60 14.27 18.71
C ASP D 119 2.44 14.80 19.55
N ALA D 120 1.55 15.61 18.96
CA ALA D 120 0.34 16.10 19.61
C ALA D 120 -0.57 14.99 20.16
N VAL D 121 -0.75 13.89 19.40
CA VAL D 121 -1.42 12.68 19.87
C VAL D 121 -0.70 12.06 21.09
N GLN D 122 0.63 11.88 21.00
CA GLN D 122 1.44 11.32 22.07
C GLN D 122 1.43 12.17 23.35
N GLU D 123 1.63 13.49 23.21
CA GLU D 123 1.55 14.49 24.27
C GLU D 123 0.22 14.41 25.04
N TRP D 124 -0.88 14.36 24.28
CA TRP D 124 -2.23 14.34 24.78
C TRP D 124 -2.54 13.04 25.51
N VAL D 125 -2.20 11.91 24.91
CA VAL D 125 -2.39 10.58 25.47
C VAL D 125 -1.59 10.34 26.74
N MET D 126 -0.32 10.79 26.78
CA MET D 126 0.53 10.67 27.96
C MET D 126 -0.03 11.46 29.16
N ASN D 127 -0.50 12.68 28.91
CA ASN D 127 -1.04 13.55 29.94
C ASN D 127 -2.46 13.18 30.36
N GLN D 128 -3.37 12.89 29.44
CA GLN D 128 -4.72 12.50 29.80
C GLN D 128 -4.76 11.13 30.45
N ALA D 129 -3.81 10.23 30.18
CA ALA D 129 -3.68 8.98 30.91
C ALA D 129 -3.41 9.18 32.40
N LYS D 130 -2.65 10.23 32.76
CA LYS D 130 -2.29 10.62 34.11
C LYS D 130 -3.40 11.34 34.88
N VAL D 131 -4.47 11.76 34.21
CA VAL D 131 -5.57 12.47 34.84
C VAL D 131 -6.25 11.56 35.87
N PRO D 132 -6.47 11.98 37.12
CA PRO D 132 -7.31 11.21 38.04
C PRO D 132 -8.76 11.26 37.53
N VAL D 133 -9.22 10.13 37.00
CA VAL D 133 -10.53 9.96 36.32
C VAL D 133 -11.52 9.13 37.15
N ASP D 134 -10.99 8.33 38.07
CA ASP D 134 -11.66 7.89 39.29
C ASP D 134 -11.79 9.09 40.25
N GLY D 135 -12.54 8.96 41.35
CA GLY D 135 -12.59 9.96 42.42
C GLY D 135 -11.31 9.99 43.26
N ASN D 136 -10.55 8.89 43.27
CA ASN D 136 -9.24 8.78 43.87
C ASN D 136 -8.23 9.65 43.12
N LYS D 137 -7.56 10.54 43.86
CA LYS D 137 -6.58 11.51 43.36
C LYS D 137 -5.23 10.90 42.96
N GLU D 138 -5.05 9.60 43.19
CA GLU D 138 -3.85 8.84 42.87
C GLU D 138 -3.75 8.61 41.36
N GLU D 139 -2.55 8.79 40.80
CA GLU D 139 -2.30 8.67 39.37
C GLU D 139 -2.59 7.23 38.86
N PRO D 140 -3.38 7.09 37.77
CA PRO D 140 -3.68 5.80 37.12
C PRO D 140 -2.50 4.90 36.76
N GLN D 141 -2.80 3.62 36.53
CA GLN D 141 -1.82 2.58 36.27
C GLN D 141 -1.88 2.08 34.83
N ILE D 142 -3.09 1.97 34.28
CA ILE D 142 -3.33 1.57 32.89
C ILE D 142 -4.20 2.63 32.19
N CYS D 143 -3.98 2.84 30.90
CA CYS D 143 -4.85 3.63 30.05
C CYS D 143 -5.25 2.76 28.84
N VAL D 144 -6.54 2.49 28.69
CA VAL D 144 -7.11 1.82 27.53
C VAL D 144 -7.46 2.88 26.48
N ILE D 145 -6.85 2.82 25.31
CA ILE D 145 -7.08 3.76 24.23
C ILE D 145 -7.81 3.01 23.11
N GLU D 146 -9.07 3.32 22.88
CA GLU D 146 -9.79 2.83 21.73
C GLU D 146 -9.56 3.76 20.54
N LEU D 147 -8.93 3.24 19.50
CA LEU D 147 -8.83 3.90 18.21
C LEU D 147 -10.09 3.54 17.42
N GLY D 148 -11.00 4.53 17.32
CA GLY D 148 -12.23 4.46 16.56
C GLY D 148 -11.96 4.42 15.06
N GLY D 149 -12.97 3.98 14.31
CA GLY D 149 -12.84 3.72 12.89
C GLY D 149 -12.32 2.30 12.67
N THR D 150 -11.88 2.03 11.44
CA THR D 150 -11.28 0.78 11.03
C THR D 150 -9.87 1.11 10.56
N ILE D 151 -8.87 0.35 11.00
CA ILE D 151 -7.50 0.53 10.56
C ILE D 151 -7.36 0.36 9.03
N GLY D 152 -6.93 1.43 8.37
CA GLY D 152 -6.90 1.53 6.92
C GLY D 152 -7.80 2.68 6.44
N ASP D 153 -8.68 3.27 7.27
CA ASP D 153 -9.36 4.51 6.91
C ASP D 153 -8.37 5.69 7.01
N ILE D 154 -8.45 6.61 6.05
CA ILE D 154 -7.48 7.68 5.86
C ILE D 154 -7.35 8.64 7.07
N GLU D 155 -8.45 8.89 7.77
CA GLU D 155 -8.51 9.73 8.96
C GLU D 155 -7.75 9.13 10.15
N GLY D 156 -7.60 7.80 10.19
CA GLY D 156 -6.94 7.08 11.27
C GLY D 156 -5.42 7.07 11.11
N MET D 157 -4.90 7.46 9.94
CA MET D 157 -3.47 7.35 9.61
C MET D 157 -2.47 8.15 10.49
N PRO D 158 -2.81 9.38 10.95
CA PRO D 158 -1.99 10.07 11.97
C PRO D 158 -1.87 9.33 13.31
N PHE D 159 -2.96 8.69 13.75
CA PHE D 159 -3.06 8.05 15.05
C PHE D 159 -2.29 6.73 15.10
N VAL D 160 -2.39 5.90 14.05
CA VAL D 160 -1.61 4.66 13.98
C VAL D 160 -0.10 4.94 13.82
N GLU D 161 0.27 6.01 13.11
CA GLU D 161 1.63 6.47 12.99
C GLU D 161 2.20 6.98 14.33
N ALA D 162 1.39 7.74 15.06
CA ALA D 162 1.67 8.12 16.45
C ALA D 162 1.84 6.91 17.36
N PHE D 163 0.93 5.94 17.28
CA PHE D 163 1.00 4.73 18.08
C PHE D 163 2.14 3.77 17.71
N ARG D 164 2.54 3.74 16.44
CA ARG D 164 3.76 3.09 15.97
C ARG D 164 5.00 3.62 16.70
N GLN D 165 5.16 4.94 16.67
CA GLN D 165 6.21 5.68 17.35
C GLN D 165 6.17 5.50 18.88
N PHE D 166 4.96 5.49 19.44
CA PHE D 166 4.67 5.36 20.87
C PHE D 166 5.11 4.02 21.47
N GLN D 167 5.17 2.94 20.68
CA GLN D 167 5.80 1.68 21.06
C GLN D 167 7.26 1.86 21.49
N PHE D 168 7.98 2.63 20.67
CA PHE D 168 9.43 2.81 20.72
C PHE D 168 9.78 3.95 21.68
N LYS D 169 8.96 5.01 21.71
CA LYS D 169 8.99 6.12 22.66
C LYS D 169 8.29 5.75 23.98
N ALA D 170 8.40 4.47 24.38
CA ALA D 170 7.93 3.87 25.62
C ALA D 170 8.74 2.58 25.80
N LYS D 171 8.09 1.49 26.21
CA LYS D 171 8.65 0.15 26.31
C LYS D 171 7.55 -0.84 25.93
N ARG D 172 7.93 -2.03 25.48
CA ARG D 172 7.00 -3.15 25.23
C ARG D 172 6.32 -3.64 26.51
N GLU D 173 6.99 -3.49 27.64
CA GLU D 173 6.47 -3.67 29.00
C GLU D 173 5.30 -2.73 29.34
N ASN D 174 5.17 -1.64 28.57
CA ASN D 174 4.29 -0.52 28.86
C ASN D 174 3.28 -0.30 27.72
N PHE D 175 3.31 -1.03 26.62
CA PHE D 175 2.40 -0.83 25.51
C PHE D 175 2.01 -2.17 24.93
N CYS D 176 0.75 -2.41 24.68
CA CYS D 176 0.29 -3.48 23.80
C CYS D 176 -0.91 -3.03 22.97
N ASN D 177 -1.18 -3.76 21.90
CA ASN D 177 -2.23 -3.49 20.94
C ASN D 177 -3.18 -4.70 20.82
N ILE D 178 -4.48 -4.47 21.01
CA ILE D 178 -5.56 -5.43 20.78
C ILE D 178 -6.17 -5.08 19.43
N HIS D 179 -6.26 -6.03 18.50
CA HIS D 179 -6.96 -5.80 17.25
C HIS D 179 -8.29 -6.55 17.27
N VAL D 180 -9.40 -5.86 17.11
CA VAL D 180 -10.75 -6.46 17.10
C VAL D 180 -11.18 -6.51 15.66
N SER D 181 -11.66 -7.65 15.18
CA SER D 181 -11.93 -7.85 13.77
C SER D 181 -13.12 -8.77 13.52
N LEU D 182 -13.88 -8.51 12.45
CA LEU D 182 -14.98 -9.35 12.02
C LEU D 182 -14.47 -10.65 11.38
N VAL D 183 -14.94 -11.77 11.87
CA VAL D 183 -14.84 -13.08 11.22
C VAL D 183 -16.21 -13.37 10.62
N PRO D 184 -16.49 -13.01 9.36
CA PRO D 184 -17.80 -13.23 8.78
C PRO D 184 -18.13 -14.71 8.66
N GLN D 185 -19.37 -15.06 8.95
CA GLN D 185 -19.88 -16.43 8.87
C GLN D 185 -20.90 -16.48 7.74
N LEU D 186 -20.64 -17.28 6.72
CA LEU D 186 -21.53 -17.41 5.56
C LEU D 186 -22.78 -18.23 5.87
N SER D 187 -23.88 -17.86 5.21
CA SER D 187 -25.21 -18.40 5.41
C SER D 187 -25.34 -19.88 5.01
N ALA D 188 -25.15 -20.13 3.71
CA ALA D 188 -25.38 -21.44 3.08
C ALA D 188 -24.50 -22.58 3.61
N THR D 189 -23.23 -22.27 3.88
CA THR D 189 -22.23 -23.26 4.28
C THR D 189 -21.97 -23.27 5.79
N GLY D 190 -22.40 -22.26 6.55
CA GLY D 190 -22.00 -22.07 7.94
C GLY D 190 -20.52 -21.68 8.14
N GLU D 191 -19.76 -21.52 7.06
CA GLU D 191 -18.31 -21.37 7.05
C GLU D 191 -17.85 -20.01 7.59
N GLN D 192 -16.99 -20.02 8.61
CA GLN D 192 -16.37 -18.82 9.16
C GLN D 192 -15.12 -18.43 8.37
N LYS D 193 -15.09 -17.23 7.80
CA LYS D 193 -14.01 -16.75 6.96
C LYS D 193 -13.06 -15.83 7.76
N THR D 194 -11.77 -16.11 7.63
CA THR D 194 -10.65 -15.46 8.31
C THR D 194 -9.94 -14.42 7.44
N LYS D 195 -10.24 -14.37 6.15
CA LYS D 195 -9.58 -13.50 5.16
C LYS D 195 -9.60 -11.98 5.49
N PRO D 196 -10.73 -11.40 5.95
CA PRO D 196 -10.76 -9.98 6.34
C PRO D 196 -9.85 -9.66 7.54
N THR D 197 -9.80 -10.55 8.53
CA THR D 197 -8.93 -10.45 9.70
C THR D 197 -7.46 -10.55 9.35
N GLN D 198 -7.11 -11.42 8.41
CA GLN D 198 -5.77 -11.55 7.86
C GLN D 198 -5.31 -10.30 7.09
N ASN D 199 -6.21 -9.78 6.25
CA ASN D 199 -5.98 -8.57 5.44
C ASN D 199 -5.89 -7.32 6.32
N SER D 200 -6.73 -7.24 7.36
CA SER D 200 -6.75 -6.13 8.31
C SER D 200 -5.50 -6.13 9.20
N VAL D 201 -5.06 -7.29 9.68
CA VAL D 201 -3.79 -7.46 10.39
C VAL D 201 -2.59 -7.14 9.49
N ARG D 202 -2.63 -7.48 8.20
CA ARG D 202 -1.61 -7.11 7.23
C ARG D 202 -1.51 -5.58 7.03
N ALA D 203 -2.65 -4.90 6.97
CA ALA D 203 -2.73 -3.44 6.93
C ALA D 203 -2.19 -2.77 8.21
N LEU D 204 -2.62 -3.26 9.37
CA LEU D 204 -2.18 -2.84 10.70
C LEU D 204 -0.69 -3.05 10.90
N ARG D 205 -0.16 -4.20 10.49
CA ARG D 205 1.27 -4.51 10.53
C ARG D 205 2.09 -3.75 9.49
N GLY D 206 1.47 -3.26 8.43
CA GLY D 206 2.01 -2.34 7.44
C GLY D 206 2.09 -0.89 7.98
N LEU D 207 1.29 -0.56 9.00
CA LEU D 207 1.33 0.70 9.73
C LEU D 207 2.25 0.61 10.97
N GLY D 208 2.92 -0.52 11.15
CA GLY D 208 4.01 -0.70 12.10
C GLY D 208 3.55 -1.05 13.52
N LEU D 209 2.31 -1.49 13.69
CA LEU D 209 1.80 -2.07 14.92
C LEU D 209 1.46 -3.55 14.66
N SER D 210 1.87 -4.48 15.52
CA SER D 210 1.45 -5.89 15.43
C SER D 210 0.38 -6.21 16.47
N PRO D 211 -0.67 -6.98 16.15
CA PRO D 211 -1.57 -7.52 17.17
C PRO D 211 -0.79 -8.25 18.26
N ASP D 212 -1.01 -7.86 19.50
CA ASP D 212 -0.60 -8.61 20.66
C ASP D 212 -1.70 -9.56 21.14
N LEU D 213 -2.97 -9.18 20.93
CA LEU D 213 -4.15 -10.05 20.96
C LEU D 213 -5.00 -9.76 19.71
N ILE D 214 -5.58 -10.78 19.09
CA ILE D 214 -6.60 -10.64 18.04
C ILE D 214 -7.91 -11.09 18.62
N VAL D 215 -8.91 -10.22 18.66
CA VAL D 215 -10.25 -10.51 19.16
C VAL D 215 -11.17 -10.64 17.98
N CYS D 216 -11.57 -11.87 17.71
CA CYS D 216 -12.47 -12.26 16.66
C CYS D 216 -13.89 -11.95 17.09
N ARG D 217 -14.58 -11.05 16.41
CA ARG D 217 -16.01 -11.16 16.54
C ARG D 217 -16.80 -11.78 15.38
N SER D 218 -17.49 -12.77 15.85
CA SER D 218 -18.18 -13.83 15.13
C SER D 218 -19.60 -13.99 15.65
N SER D 219 -20.54 -14.47 14.85
CA SER D 219 -21.89 -14.78 15.30
C SER D 219 -21.95 -15.99 16.23
N THR D 220 -21.28 -17.08 15.84
CA THR D 220 -21.13 -18.33 16.61
C THR D 220 -19.72 -18.36 17.23
N PRO D 221 -19.43 -19.13 18.29
CA PRO D 221 -18.04 -19.40 18.70
C PRO D 221 -17.21 -19.95 17.52
N ILE D 222 -15.97 -19.50 17.33
CA ILE D 222 -15.15 -19.97 16.20
C ILE D 222 -14.61 -21.39 16.40
N GLU D 223 -14.57 -22.18 15.35
CA GLU D 223 -13.96 -23.52 15.34
C GLU D 223 -12.43 -23.47 15.51
N MET D 224 -11.81 -24.57 15.98
CA MET D 224 -10.34 -24.61 16.12
C MET D 224 -9.61 -24.45 14.78
N ALA D 225 -10.13 -24.99 13.69
CA ALA D 225 -9.55 -24.79 12.36
C ALA D 225 -9.50 -23.32 11.92
N VAL D 226 -10.49 -22.53 12.34
CA VAL D 226 -10.60 -21.09 12.09
C VAL D 226 -9.60 -20.34 12.93
N LYS D 227 -9.48 -20.67 14.22
CA LYS D 227 -8.48 -20.09 15.12
C LYS D 227 -7.04 -20.41 14.69
N GLU D 228 -6.78 -21.60 14.17
CA GLU D 228 -5.49 -21.99 13.60
C GLU D 228 -5.09 -21.17 12.37
N LYS D 229 -5.99 -20.95 11.40
CA LYS D 229 -5.73 -20.07 10.25
C LYS D 229 -5.36 -18.64 10.68
N ILE D 230 -6.11 -18.08 11.63
CA ILE D 230 -5.83 -16.76 12.18
C ILE D 230 -4.46 -16.73 12.86
N SER D 231 -4.17 -17.67 13.75
CA SER D 231 -2.87 -17.70 14.45
C SER D 231 -1.67 -17.90 13.50
N MET D 232 -1.83 -18.67 12.42
CA MET D 232 -0.82 -18.85 11.39
C MET D 232 -0.63 -17.60 10.51
N PHE D 233 -1.70 -17.16 9.83
CA PHE D 233 -1.64 -16.05 8.89
C PHE D 233 -1.46 -14.66 9.52
N CYS D 234 -1.85 -14.50 10.78
CA CYS D 234 -1.69 -13.24 11.51
C CYS D 234 -0.49 -13.25 12.45
N HIS D 235 0.27 -14.36 12.47
CA HIS D 235 1.57 -14.52 13.11
C HIS D 235 1.55 -14.16 14.61
N VAL D 236 0.64 -14.83 15.30
CA VAL D 236 0.29 -14.65 16.70
C VAL D 236 0.00 -16.04 17.26
N ASN D 237 0.27 -16.33 18.52
CA ASN D 237 0.02 -17.69 19.06
C ASN D 237 -1.49 -17.96 19.20
N PRO D 238 -1.94 -19.24 19.17
CA PRO D 238 -3.36 -19.59 19.38
C PRO D 238 -4.04 -19.00 20.63
N GLU D 239 -3.28 -18.91 21.73
CA GLU D 239 -3.66 -18.28 23.01
C GLU D 239 -3.90 -16.77 22.91
N GLN D 240 -3.37 -16.12 21.87
CA GLN D 240 -3.55 -14.71 21.57
C GLN D 240 -4.68 -14.47 20.55
N VAL D 241 -5.33 -15.52 20.04
CA VAL D 241 -6.53 -15.41 19.22
C VAL D 241 -7.74 -15.65 20.12
N ILE D 242 -8.43 -14.59 20.48
CA ILE D 242 -9.61 -14.56 21.32
C ILE D 242 -10.85 -14.57 20.44
N CYS D 243 -11.90 -15.27 20.85
CA CYS D 243 -13.20 -15.22 20.20
C CYS D 243 -14.22 -14.61 21.15
N ILE D 244 -14.86 -13.50 20.79
CA ILE D 244 -16.10 -13.04 21.43
C ILE D 244 -17.22 -13.23 20.41
N HIS D 245 -18.07 -14.21 20.67
CA HIS D 245 -19.26 -14.46 19.89
C HIS D 245 -20.42 -13.56 20.34
N ASP D 246 -21.51 -13.53 19.59
CA ASP D 246 -22.78 -12.97 20.04
C ASP D 246 -23.26 -13.64 21.34
N VAL D 247 -23.27 -12.87 22.41
CA VAL D 247 -23.73 -13.21 23.76
C VAL D 247 -25.06 -12.55 24.09
N SER D 248 -25.63 -12.99 25.20
CA SER D 248 -26.86 -12.49 25.81
C SER D 248 -26.83 -11.00 26.15
N SER D 249 -25.74 -10.55 26.77
CA SER D 249 -25.63 -9.23 27.34
C SER D 249 -24.16 -8.82 27.44
N THR D 250 -23.93 -7.52 27.53
CA THR D 250 -22.68 -6.87 27.92
C THR D 250 -22.16 -7.35 29.25
N TYR D 251 -23.01 -7.83 30.17
CA TYR D 251 -22.52 -8.38 31.42
C TYR D 251 -21.66 -9.64 31.21
N ARG D 252 -21.88 -10.39 30.13
CA ARG D 252 -21.22 -11.65 29.84
C ARG D 252 -19.86 -11.47 29.15
N VAL D 253 -19.57 -10.31 28.58
CA VAL D 253 -18.34 -10.05 27.79
C VAL D 253 -17.06 -10.04 28.63
N PRO D 254 -16.98 -9.38 29.80
CA PRO D 254 -15.85 -9.57 30.71
C PRO D 254 -15.64 -11.03 31.16
N VAL D 255 -16.72 -11.73 31.48
CA VAL D 255 -16.73 -13.11 31.95
C VAL D 255 -16.15 -14.07 30.90
N LEU D 256 -16.56 -13.86 29.65
CA LEU D 256 -16.02 -14.54 28.47
C LEU D 256 -14.50 -14.32 28.31
N LEU D 257 -14.01 -13.11 28.53
CA LEU D 257 -12.60 -12.77 28.42
C LEU D 257 -11.74 -13.43 29.50
N GLU D 258 -12.24 -13.61 30.74
CA GLU D 258 -11.58 -14.47 31.74
C GLU D 258 -11.45 -15.92 31.25
N GLU D 259 -12.50 -16.43 30.61
CA GLU D 259 -12.58 -17.74 29.98
C GLU D 259 -11.76 -17.85 28.66
N GLN D 260 -11.07 -16.77 28.27
CA GLN D 260 -10.04 -16.72 27.24
C GLN D 260 -8.67 -16.36 27.85
N SER D 261 -8.60 -16.19 29.18
CA SER D 261 -7.40 -16.05 30.01
C SER D 261 -6.58 -14.76 29.80
N ILE D 262 -7.21 -13.67 29.40
CA ILE D 262 -6.54 -12.40 29.05
C ILE D 262 -5.71 -11.80 30.18
N VAL D 263 -6.08 -12.05 31.42
CA VAL D 263 -5.37 -11.60 32.61
C VAL D 263 -3.95 -12.19 32.70
N LYS D 264 -3.79 -13.45 32.26
CA LYS D 264 -2.49 -14.11 32.20
C LYS D 264 -1.59 -13.44 31.14
N TYR D 265 -2.20 -13.07 30.02
CA TYR D 265 -1.53 -12.34 28.96
C TYR D 265 -1.11 -10.95 29.43
N PHE D 266 -2.02 -10.19 30.03
CA PHE D 266 -1.71 -8.85 30.52
C PHE D 266 -0.73 -8.86 31.69
N LYS D 267 -0.78 -9.85 32.58
CA LYS D 267 0.20 -10.05 33.64
C LYS D 267 1.62 -10.25 33.09
N GLU D 268 1.75 -11.17 32.12
CA GLU D 268 3.02 -11.50 31.48
C GLU D 268 3.57 -10.33 30.65
N ARG D 269 2.73 -9.73 29.80
CA ARG D 269 3.10 -8.70 28.85
C ARG D 269 3.32 -7.34 29.53
N LEU D 270 2.32 -6.82 30.23
CA LEU D 270 2.39 -5.50 30.83
C LEU D 270 3.03 -5.50 32.22
N HIS D 271 3.49 -6.67 32.71
CA HIS D 271 4.23 -6.85 33.97
C HIS D 271 3.41 -6.38 35.19
N LEU D 272 2.11 -6.71 35.17
CA LEU D 272 1.13 -6.17 36.11
C LEU D 272 1.18 -6.91 37.46
N PRO D 273 1.12 -6.17 38.59
CA PRO D 273 1.14 -6.75 39.95
C PRO D 273 -0.21 -7.40 40.34
N ILE D 274 -0.59 -8.46 39.63
CA ILE D 274 -1.94 -9.06 39.68
C ILE D 274 -1.80 -10.58 39.76
N LEU D 282 -14.37 -11.65 39.10
CA LEU D 282 -15.34 -10.62 38.65
C LEU D 282 -16.57 -10.62 39.61
N PHE D 283 -17.19 -11.82 39.74
CA PHE D 283 -18.39 -12.17 40.48
C PHE D 283 -19.66 -11.43 40.01
N LYS D 284 -19.67 -10.11 40.15
CA LYS D 284 -20.79 -9.22 39.86
C LYS D 284 -21.24 -9.32 38.40
N TRP D 285 -20.30 -9.28 37.48
CA TRP D 285 -20.56 -9.44 36.05
C TRP D 285 -21.11 -10.82 35.73
N ARG D 286 -20.66 -11.89 36.40
CA ARG D 286 -21.27 -13.20 36.28
C ARG D 286 -22.72 -13.19 36.78
N ASN D 287 -22.92 -12.67 38.00
CA ASN D 287 -24.22 -12.57 38.68
C ASN D 287 -25.24 -11.81 37.82
N MET D 288 -24.87 -10.62 37.33
CA MET D 288 -25.70 -9.80 36.45
C MET D 288 -26.02 -10.47 35.12
N ALA D 289 -25.05 -11.17 34.51
CA ALA D 289 -25.27 -11.97 33.30
C ALA D 289 -26.24 -13.13 33.55
N ASP D 290 -25.98 -13.91 34.61
CA ASP D 290 -26.82 -15.04 35.06
C ASP D 290 -28.24 -14.60 35.39
N ARG D 291 -28.41 -13.47 36.09
CA ARG D 291 -29.72 -12.85 36.32
C ARG D 291 -30.41 -12.46 35.02
N TYR D 292 -29.69 -11.77 34.12
CA TYR D 292 -30.26 -11.21 32.89
C TYR D 292 -30.89 -12.30 32.00
N GLU D 293 -30.21 -13.44 31.91
CA GLU D 293 -30.65 -14.64 31.21
C GLU D 293 -31.87 -15.34 31.83
N ARG D 294 -32.29 -14.94 33.04
CA ARG D 294 -33.42 -15.50 33.78
C ARG D 294 -34.56 -14.49 34.02
N LEU D 295 -34.49 -13.29 33.42
CA LEU D 295 -35.54 -12.28 33.56
C LEU D 295 -36.83 -12.70 32.83
N GLN D 296 -37.89 -12.93 33.61
CA GLN D 296 -39.17 -13.45 33.11
C GLN D 296 -40.33 -12.45 33.26
N LYS D 297 -40.35 -11.70 34.36
CA LYS D 297 -41.41 -10.74 34.68
C LYS D 297 -41.28 -9.49 33.81
N ILE D 298 -42.15 -9.33 32.82
CA ILE D 298 -42.12 -8.20 31.89
C ILE D 298 -42.67 -6.91 32.54
N CYS D 299 -41.90 -5.84 32.44
CA CYS D 299 -42.32 -4.46 32.67
C CYS D 299 -42.30 -3.78 31.30
N SER D 300 -43.48 -3.51 30.73
CA SER D 300 -43.63 -2.87 29.43
C SER D 300 -43.72 -1.35 29.58
N ILE D 301 -42.66 -0.65 29.16
CA ILE D 301 -42.54 0.81 29.25
C ILE D 301 -42.52 1.41 27.84
N ALA D 302 -43.31 2.47 27.66
CA ALA D 302 -43.44 3.21 26.42
C ALA D 302 -42.45 4.37 26.42
N LEU D 303 -41.45 4.32 25.52
CA LEU D 303 -40.56 5.44 25.26
C LEU D 303 -41.15 6.23 24.09
N VAL D 304 -41.55 7.47 24.37
CA VAL D 304 -42.28 8.34 23.45
C VAL D 304 -41.25 9.30 22.89
N ASP D 312 -29.99 4.11 18.90
CA ASP D 312 -28.98 4.53 19.90
C ASP D 312 -29.13 6.03 20.30
N CYS D 313 -30.17 6.69 19.78
CA CYS D 313 -30.61 8.06 20.06
C CYS D 313 -30.94 8.28 21.56
N TYR D 314 -31.26 7.18 22.26
CA TYR D 314 -31.64 7.12 23.65
C TYR D 314 -30.92 5.94 24.33
N ALA D 315 -29.66 5.67 23.99
CA ALA D 315 -28.88 4.55 24.54
C ALA D 315 -28.65 4.62 26.06
N SER D 316 -28.39 5.77 26.66
CA SER D 316 -28.26 5.86 28.13
C SER D 316 -29.60 5.65 28.81
N VAL D 317 -30.71 6.04 28.19
CA VAL D 317 -32.08 5.89 28.67
C VAL D 317 -32.45 4.40 28.76
N PHE D 318 -32.20 3.66 27.67
CA PHE D 318 -32.40 2.23 27.59
C PHE D 318 -31.54 1.45 28.60
N LYS D 319 -30.26 1.80 28.72
CA LYS D 319 -29.34 1.22 29.69
C LYS D 319 -29.76 1.52 31.13
N ALA D 320 -30.21 2.72 31.43
CA ALA D 320 -30.74 3.13 32.73
C ALA D 320 -31.98 2.36 33.17
N LEU D 321 -32.89 2.10 32.21
CA LEU D 321 -34.05 1.24 32.40
C LEU D 321 -33.63 -0.22 32.63
N GLU D 322 -32.68 -0.75 31.85
CA GLU D 322 -32.17 -2.11 32.01
C GLU D 322 -31.45 -2.35 33.34
N HIS D 323 -30.67 -1.38 33.83
CA HIS D 323 -30.07 -1.38 35.17
C HIS D 323 -31.13 -1.45 36.25
N SER D 324 -32.20 -0.69 36.10
CA SER D 324 -33.34 -0.65 36.99
C SER D 324 -34.13 -1.97 36.98
N ALA D 325 -34.40 -2.49 35.78
CA ALA D 325 -35.07 -3.75 35.53
C ALA D 325 -34.36 -4.93 36.17
N LEU D 326 -33.06 -5.02 35.94
CA LEU D 326 -32.17 -6.03 36.50
C LEU D 326 -32.17 -6.01 38.05
N ALA D 327 -32.13 -4.81 38.63
CA ALA D 327 -32.13 -4.62 40.08
C ALA D 327 -33.43 -5.08 40.76
N ILE D 328 -34.56 -4.96 40.07
CA ILE D 328 -35.86 -5.43 40.53
C ILE D 328 -36.24 -6.81 39.96
N ASN D 329 -35.28 -7.49 39.31
CA ASN D 329 -35.40 -8.82 38.68
C ASN D 329 -36.56 -8.94 37.67
N HIS D 330 -36.80 -7.87 36.91
CA HIS D 330 -37.77 -7.83 35.83
C HIS D 330 -37.06 -7.71 34.48
N LYS D 331 -37.74 -8.15 33.42
CA LYS D 331 -37.38 -7.89 32.04
C LYS D 331 -38.01 -6.56 31.63
N LEU D 332 -37.21 -5.67 31.06
CA LEU D 332 -37.71 -4.48 30.39
C LEU D 332 -38.20 -4.89 28.99
N ASN D 333 -39.42 -4.48 28.64
CA ASN D 333 -39.89 -4.43 27.27
C ASN D 333 -40.05 -2.93 26.95
N LEU D 334 -38.97 -2.34 26.43
CA LEU D 334 -38.98 -0.94 26.00
C LEU D 334 -39.53 -0.90 24.58
N MET D 335 -40.78 -0.45 24.46
CA MET D 335 -41.43 -0.26 23.17
C MET D 335 -41.34 1.23 22.84
N TYR D 336 -40.71 1.50 21.70
CA TYR D 336 -40.41 2.84 21.23
C TYR D 336 -41.57 3.29 20.34
N ILE D 337 -42.08 4.48 20.61
CA ILE D 337 -43.22 5.09 19.94
C ILE D 337 -42.77 6.48 19.48
N ASP D 338 -43.00 6.82 18.20
CA ASP D 338 -42.79 8.17 17.71
C ASP D 338 -44.02 9.01 18.07
N SER D 339 -43.79 10.23 18.56
CA SER D 339 -44.85 11.15 18.94
C SER D 339 -45.77 11.56 17.77
N ILE D 340 -45.22 11.56 16.55
CA ILE D 340 -45.95 11.76 15.30
C ILE D 340 -46.92 10.61 14.94
N ASP D 341 -46.68 9.41 15.49
CA ASP D 341 -47.60 8.27 15.34
C ASP D 341 -48.84 8.48 16.20
N LEU D 342 -48.65 8.96 17.44
CA LEU D 342 -49.74 9.26 18.37
C LEU D 342 -50.55 10.49 17.94
N GLU D 343 -49.91 11.43 17.23
CA GLU D 343 -50.47 12.67 16.74
C GLU D 343 -51.65 12.43 15.77
N LYS D 344 -52.54 13.43 15.66
CA LYS D 344 -53.75 13.40 14.85
C LYS D 344 -53.53 13.14 13.34
N ILE D 345 -52.30 13.36 12.86
CA ILE D 345 -51.83 13.10 11.50
C ILE D 345 -51.54 11.61 11.43
N PRO D 351 -52.83 6.72 9.56
CA PRO D 351 -53.61 6.37 10.77
C PRO D 351 -53.48 4.88 11.20
N VAL D 352 -52.76 4.06 10.43
CA VAL D 352 -52.40 2.69 10.79
C VAL D 352 -51.45 2.69 12.00
N LYS D 353 -50.41 3.55 11.94
CA LYS D 353 -49.43 3.71 13.01
C LYS D 353 -50.01 4.34 14.29
N PHE D 354 -51.12 5.07 14.18
CA PHE D 354 -51.88 5.58 15.32
C PHE D 354 -52.42 4.43 16.18
N HIS D 355 -52.99 3.43 15.51
CA HIS D 355 -53.57 2.24 16.14
C HIS D 355 -52.51 1.19 16.55
N GLU D 356 -51.26 1.36 16.11
CA GLU D 356 -50.09 0.70 16.66
C GLU D 356 -49.63 1.43 17.93
N ALA D 357 -49.38 2.74 17.80
CA ALA D 357 -48.82 3.61 18.83
C ALA D 357 -49.68 3.72 20.09
N TRP D 358 -50.97 4.02 19.92
CA TRP D 358 -51.91 4.09 21.03
C TRP D 358 -52.19 2.72 21.67
N GLN D 359 -52.05 1.64 20.90
CA GLN D 359 -52.15 0.27 21.41
C GLN D 359 -50.96 -0.07 22.31
N LYS D 360 -49.72 0.30 21.90
CA LYS D 360 -48.53 0.27 22.75
C LYS D 360 -48.72 1.12 24.02
N LEU D 361 -49.26 2.34 23.87
CA LEU D 361 -49.55 3.25 24.98
C LEU D 361 -50.63 2.75 25.95
N CYS D 362 -51.51 1.83 25.50
CA CYS D 362 -52.48 1.15 26.36
C CYS D 362 -51.82 0.11 27.27
N LYS D 363 -50.87 -0.68 26.75
CA LYS D 363 -50.13 -1.69 27.51
C LYS D 363 -48.86 -1.13 28.18
N ALA D 364 -48.75 0.20 28.25
CA ALA D 364 -47.67 0.89 28.91
C ALA D 364 -47.91 0.88 30.43
N ASP D 365 -47.06 0.13 31.13
CA ASP D 365 -46.98 0.11 32.60
C ASP D 365 -46.32 1.39 33.12
N GLY D 366 -45.48 2.02 32.29
CA GLY D 366 -44.91 3.34 32.54
C GLY D 366 -44.79 4.04 31.19
N ILE D 367 -44.93 5.37 31.20
CA ILE D 367 -44.65 6.26 30.07
C ILE D 367 -43.33 6.98 30.38
N LEU D 368 -42.45 7.02 29.39
CA LEU D 368 -41.18 7.72 29.43
C LEU D 368 -41.20 8.73 28.28
N VAL D 369 -41.10 10.02 28.62
CA VAL D 369 -40.94 11.10 27.64
C VAL D 369 -39.53 11.68 27.83
N PRO D 370 -38.56 11.23 27.01
CA PRO D 370 -37.19 11.74 27.08
C PRO D 370 -37.03 13.10 26.39
N GLY D 371 -35.79 13.59 26.40
CA GLY D 371 -35.42 14.90 25.88
C GLY D 371 -35.43 14.95 24.35
N GLY D 372 -35.25 16.15 23.83
CA GLY D 372 -35.05 16.44 22.41
C GLY D 372 -34.90 17.94 22.19
N PHE D 373 -34.70 18.33 20.95
CA PHE D 373 -34.54 19.72 20.51
C PHE D 373 -35.22 19.93 19.14
N LEU D 379 -44.65 15.89 19.24
CA LEU D 379 -45.89 16.65 19.62
C LEU D 379 -46.82 15.76 20.49
N GLY D 380 -47.08 14.53 20.04
CA GLY D 380 -47.84 13.50 20.75
C GLY D 380 -47.24 13.09 22.11
N LYS D 381 -46.05 13.61 22.46
CA LYS D 381 -45.51 13.63 23.82
C LYS D 381 -46.51 14.24 24.82
N LEU D 382 -47.17 15.34 24.41
CA LEU D 382 -48.17 16.05 25.21
C LEU D 382 -49.44 15.21 25.44
N GLN D 383 -49.81 14.41 24.42
CA GLN D 383 -50.92 13.48 24.52
C GLN D 383 -50.59 12.29 25.45
N ALA D 384 -49.36 11.77 25.35
CA ALA D 384 -48.85 10.70 26.21
C ALA D 384 -48.72 11.15 27.68
N ILE D 385 -48.29 12.39 27.90
CA ILE D 385 -48.31 13.08 29.18
C ILE D 385 -49.74 13.18 29.75
N SER D 386 -50.69 13.63 28.93
CA SER D 386 -52.11 13.73 29.29
C SER D 386 -52.71 12.38 29.68
N TRP D 387 -52.42 11.35 28.87
CA TRP D 387 -52.79 9.95 29.06
C TRP D 387 -52.29 9.43 30.41
N ALA D 388 -50.99 9.54 30.65
CA ALA D 388 -50.32 9.12 31.88
C ALA D 388 -50.82 9.87 33.12
N ARG D 389 -51.04 11.18 32.98
CA ARG D 389 -51.56 12.07 34.02
C ARG D 389 -53.00 11.68 34.42
N THR D 390 -53.86 11.49 33.42
CA THR D 390 -55.28 11.24 33.62
C THR D 390 -55.58 9.80 34.10
N LYS D 391 -54.96 8.80 33.45
CA LYS D 391 -55.16 7.39 33.76
C LYS D 391 -54.34 6.93 34.98
N LYS D 392 -53.48 7.82 35.50
CA LYS D 392 -52.59 7.62 36.63
C LYS D 392 -51.55 6.50 36.42
N ILE D 393 -51.08 6.38 35.18
CA ILE D 393 -50.00 5.48 34.80
C ILE D 393 -48.66 6.19 35.10
N PRO D 394 -47.71 5.51 35.79
CA PRO D 394 -46.34 6.00 36.04
C PRO D 394 -45.66 6.76 34.90
N PHE D 395 -45.10 7.93 35.23
CA PHE D 395 -44.49 8.85 34.28
C PHE D 395 -43.12 9.33 34.74
N LEU D 396 -42.16 9.31 33.81
CA LEU D 396 -40.88 9.98 33.95
C LEU D 396 -40.70 10.89 32.73
N GLY D 397 -40.60 12.19 32.99
CA GLY D 397 -40.29 13.21 32.00
C GLY D 397 -38.85 13.65 32.23
N VAL D 398 -38.04 13.68 31.16
CA VAL D 398 -36.66 14.14 31.24
C VAL D 398 -36.48 15.33 30.30
N CYS D 399 -35.96 16.43 30.83
CA CYS D 399 -35.65 17.68 30.15
C CYS D 399 -36.90 18.25 29.45
N LEU D 400 -37.04 18.07 28.14
CA LEU D 400 -38.24 18.44 27.41
C LEU D 400 -39.51 17.76 27.96
N GLY D 401 -39.44 16.54 28.48
CA GLY D 401 -40.57 15.86 29.10
C GLY D 401 -41.01 16.51 30.42
N MET D 402 -40.15 17.27 31.13
CA MET D 402 -40.54 18.14 32.28
C MET D 402 -41.22 19.40 31.78
N GLN D 403 -40.65 20.02 30.76
CA GLN D 403 -41.14 21.29 30.24
C GLN D 403 -42.52 21.09 29.60
N LEU D 404 -42.70 20.06 28.76
CA LEU D 404 -43.99 19.69 28.21
C LEU D 404 -45.01 19.28 29.30
N ALA D 405 -44.54 18.71 30.42
CA ALA D 405 -45.41 18.31 31.53
C ALA D 405 -46.01 19.52 32.26
N VAL D 406 -45.17 20.54 32.51
CA VAL D 406 -45.54 21.85 33.08
C VAL D 406 -46.58 22.53 32.20
N ILE D 407 -46.30 22.60 30.90
CA ILE D 407 -47.14 23.12 29.82
C ILE D 407 -48.51 22.42 29.75
N GLU D 408 -48.52 21.09 29.73
CA GLU D 408 -49.74 20.32 29.59
C GLU D 408 -50.56 20.27 30.88
N PHE D 409 -49.90 20.41 32.05
CA PHE D 409 -50.58 20.62 33.33
C PHE D 409 -51.33 21.97 33.30
N ALA D 410 -50.70 23.04 32.79
CA ALA D 410 -51.29 24.37 32.67
C ALA D 410 -52.52 24.40 31.74
N ARG D 411 -52.47 23.61 30.65
CA ARG D 411 -53.57 23.42 29.72
C ARG D 411 -54.76 22.62 30.30
N ASN D 412 -54.57 21.94 31.45
CA ASN D 412 -55.55 21.02 32.03
C ASN D 412 -55.58 21.36 33.51
N MET D 448 -25.91 27.42 27.01
CA MET D 448 -26.49 26.34 27.51
C MET D 448 -26.08 25.91 28.92
N ARG D 449 -27.04 25.41 29.70
CA ARG D 449 -26.78 24.80 31.01
C ARG D 449 -26.30 23.37 30.77
N LEU D 450 -24.99 23.17 30.87
CA LEU D 450 -24.29 21.99 30.34
C LEU D 450 -23.31 21.38 31.35
N GLY D 451 -23.41 20.09 31.61
CA GLY D 451 -22.57 19.35 32.56
C GLY D 451 -23.15 19.25 33.96
N ILE D 452 -22.34 18.90 34.95
CA ILE D 452 -22.79 18.68 36.32
C ILE D 452 -23.22 19.98 37.01
N ARG D 453 -24.36 19.98 37.70
CA ARG D 453 -24.88 21.09 38.51
C ARG D 453 -25.53 20.53 39.77
N ARG D 454 -25.52 21.30 40.86
CA ARG D 454 -26.19 20.95 42.11
C ARG D 454 -27.67 21.35 42.06
N THR D 455 -28.56 20.39 42.29
CA THR D 455 -30.01 20.61 42.44
C THR D 455 -30.40 20.39 43.90
N VAL D 456 -31.04 21.38 44.52
CA VAL D 456 -31.44 21.41 45.91
C VAL D 456 -32.92 21.01 45.99
N PHE D 457 -33.26 20.05 46.85
CA PHE D 457 -34.64 19.68 47.12
C PHE D 457 -35.29 20.71 48.05
N LYS D 458 -36.46 21.22 47.66
CA LYS D 458 -37.22 22.26 48.37
C LYS D 458 -37.99 21.72 49.59
N THR D 459 -38.02 20.40 49.78
CA THR D 459 -38.78 19.73 50.81
C THR D 459 -38.19 18.33 51.03
N GLU D 460 -38.54 17.72 52.16
CA GLU D 460 -38.32 16.31 52.45
C GLU D 460 -39.45 15.44 51.86
N ASN D 461 -40.62 16.06 51.61
CA ASN D 461 -41.79 15.43 51.02
C ASN D 461 -41.63 15.35 49.49
N SER D 462 -40.68 14.52 49.06
CA SER D 462 -40.32 14.28 47.67
C SER D 462 -40.08 12.79 47.53
N ILE D 463 -40.74 12.16 46.55
CA ILE D 463 -40.51 10.75 46.23
C ILE D 463 -39.10 10.51 45.66
N LEU D 464 -38.64 11.41 44.76
CA LEU D 464 -37.29 11.33 44.22
C LEU D 464 -36.22 11.48 45.31
N ARG D 465 -36.44 12.36 46.29
CA ARG D 465 -35.54 12.49 47.43
C ARG D 465 -35.40 11.20 48.25
N LYS D 466 -36.47 10.42 48.41
CA LYS D 466 -36.39 9.12 49.07
C LYS D 466 -35.57 8.11 48.25
N LEU D 467 -35.83 8.06 46.93
CA LEU D 467 -35.11 7.21 45.98
C LEU D 467 -33.61 7.56 45.91
N TYR D 468 -33.24 8.85 45.95
CA TYR D 468 -31.85 9.30 46.05
C TYR D 468 -31.25 9.18 47.45
N GLY D 469 -31.99 8.71 48.47
CA GLY D 469 -31.39 8.36 49.75
C GLY D 469 -31.51 9.46 50.81
N ASP D 470 -32.56 10.29 50.73
CA ASP D 470 -32.96 11.31 51.73
C ASP D 470 -32.11 12.59 51.75
N VAL D 471 -31.08 12.63 50.91
CA VAL D 471 -30.13 13.74 50.74
C VAL D 471 -30.81 15.10 50.40
N PRO D 472 -30.29 16.22 50.93
CA PRO D 472 -30.90 17.55 50.72
C PRO D 472 -30.69 18.13 49.32
N PHE D 473 -29.62 17.68 48.64
CA PHE D 473 -29.30 18.04 47.28
C PHE D 473 -28.72 16.80 46.59
N ILE D 474 -28.73 16.84 45.26
CA ILE D 474 -28.10 15.91 44.33
C ILE D 474 -27.25 16.68 43.32
N GLU D 475 -26.24 16.05 42.77
CA GLU D 475 -25.44 16.60 41.67
C GLU D 475 -25.62 15.70 40.45
N GLU D 476 -26.28 16.20 39.41
CA GLU D 476 -26.63 15.46 38.18
C GLU D 476 -26.26 16.27 36.93
N ARG D 477 -26.33 15.68 35.73
CA ARG D 477 -25.85 16.31 34.51
C ARG D 477 -26.94 16.94 33.68
N HIS D 478 -26.69 18.15 33.25
CA HIS D 478 -27.65 19.01 32.56
C HIS D 478 -27.22 19.26 31.12
N ARG D 479 -28.17 19.52 30.24
CA ARG D 479 -27.97 19.91 28.83
C ARG D 479 -29.21 20.57 28.26
N HIS D 480 -29.53 21.78 28.71
CA HIS D 480 -30.75 22.49 28.28
C HIS D 480 -30.54 24.01 28.15
N ARG D 481 -31.20 24.63 27.17
CA ARG D 481 -31.22 26.11 26.98
C ARG D 481 -32.47 26.79 27.55
N PHE D 482 -33.54 26.06 27.80
CA PHE D 482 -34.85 26.54 28.26
C PHE D 482 -35.17 26.01 29.65
N GLU D 483 -35.90 26.81 30.44
CA GLU D 483 -36.27 26.57 31.84
C GLU D 483 -37.64 27.23 32.17
N VAL D 484 -38.23 26.85 33.30
CA VAL D 484 -39.53 27.36 33.76
C VAL D 484 -39.48 28.82 34.25
N ASN D 485 -40.49 29.63 33.91
CA ASN D 485 -40.53 31.07 34.25
C ASN D 485 -40.75 31.30 35.77
N PRO D 486 -39.80 31.92 36.51
CA PRO D 486 -39.87 32.08 37.97
C PRO D 486 -41.11 32.84 38.49
N ASN D 487 -41.68 33.73 37.68
CA ASN D 487 -42.86 34.53 38.05
C ASN D 487 -44.14 33.67 38.06
N LEU D 488 -44.24 32.69 37.14
CA LEU D 488 -45.44 31.88 36.90
C LEU D 488 -45.54 30.65 37.82
N ILE D 489 -44.50 30.29 38.58
CA ILE D 489 -44.50 29.08 39.43
C ILE D 489 -45.65 29.09 40.45
N LYS D 490 -46.02 30.28 40.91
CA LYS D 490 -47.12 30.51 41.85
C LYS D 490 -48.52 30.16 41.31
N GLN D 491 -48.68 29.99 39.99
CA GLN D 491 -49.88 29.37 39.43
C GLN D 491 -50.06 27.86 39.78
N PHE D 492 -48.98 27.13 40.12
CA PHE D 492 -48.94 25.66 40.10
C PHE D 492 -48.85 24.97 41.48
N GLU D 493 -48.04 25.58 42.31
CA GLU D 493 -47.83 25.41 43.76
C GLU D 493 -49.15 25.41 44.57
N GLN D 494 -50.13 26.18 44.07
CA GLN D 494 -51.51 26.20 44.56
C GLN D 494 -52.28 24.88 44.32
N ASN D 495 -51.83 24.09 43.34
CA ASN D 495 -52.50 22.93 42.78
C ASN D 495 -51.59 21.70 42.91
N ASP D 496 -51.92 20.64 42.15
CA ASP D 496 -51.38 19.30 42.28
C ASP D 496 -49.91 19.13 41.83
N LEU D 497 -49.42 20.02 40.97
CA LEU D 497 -48.06 19.98 40.42
C LEU D 497 -47.12 20.78 41.33
N SER D 498 -46.41 20.07 42.20
CA SER D 498 -45.39 20.68 43.03
C SER D 498 -44.08 20.80 42.23
N PHE D 499 -43.41 21.94 42.38
CA PHE D 499 -42.01 22.13 41.98
C PHE D 499 -41.16 21.85 43.19
N VAL D 500 -40.32 20.84 43.10
CA VAL D 500 -39.76 20.13 44.24
C VAL D 500 -38.24 20.27 44.31
N GLY D 501 -37.58 20.43 43.17
CA GLY D 501 -36.13 20.61 43.09
C GLY D 501 -35.91 21.94 42.39
N GLN D 502 -34.89 22.68 42.83
CA GLN D 502 -34.44 23.92 42.23
C GLN D 502 -32.91 23.92 42.18
N ASP D 503 -32.35 24.85 41.40
CA ASP D 503 -30.93 25.18 41.49
C ASP D 503 -30.64 25.98 42.78
N VAL D 504 -29.36 26.11 43.09
CA VAL D 504 -28.85 26.92 44.20
C VAL D 504 -29.19 28.43 44.03
N ASP D 505 -29.34 28.90 42.79
CA ASP D 505 -29.74 30.26 42.44
C ASP D 505 -31.21 30.56 42.78
N GLY D 506 -32.04 29.52 42.86
CA GLY D 506 -33.48 29.59 43.13
C GLY D 506 -34.30 30.10 41.96
N ASP D 507 -33.68 30.30 40.80
CA ASP D 507 -34.36 30.75 39.60
C ASP D 507 -35.02 29.59 38.86
N ARG D 508 -34.30 28.50 38.63
CA ARG D 508 -34.82 27.38 37.86
C ARG D 508 -35.37 26.36 38.81
N MET D 509 -36.63 26.03 38.61
CA MET D 509 -37.14 24.76 39.09
C MET D 509 -36.60 23.67 38.15
N GLU D 510 -36.08 22.61 38.73
CA GLU D 510 -35.36 21.54 38.05
C GLU D 510 -35.95 20.15 38.30
N ILE D 511 -36.89 20.03 39.22
CA ILE D 511 -37.68 18.82 39.41
C ILE D 511 -39.13 19.22 39.71
N ILE D 512 -40.08 18.52 39.10
CA ILE D 512 -41.51 18.52 39.42
C ILE D 512 -41.99 17.15 39.88
N GLU D 513 -42.96 17.13 40.77
CA GLU D 513 -43.71 15.93 41.13
C GLU D 513 -45.20 16.30 41.19
N LEU D 514 -46.03 15.51 40.51
CA LEU D 514 -47.48 15.60 40.61
C LEU D 514 -47.94 14.73 41.79
N ALA D 515 -48.55 15.37 42.79
CA ALA D 515 -48.82 14.77 44.10
C ALA D 515 -49.92 13.71 44.10
N ASN D 516 -50.99 13.94 43.32
CA ASN D 516 -52.19 13.10 43.30
C ASN D 516 -52.08 12.03 42.21
N HIS D 517 -50.96 11.29 42.21
CA HIS D 517 -50.58 10.32 41.18
C HIS D 517 -49.54 9.38 41.83
N PRO D 518 -49.57 8.06 41.51
CA PRO D 518 -48.55 7.09 41.96
C PRO D 518 -47.08 7.48 41.77
N TYR D 519 -46.75 8.06 40.60
CA TYR D 519 -45.39 8.43 40.23
C TYR D 519 -45.47 9.22 38.92
N PHE D 520 -45.54 10.54 38.98
CA PHE D 520 -45.44 11.41 37.82
C PHE D 520 -44.41 12.45 38.22
N VAL D 521 -43.18 12.24 37.74
CA VAL D 521 -42.05 13.10 38.04
C VAL D 521 -41.51 13.65 36.72
N GLY D 522 -40.96 14.86 36.79
CA GLY D 522 -40.26 15.50 35.71
C GLY D 522 -38.94 15.98 36.30
N VAL D 523 -37.85 15.82 35.56
CA VAL D 523 -36.52 16.31 35.92
C VAL D 523 -35.92 17.07 34.71
N GLN D 524 -35.20 18.17 34.97
CA GLN D 524 -34.47 18.94 33.97
C GLN D 524 -33.13 18.31 33.58
N PHE D 525 -32.44 17.69 34.52
CA PHE D 525 -31.22 16.94 34.28
C PHE D 525 -31.48 15.63 33.54
N HIS D 526 -30.43 15.07 32.96
CA HIS D 526 -30.38 13.71 32.43
C HIS D 526 -29.74 12.77 33.47
N PRO D 527 -30.52 12.09 34.32
CA PRO D 527 -29.97 11.16 35.30
C PRO D 527 -29.56 9.83 34.66
N GLU D 528 -29.82 9.63 33.37
CA GLU D 528 -29.30 8.50 32.61
C GLU D 528 -27.78 8.42 32.65
N PHE D 529 -27.08 9.55 32.51
CA PHE D 529 -25.62 9.59 32.37
C PHE D 529 -24.89 9.19 33.66
N SER D 530 -25.61 9.26 34.77
CA SER D 530 -25.20 8.84 36.10
C SER D 530 -25.48 7.34 36.35
N SER D 531 -26.34 6.69 35.56
CA SER D 531 -26.70 5.28 35.73
C SER D 531 -25.50 4.36 35.50
N ARG D 532 -25.33 3.36 36.39
CA ARG D 532 -24.32 2.29 36.26
C ARG D 532 -24.94 0.99 36.80
N PRO D 533 -24.52 -0.22 36.37
CA PRO D 533 -25.17 -1.47 36.79
C PRO D 533 -25.25 -1.66 38.30
N MET D 534 -24.21 -1.23 39.02
CA MET D 534 -24.10 -1.31 40.48
C MET D 534 -25.01 -0.30 41.23
N LYS D 535 -25.47 0.77 40.58
CA LYS D 535 -26.25 1.89 41.14
C LYS D 535 -27.23 2.46 40.10
N PRO D 536 -28.39 1.82 39.91
CA PRO D 536 -29.49 2.31 39.06
C PRO D 536 -29.86 3.77 39.35
N SER D 537 -30.14 4.50 38.27
CA SER D 537 -30.51 5.91 38.28
C SER D 537 -31.87 6.08 38.98
N PRO D 538 -31.96 6.75 40.14
CA PRO D 538 -33.16 6.72 40.95
C PRO D 538 -34.48 7.12 40.25
N PRO D 539 -34.53 8.12 39.36
CA PRO D 539 -35.72 8.43 38.58
C PRO D 539 -36.23 7.31 37.65
N TYR D 540 -35.33 6.48 37.15
CA TYR D 540 -35.60 5.32 36.30
C TYR D 540 -36.01 4.11 37.14
N LEU D 541 -35.36 3.94 38.30
CA LEU D 541 -35.67 2.90 39.27
C LEU D 541 -37.09 3.08 39.83
N GLY D 542 -37.45 4.32 40.17
CA GLY D 542 -38.78 4.72 40.60
C GLY D 542 -39.85 4.40 39.56
N LEU D 543 -39.57 4.60 38.27
CA LEU D 543 -40.48 4.30 37.17
C LEU D 543 -40.82 2.80 37.10
N LEU D 544 -39.79 1.94 37.13
CA LEU D 544 -39.99 0.49 37.10
C LEU D 544 -40.59 -0.06 38.39
N LEU D 545 -40.18 0.48 39.54
CA LEU D 545 -40.80 0.17 40.83
C LEU D 545 -42.29 0.54 40.87
N ALA D 546 -42.66 1.72 40.35
CA ALA D 546 -44.04 2.18 40.25
C ALA D 546 -44.87 1.32 39.29
N ALA D 547 -44.32 1.07 38.10
CA ALA D 547 -44.93 0.27 37.04
C ALA D 547 -45.20 -1.20 37.43
N THR D 548 -44.47 -1.72 38.42
CA THR D 548 -44.62 -3.07 38.93
C THR D 548 -45.26 -3.09 40.34
N GLY D 549 -45.61 -1.92 40.90
CA GLY D 549 -46.30 -1.77 42.19
C GLY D 549 -45.36 -1.91 43.41
N ASN D 550 -44.09 -2.25 43.20
CA ASN D 550 -43.06 -2.48 44.20
C ASN D 550 -42.53 -1.21 44.88
N LEU D 551 -42.92 -0.04 44.39
CA LEU D 551 -42.53 1.28 44.89
C LEU D 551 -42.77 1.47 46.39
N ASN D 552 -43.98 1.15 46.84
CA ASN D 552 -44.40 1.28 48.24
C ASN D 552 -43.77 0.22 49.15
N ALA D 553 -43.22 -0.86 48.59
CA ALA D 553 -42.42 -1.84 49.32
C ALA D 553 -40.96 -1.37 49.45
N TYR D 554 -40.42 -0.79 48.37
CA TYR D 554 -39.09 -0.19 48.33
C TYR D 554 -38.97 1.02 49.28
N LEU D 555 -39.96 1.92 49.20
CA LEU D 555 -40.09 3.09 50.07
C LEU D 555 -40.70 2.72 51.45
N GLN D 556 -40.20 1.63 52.04
CA GLN D 556 -40.68 1.03 53.28
C GLN D 556 -39.62 0.01 53.72
#